data_7KGU
#
_entry.id   7KGU
#
_cell.length_a   38.462
_cell.length_b   263.955
_cell.length_c   91.237
_cell.angle_alpha   90.000
_cell.angle_beta   99.530
_cell.angle_gamma   90.000
#
_symmetry.space_group_name_H-M   'P 1 21 1'
#
loop_
_entity.id
_entity.type
_entity.pdbx_description
1 polymer 'Light Chain, Fab fragment, IGG'
2 polymer 'Heavy Chain, Fab, IGG, Fab'
3 non-polymer DI(HYDROXYETHYL)ETHER
4 non-polymer 2-[BIS-(2-HYDROXY-ETHYL)-AMINO]-2-HYDROXYMETHYL-PROPANE-1,3-DIOL
5 non-polymer 'SULFATE ION'
6 non-polymer 'TETRAETHYLENE GLYCOL'
7 non-polymer 'CHLORIDE ION'
8 non-polymer 'POTASSIUM ION'
9 non-polymer GLYCINE
10 water water
#
loop_
_entity_poly.entity_id
_entity_poly.type
_entity_poly.pdbx_seq_one_letter_code
_entity_poly.pdbx_strand_id
1 'polypeptide(L)'
;DIQMTQSPSSLSASVGDRVTITCRASQDVNTAVAWYQQKPGKAPKLLIYSASFLYSGVPSRFSGSRSGTDFTLTISSLQP
EDFATYYCQQVYSSPFTFGQGTKVEIKRTVAAPSVFIFPPSDEQLKSGTASVVCLLNNFYPREAKVQWKVDNALQSGNSQ
ESVTEQDSKDSTYSLSSTLTLSKADYEKHKVYACEVTHQGLSSPVTKSFNRGEC
;
A,C,E,L
2 'polypeptide(L)'
;EVQLVESGGGLVQPGGSLRLSCAASGFNVKYYMMHWVRQAPGKGLEWVAAISPGYDYTYYADSVKGRFTISADTSKNTAY
LQMNSLRAEDTAVYYCSRSYWRYSVDVWGQGTLVTVSSASTKGPSVFPLAPSSKSTSGGTAALGCLVKDYFPEPVTVSWN
SGALTSGVHTFPAVLQSSGLYSLSSVVTVPSSSLGTQTYICNVNHKPSNTKVDKKVEP
;
B,D,F,H
#
# COMPACT_ATOMS: atom_id res chain seq x y z
N ASP A 1 0.91 -5.88 -36.68
CA ASP A 1 1.70 -6.60 -35.72
C ASP A 1 3.06 -6.89 -36.35
N ILE A 2 4.10 -6.57 -35.59
CA ILE A 2 5.53 -6.90 -35.89
C ILE A 2 5.75 -8.40 -35.68
N GLN A 3 6.37 -9.06 -36.69
CA GLN A 3 6.84 -10.47 -36.64
C GLN A 3 8.34 -10.46 -36.33
N MET A 4 8.77 -11.34 -35.45
CA MET A 4 10.21 -11.60 -35.21
C MET A 4 10.45 -12.97 -35.83
N THR A 5 11.14 -12.98 -36.98
CA THR A 5 11.46 -14.23 -37.71
C THR A 5 12.81 -14.72 -37.20
N GLN A 6 12.81 -15.85 -36.51
CA GLN A 6 14.02 -16.35 -35.84
C GLN A 6 14.61 -17.44 -36.71
N SER A 7 15.89 -17.34 -37.07
CA SER A 7 16.67 -18.40 -37.75
C SER A 7 17.83 -18.81 -36.85
N PRO A 8 18.29 -20.07 -36.88
CA PRO A 8 17.54 -21.18 -37.48
C PRO A 8 16.55 -21.73 -36.46
N SER A 9 15.64 -22.58 -36.88
CA SER A 9 14.69 -23.24 -35.95
C SER A 9 15.45 -24.25 -35.08
N SER A 10 16.50 -24.90 -35.56
CA SER A 10 17.27 -25.82 -34.68
C SER A 10 18.73 -25.84 -35.11
N LEU A 11 19.62 -26.20 -34.20
CA LEU A 11 21.05 -26.32 -34.55
C LEU A 11 21.72 -27.27 -33.54
N SER A 12 22.77 -27.94 -34.06
CA SER A 12 23.64 -28.86 -33.32
C SER A 12 25.09 -28.35 -33.41
N ALA A 13 25.72 -28.05 -32.27
CA ALA A 13 27.12 -27.56 -32.23
C ALA A 13 27.88 -28.23 -31.09
N SER A 14 29.15 -28.52 -31.33
CA SER A 14 30.09 -29.13 -30.37
C SER A 14 30.37 -28.11 -29.24
N VAL A 15 30.73 -28.61 -28.06
CA VAL A 15 31.19 -27.72 -26.97
C VAL A 15 32.43 -27.01 -27.52
N GLY A 16 32.58 -25.75 -27.17
CA GLY A 16 33.69 -24.91 -27.61
C GLY A 16 33.31 -24.06 -28.81
N ASP A 17 32.31 -24.44 -29.58
CA ASP A 17 31.96 -23.75 -30.85
C ASP A 17 31.29 -22.39 -30.61
N ARG A 18 31.44 -21.47 -31.55
CA ARG A 18 30.63 -20.25 -31.65
C ARG A 18 29.28 -20.63 -32.27
N VAL A 19 28.20 -20.07 -31.74
CA VAL A 19 26.80 -20.27 -32.23
C VAL A 19 26.19 -18.89 -32.50
N THR A 20 25.57 -18.73 -33.66
CA THR A 20 24.91 -17.47 -34.07
C THR A 20 23.42 -17.78 -34.32
N ILE A 21 22.54 -16.98 -33.71
CA ILE A 21 21.06 -17.14 -33.73
C ILE A 21 20.53 -15.77 -34.19
N THR A 22 19.59 -15.74 -35.13
CA THR A 22 19.16 -14.51 -35.85
C THR A 22 17.71 -14.21 -35.52
N CYS A 23 17.36 -12.94 -35.28
CA CYS A 23 15.97 -12.42 -35.28
C CYS A 23 15.88 -11.24 -36.27
N ARG A 24 14.99 -11.35 -37.25
CA ARG A 24 14.63 -10.25 -38.18
C ARG A 24 13.28 -9.64 -37.78
N ALA A 25 13.26 -8.40 -37.34
CA ALA A 25 12.00 -7.67 -37.06
C ALA A 25 11.43 -7.13 -38.38
N SER A 26 10.12 -7.31 -38.62
CA SER A 26 9.38 -6.88 -39.84
C SER A 26 9.25 -5.34 -39.92
N GLN A 27 9.67 -4.59 -38.89
CA GLN A 27 9.58 -3.10 -38.76
C GLN A 27 10.68 -2.67 -37.79
N ASP A 28 10.98 -1.38 -37.74
CA ASP A 28 11.94 -0.79 -36.75
C ASP A 28 11.39 -1.02 -35.33
N VAL A 29 12.24 -1.54 -34.44
CA VAL A 29 11.90 -1.86 -33.03
C VAL A 29 13.01 -1.28 -32.16
N ASN A 30 13.78 -0.38 -32.74
CA ASN A 30 14.96 0.26 -32.09
C ASN A 30 15.83 -0.87 -31.50
N THR A 31 16.21 -0.72 -30.23
CA THR A 31 16.97 -1.70 -29.42
C THR A 31 16.03 -2.48 -28.51
N ALA A 32 14.70 -2.32 -28.59
CA ALA A 32 13.78 -2.89 -27.56
C ALA A 32 13.53 -4.39 -27.81
N VAL A 33 14.62 -5.13 -27.94
CA VAL A 33 14.63 -6.57 -28.30
C VAL A 33 15.48 -7.27 -27.24
N ALA A 34 15.01 -8.39 -26.76
CA ALA A 34 15.73 -9.14 -25.73
C ALA A 34 15.78 -10.62 -26.16
N TRP A 35 16.71 -11.35 -25.55
CA TRP A 35 16.99 -12.79 -25.76
C TRP A 35 16.81 -13.53 -24.43
N TYR A 36 16.04 -14.62 -24.49
CA TYR A 36 15.74 -15.49 -23.34
C TYR A 36 16.24 -16.92 -23.62
N GLN A 37 16.75 -17.56 -22.57
CA GLN A 37 17.09 -18.99 -22.57
C GLN A 37 16.05 -19.77 -21.76
N GLN A 38 15.49 -20.85 -22.32
CA GLN A 38 14.48 -21.68 -21.62
C GLN A 38 14.93 -23.13 -21.63
N LYS A 39 15.30 -23.61 -20.47
CA LYS A 39 15.62 -25.03 -20.21
C LYS A 39 14.33 -25.80 -20.06
N PRO A 40 14.35 -27.13 -20.34
CA PRO A 40 13.17 -27.99 -20.19
C PRO A 40 12.57 -27.93 -18.76
N GLY A 41 11.25 -27.72 -18.70
CA GLY A 41 10.48 -27.69 -17.44
C GLY A 41 10.57 -26.36 -16.72
N LYS A 42 11.21 -25.36 -17.30
CA LYS A 42 11.57 -24.14 -16.55
C LYS A 42 10.98 -22.89 -17.23
N ALA A 43 11.00 -21.78 -16.52
CA ALA A 43 10.66 -20.47 -17.08
C ALA A 43 11.88 -19.94 -17.83
N PRO A 44 11.65 -19.07 -18.84
CA PRO A 44 12.76 -18.46 -19.55
C PRO A 44 13.59 -17.62 -18.58
N LYS A 45 14.89 -17.49 -18.82
CA LYS A 45 15.81 -16.55 -18.12
C LYS A 45 16.26 -15.46 -19.09
N LEU A 46 16.26 -14.20 -18.66
CA LEU A 46 16.75 -13.09 -19.50
C LEU A 46 18.27 -13.24 -19.58
N LEU A 47 18.81 -13.10 -20.80
CA LEU A 47 20.26 -13.23 -21.14
C LEU A 47 20.82 -11.87 -21.58
N ILE A 48 20.12 -11.24 -22.53
CA ILE A 48 20.57 -10.00 -23.21
C ILE A 48 19.39 -9.05 -23.20
N TYR A 49 19.53 -7.84 -22.64
CA TYR A 49 18.47 -6.80 -22.62
C TYR A 49 18.88 -5.61 -23.50
N SER A 50 17.84 -4.97 -24.05
CA SER A 50 17.98 -3.75 -24.90
C SER A 50 18.98 -4.06 -26.03
N ALA A 51 18.88 -5.26 -26.61
CA ALA A 51 19.50 -5.71 -27.89
C ALA A 51 20.97 -6.11 -27.72
N SER A 52 21.68 -5.60 -26.71
CA SER A 52 23.15 -5.77 -26.60
C SER A 52 23.67 -5.64 -25.16
N PHE A 53 22.84 -5.63 -24.13
CA PHE A 53 23.35 -5.47 -22.75
C PHE A 53 23.22 -6.83 -22.04
N LEU A 54 24.35 -7.37 -21.58
CA LEU A 54 24.38 -8.67 -20.85
C LEU A 54 23.74 -8.49 -19.46
N TYR A 55 22.70 -9.27 -19.18
CA TYR A 55 21.97 -9.27 -17.89
C TYR A 55 22.85 -9.92 -16.82
N SER A 56 22.68 -9.43 -15.58
CA SER A 56 23.42 -9.82 -14.34
C SER A 56 23.41 -11.35 -14.19
N GLY A 57 24.59 -11.91 -13.84
CA GLY A 57 24.82 -13.33 -13.48
C GLY A 57 24.90 -14.24 -14.69
N VAL A 58 24.72 -13.71 -15.89
CA VAL A 58 24.70 -14.52 -17.13
C VAL A 58 26.14 -14.59 -17.62
N PRO A 59 26.66 -15.78 -18.01
CA PRO A 59 28.04 -15.93 -18.47
C PRO A 59 28.38 -15.00 -19.64
N SER A 60 29.63 -14.52 -19.72
CA SER A 60 30.11 -13.57 -20.77
C SER A 60 30.17 -14.27 -22.14
N ARG A 61 30.02 -15.59 -22.19
CA ARG A 61 29.86 -16.35 -23.47
C ARG A 61 28.73 -15.76 -24.33
N PHE A 62 27.59 -15.44 -23.68
CA PHE A 62 26.38 -14.81 -24.28
C PHE A 62 26.68 -13.34 -24.60
N SER A 63 26.39 -12.94 -25.84
CA SER A 63 26.52 -11.56 -26.36
C SER A 63 25.35 -11.28 -27.31
N GLY A 64 25.03 -10.02 -27.52
CA GLY A 64 23.95 -9.59 -28.42
C GLY A 64 24.37 -8.37 -29.19
N SER A 65 24.06 -8.34 -30.49
CA SER A 65 24.32 -7.18 -31.37
C SER A 65 23.11 -6.93 -32.27
N ARG A 66 23.02 -5.71 -32.79
CA ARG A 66 21.91 -5.19 -33.63
C ARG A 66 22.50 -4.65 -34.92
N SER A 67 21.87 -4.98 -36.05
CA SER A 67 22.13 -4.33 -37.36
C SER A 67 20.77 -3.96 -37.97
N GLY A 68 20.32 -2.73 -37.68
CA GLY A 68 19.00 -2.20 -38.09
C GLY A 68 17.90 -3.07 -37.53
N THR A 69 17.22 -3.84 -38.40
CA THR A 69 16.07 -4.73 -38.06
C THR A 69 16.56 -6.16 -37.76
N ASP A 70 17.87 -6.42 -37.92
CA ASP A 70 18.47 -7.76 -37.67
C ASP A 70 19.14 -7.77 -36.29
N PHE A 71 18.82 -8.77 -35.48
CA PHE A 71 19.38 -8.93 -34.11
C PHE A 71 19.99 -10.33 -34.01
N THR A 72 21.13 -10.44 -33.33
CA THR A 72 22.03 -11.62 -33.37
C THR A 72 22.32 -11.97 -31.91
N LEU A 73 22.13 -13.24 -31.57
CA LEU A 73 22.56 -13.79 -30.25
C LEU A 73 23.71 -14.74 -30.53
N THR A 74 24.81 -14.58 -29.80
CA THR A 74 26.05 -15.34 -30.02
C THR A 74 26.41 -16.04 -28.70
N ILE A 75 26.70 -17.32 -28.76
CA ILE A 75 27.46 -18.07 -27.72
C ILE A 75 28.88 -18.27 -28.26
N SER A 76 29.87 -17.77 -27.54
CA SER A 76 31.28 -17.81 -27.97
C SER A 76 31.83 -19.24 -27.93
N SER A 77 31.55 -19.95 -26.85
CA SER A 77 31.93 -21.36 -26.62
C SER A 77 30.73 -22.05 -25.96
N LEU A 78 30.09 -22.96 -26.67
CA LEU A 78 28.80 -23.62 -26.32
C LEU A 78 28.54 -23.99 -24.85
N GLN A 79 29.18 -25.05 -24.36
CA GLN A 79 29.03 -25.69 -23.01
C GLN A 79 27.88 -26.70 -23.04
N PRO A 80 28.07 -27.91 -22.47
CA PRO A 80 27.03 -28.92 -22.49
C PRO A 80 25.69 -28.48 -21.87
N GLU A 81 25.74 -27.55 -20.94
CA GLU A 81 24.53 -27.07 -20.20
C GLU A 81 23.74 -26.05 -21.03
N ASP A 82 24.29 -25.49 -22.11
CA ASP A 82 23.60 -24.49 -22.99
C ASP A 82 22.51 -25.16 -23.85
N PHE A 83 22.34 -26.47 -23.75
CA PHE A 83 21.14 -27.16 -24.28
C PHE A 83 19.92 -26.39 -23.78
N ALA A 84 19.12 -25.82 -24.69
CA ALA A 84 17.98 -24.94 -24.37
C ALA A 84 17.31 -24.48 -25.67
N THR A 85 16.06 -24.00 -25.58
CA THR A 85 15.44 -23.20 -26.65
C THR A 85 15.73 -21.72 -26.35
N TYR A 86 16.29 -21.00 -27.33
CA TYR A 86 16.53 -19.54 -27.25
C TYR A 86 15.40 -18.85 -28.02
N TYR A 87 14.78 -17.84 -27.40
CA TYR A 87 13.76 -16.97 -28.04
C TYR A 87 14.23 -15.53 -27.97
N CYS A 88 13.96 -14.76 -29.01
CA CYS A 88 13.97 -13.28 -28.90
C CYS A 88 12.52 -12.75 -28.72
N GLN A 89 12.41 -11.53 -28.21
CA GLN A 89 11.13 -10.78 -28.05
C GLN A 89 11.42 -9.29 -28.35
N GLN A 90 10.42 -8.64 -28.96
CA GLN A 90 10.29 -7.19 -29.22
C GLN A 90 9.29 -6.65 -28.20
N VAL A 91 9.65 -5.54 -27.50
CA VAL A 91 8.73 -4.76 -26.61
C VAL A 91 8.59 -3.33 -27.18
N TYR A 92 8.66 -3.16 -28.50
CA TYR A 92 8.50 -1.83 -29.14
C TYR A 92 7.02 -1.42 -29.24
N SER A 93 6.13 -2.35 -29.57
CA SER A 93 4.67 -2.11 -29.72
C SER A 93 3.84 -3.42 -29.61
N SER A 94 2.64 -3.33 -29.05
CA SER A 94 1.75 -4.50 -28.79
C SER A 94 1.18 -5.00 -30.12
N PRO A 95 1.11 -6.34 -30.36
CA PRO A 95 1.54 -7.36 -29.40
C PRO A 95 3.07 -7.51 -29.33
N PHE A 96 3.60 -7.71 -28.12
CA PHE A 96 5.05 -7.79 -27.84
C PHE A 96 5.51 -9.21 -28.18
N THR A 97 5.78 -9.43 -29.46
CA THR A 97 5.87 -10.76 -30.13
C THR A 97 7.23 -11.45 -29.91
N PHE A 98 7.19 -12.77 -29.85
CA PHE A 98 8.34 -13.70 -29.63
C PHE A 98 8.69 -14.33 -30.96
N GLY A 99 9.98 -14.65 -31.13
CA GLY A 99 10.41 -15.50 -32.24
C GLY A 99 9.88 -16.90 -32.06
N GLN A 100 9.94 -17.71 -33.10
CA GLN A 100 9.52 -19.14 -33.03
C GLN A 100 10.46 -19.96 -32.17
N GLY A 101 11.68 -19.48 -31.88
CA GLY A 101 12.64 -20.20 -31.04
C GLY A 101 13.67 -20.92 -31.88
N THR A 102 14.82 -21.18 -31.25
CA THR A 102 15.95 -21.98 -31.79
C THR A 102 16.30 -23.06 -30.75
N LYS A 103 16.10 -24.34 -31.06
CA LYS A 103 16.56 -25.41 -30.15
C LYS A 103 18.05 -25.67 -30.41
N VAL A 104 18.89 -25.44 -29.39
CA VAL A 104 20.34 -25.71 -29.43
C VAL A 104 20.57 -27.05 -28.77
N GLU A 105 21.12 -27.99 -29.54
CA GLU A 105 21.50 -29.36 -29.10
C GLU A 105 23.02 -29.37 -29.02
N ILE A 106 23.64 -30.11 -28.09
CA ILE A 106 25.12 -30.25 -28.07
C ILE A 106 25.53 -31.48 -28.89
N LYS A 107 26.41 -31.23 -29.86
CA LYS A 107 27.02 -32.31 -30.67
C LYS A 107 28.13 -32.97 -29.86
N ARG A 108 28.20 -34.30 -29.91
CA ARG A 108 29.25 -35.09 -29.22
C ARG A 108 29.54 -36.36 -30.01
N THR A 109 30.50 -37.13 -29.50
CA THR A 109 30.82 -38.48 -29.96
C THR A 109 29.57 -39.37 -30.10
N VAL A 110 29.57 -40.20 -31.11
CA VAL A 110 28.60 -41.32 -31.26
C VAL A 110 28.73 -42.23 -30.02
N ALA A 111 27.60 -42.64 -29.45
CA ALA A 111 27.54 -43.57 -28.30
C ALA A 111 26.36 -44.50 -28.54
N ALA A 112 26.58 -45.81 -28.62
CA ALA A 112 25.53 -46.81 -28.93
C ALA A 112 24.61 -46.93 -27.73
N PRO A 113 23.33 -47.20 -27.96
CA PRO A 113 22.42 -47.52 -26.89
C PRO A 113 22.64 -48.89 -26.25
N SER A 114 22.49 -48.92 -24.93
CA SER A 114 22.17 -50.14 -24.13
C SER A 114 20.68 -50.44 -24.32
N VAL A 115 20.37 -51.65 -24.77
CA VAL A 115 18.98 -52.07 -25.09
C VAL A 115 18.52 -53.06 -24.05
N PHE A 116 17.31 -52.84 -23.55
CA PHE A 116 16.67 -53.70 -22.53
C PHE A 116 15.20 -53.81 -22.95
N ILE A 117 14.60 -54.97 -22.70
CA ILE A 117 13.15 -55.20 -22.98
C ILE A 117 12.52 -55.72 -21.68
N PHE A 118 11.30 -55.26 -21.40
CA PHE A 118 10.50 -55.57 -20.20
C PHE A 118 9.15 -56.13 -20.63
N PRO A 119 8.87 -57.42 -20.31
CA PRO A 119 7.56 -58.01 -20.58
C PRO A 119 6.44 -57.34 -19.77
N PRO A 120 5.17 -57.49 -20.19
CA PRO A 120 4.04 -57.02 -19.41
C PRO A 120 4.00 -57.70 -18.04
N SER A 121 3.69 -56.93 -16.99
CA SER A 121 3.52 -57.47 -15.62
C SER A 121 2.23 -58.28 -15.59
N ASP A 122 2.22 -59.30 -14.74
CA ASP A 122 1.03 -60.08 -14.32
C ASP A 122 -0.13 -59.13 -14.00
N GLU A 123 0.16 -58.12 -13.18
CA GLU A 123 -0.83 -57.15 -12.66
C GLU A 123 -1.53 -56.48 -13.84
N GLN A 124 -0.77 -56.11 -14.85
CA GLN A 124 -1.34 -55.36 -16.00
C GLN A 124 -2.26 -56.32 -16.75
N LEU A 125 -1.78 -57.52 -16.99
CA LEU A 125 -2.55 -58.54 -17.74
C LEU A 125 -3.87 -58.80 -17.00
N LYS A 126 -3.83 -58.90 -15.68
CA LYS A 126 -5.07 -59.04 -14.86
C LYS A 126 -5.96 -57.81 -15.02
N SER A 127 -5.40 -56.59 -15.15
CA SER A 127 -6.11 -55.34 -15.55
C SER A 127 -6.75 -55.49 -16.95
N GLY A 128 -6.28 -56.42 -17.80
CA GLY A 128 -6.88 -56.74 -19.12
C GLY A 128 -6.20 -56.06 -20.30
N THR A 129 -5.00 -55.49 -20.08
CA THR A 129 -4.20 -54.77 -21.11
C THR A 129 -2.72 -55.22 -21.00
N ALA A 130 -1.95 -55.18 -22.10
CA ALA A 130 -0.55 -55.66 -22.14
C ALA A 130 0.37 -54.62 -22.78
N SER A 131 1.29 -54.06 -21.99
CA SER A 131 2.28 -53.04 -22.42
C SER A 131 3.67 -53.69 -22.34
N VAL A 132 4.39 -53.62 -23.46
CA VAL A 132 5.77 -54.17 -23.60
C VAL A 132 6.72 -53.00 -23.82
N VAL A 133 7.77 -52.87 -22.99
CA VAL A 133 8.61 -51.65 -22.98
C VAL A 133 10.06 -52.01 -23.35
N CYS A 134 10.58 -51.29 -24.33
CA CYS A 134 11.93 -51.42 -24.91
C CYS A 134 12.67 -50.14 -24.52
N LEU A 135 13.78 -50.27 -23.81
CA LEU A 135 14.60 -49.12 -23.38
C LEU A 135 15.88 -49.04 -24.25
N LEU A 136 16.14 -47.88 -24.88
CA LEU A 136 17.43 -47.48 -25.46
C LEU A 136 18.09 -46.47 -24.51
N ASN A 137 19.15 -46.84 -23.80
CA ASN A 137 19.71 -45.97 -22.72
C ASN A 137 21.02 -45.38 -23.19
N ASN A 138 21.21 -44.08 -23.03
CA ASN A 138 22.50 -43.34 -23.17
C ASN A 138 23.12 -43.53 -24.55
N PHE A 139 22.53 -42.89 -25.56
CA PHE A 139 23.02 -42.90 -26.97
C PHE A 139 23.15 -41.47 -27.51
N TYR A 140 23.98 -41.33 -28.56
CA TYR A 140 24.15 -40.12 -29.42
C TYR A 140 24.57 -40.55 -30.83
N PRO A 141 23.98 -40.05 -31.93
CA PRO A 141 23.00 -38.95 -31.94
C PRO A 141 21.55 -39.38 -31.66
N ARG A 142 20.57 -38.46 -31.75
CA ARG A 142 19.16 -38.68 -31.33
C ARG A 142 18.52 -39.71 -32.24
N GLU A 143 18.94 -39.76 -33.51
CA GLU A 143 18.23 -40.53 -34.56
C GLU A 143 18.44 -42.03 -34.29
N ALA A 144 17.36 -42.75 -34.02
CA ALA A 144 17.39 -44.19 -33.68
C ALA A 144 16.16 -44.87 -34.29
N LYS A 145 16.32 -46.02 -34.93
CA LYS A 145 15.14 -46.73 -35.45
C LYS A 145 14.83 -47.90 -34.52
N VAL A 146 13.60 -47.94 -33.99
CA VAL A 146 13.07 -49.05 -33.13
C VAL A 146 11.94 -49.73 -33.88
N GLN A 147 12.09 -51.02 -34.15
CA GLN A 147 11.03 -51.84 -34.78
C GLN A 147 10.54 -52.91 -33.81
N TRP A 148 9.22 -53.10 -33.74
CA TRP A 148 8.59 -54.18 -32.94
C TRP A 148 8.21 -55.36 -33.85
N LYS A 149 8.55 -56.59 -33.43
CA LYS A 149 8.15 -57.86 -34.10
C LYS A 149 7.51 -58.78 -33.07
N VAL A 150 6.29 -59.22 -33.32
CA VAL A 150 5.65 -60.27 -32.48
C VAL A 150 5.44 -61.46 -33.41
N ASP A 151 5.88 -62.63 -32.96
CA ASP A 151 6.02 -63.87 -33.77
C ASP A 151 6.68 -63.50 -35.10
N ASN A 152 7.73 -62.69 -35.04
CA ASN A 152 8.55 -62.27 -36.21
C ASN A 152 7.73 -61.56 -37.28
N ALA A 153 6.62 -60.92 -36.91
CA ALA A 153 5.88 -59.99 -37.79
C ALA A 153 6.16 -58.55 -37.31
N LEU A 154 6.78 -57.78 -38.19
CA LEU A 154 6.95 -56.32 -38.05
C LEU A 154 5.58 -55.70 -37.74
N GLN A 155 5.48 -54.93 -36.65
CA GLN A 155 4.23 -54.24 -36.22
C GLN A 155 4.25 -52.79 -36.71
N SER A 156 3.09 -52.14 -36.77
CA SER A 156 3.03 -50.67 -37.04
C SER A 156 1.77 -50.05 -36.44
N GLY A 157 1.84 -48.78 -36.03
CA GLY A 157 0.72 -48.05 -35.39
C GLY A 157 0.22 -48.69 -34.11
N ASN A 158 1.06 -49.48 -33.43
CA ASN A 158 0.72 -49.96 -32.07
C ASN A 158 1.91 -49.71 -31.11
N SER A 159 2.86 -48.82 -31.44
CA SER A 159 3.95 -48.44 -30.50
C SER A 159 4.08 -46.92 -30.36
N GLN A 160 4.41 -46.45 -29.15
CA GLN A 160 4.67 -45.02 -28.90
C GLN A 160 6.08 -44.84 -28.37
N GLU A 161 6.77 -43.86 -28.96
CA GLU A 161 8.15 -43.48 -28.57
C GLU A 161 8.08 -42.26 -27.66
N SER A 162 8.97 -42.24 -26.68
CA SER A 162 9.26 -41.05 -25.84
C SER A 162 10.76 -41.03 -25.58
N VAL A 163 11.32 -39.83 -25.53
CA VAL A 163 12.79 -39.60 -25.53
C VAL A 163 13.06 -38.45 -24.54
N THR A 164 13.99 -38.66 -23.63
CA THR A 164 14.46 -37.67 -22.68
C THR A 164 15.05 -36.48 -23.44
N GLU A 165 15.08 -35.34 -22.78
CA GLU A 165 15.88 -34.17 -23.23
C GLU A 165 17.35 -34.54 -23.07
N GLN A 166 18.20 -33.94 -23.90
CA GLN A 166 19.65 -34.23 -23.89
C GLN A 166 20.17 -34.01 -22.47
N ASP A 167 20.95 -34.95 -21.96
CA ASP A 167 21.56 -34.84 -20.63
C ASP A 167 22.48 -33.62 -20.61
N SER A 168 22.32 -32.75 -19.61
CA SER A 168 22.98 -31.43 -19.57
C SER A 168 24.44 -31.63 -19.18
N LYS A 169 24.81 -32.84 -18.76
CA LYS A 169 26.17 -33.14 -18.25
C LYS A 169 26.94 -34.04 -19.23
N ASP A 170 26.32 -35.03 -19.90
CA ASP A 170 27.07 -35.94 -20.82
C ASP A 170 26.47 -35.95 -22.23
N SER A 171 25.52 -35.07 -22.52
CA SER A 171 24.88 -34.86 -23.85
C SER A 171 24.29 -36.14 -24.47
N THR A 172 24.06 -37.21 -23.69
CA THR A 172 23.36 -38.43 -24.22
C THR A 172 21.84 -38.29 -24.15
N TYR A 173 21.19 -39.24 -24.81
CA TYR A 173 19.70 -39.38 -24.85
C TYR A 173 19.38 -40.78 -24.32
N SER A 174 18.19 -40.92 -23.74
CA SER A 174 17.52 -42.23 -23.53
C SER A 174 16.16 -42.19 -24.24
N LEU A 175 15.67 -43.34 -24.68
CA LEU A 175 14.40 -43.45 -25.42
C LEU A 175 13.67 -44.73 -24.97
N SER A 176 12.34 -44.67 -24.94
CA SER A 176 11.42 -45.78 -24.64
C SER A 176 10.58 -46.00 -25.90
N SER A 177 10.40 -47.27 -26.30
CA SER A 177 9.30 -47.70 -27.17
C SER A 177 8.37 -48.63 -26.36
N THR A 178 7.07 -48.34 -26.38
CA THR A 178 6.04 -49.07 -25.62
C THR A 178 5.01 -49.57 -26.62
N LEU A 179 4.93 -50.89 -26.73
CA LEU A 179 3.96 -51.61 -27.59
C LEU A 179 2.78 -51.95 -26.69
N THR A 180 1.58 -51.52 -27.07
CA THR A 180 0.37 -51.79 -26.27
C THR A 180 -0.61 -52.65 -27.09
N LEU A 181 -1.10 -53.73 -26.46
CA LEU A 181 -1.98 -54.80 -27.04
C LEU A 181 -3.14 -55.12 -26.08
N SER A 182 -4.22 -55.71 -26.58
CA SER A 182 -5.21 -56.42 -25.71
C SER A 182 -4.53 -57.63 -25.05
N LYS A 183 -4.96 -58.01 -23.83
CA LYS A 183 -4.57 -59.29 -23.17
C LYS A 183 -4.70 -60.47 -24.16
N ALA A 184 -5.80 -60.54 -24.89
CA ALA A 184 -6.07 -61.64 -25.85
C ALA A 184 -4.99 -61.60 -26.95
N ASP A 185 -4.67 -60.40 -27.45
CA ASP A 185 -3.66 -60.20 -28.52
C ASP A 185 -2.29 -60.59 -27.96
N TYR A 186 -2.03 -60.23 -26.70
CA TYR A 186 -0.74 -60.58 -26.08
C TYR A 186 -0.66 -62.11 -25.98
N GLU A 187 -1.74 -62.78 -25.59
CA GLU A 187 -1.65 -64.22 -25.22
C GLU A 187 -1.83 -65.13 -26.45
N LYS A 188 -2.11 -64.59 -27.64
CA LYS A 188 -2.19 -65.41 -28.88
C LYS A 188 -0.83 -65.42 -29.59
N HIS A 189 0.18 -64.71 -29.08
CA HIS A 189 1.55 -64.69 -29.65
C HIS A 189 2.57 -65.15 -28.62
N LYS A 190 3.73 -65.58 -29.08
CA LYS A 190 4.77 -66.17 -28.21
C LYS A 190 6.00 -65.26 -28.13
N VAL A 191 6.47 -64.71 -29.25
CA VAL A 191 7.78 -64.00 -29.35
C VAL A 191 7.59 -62.49 -29.50
N TYR A 192 8.23 -61.74 -28.61
CA TYR A 192 8.17 -60.25 -28.55
C TYR A 192 9.60 -59.71 -28.68
N ALA A 193 9.88 -58.94 -29.73
CA ALA A 193 11.25 -58.42 -30.01
C ALA A 193 11.22 -56.93 -30.35
N CYS A 194 12.07 -56.14 -29.71
CA CYS A 194 12.36 -54.80 -30.29
C CYS A 194 13.76 -54.84 -30.90
N GLU A 195 13.83 -54.36 -32.13
CA GLU A 195 15.08 -54.40 -32.93
C GLU A 195 15.53 -52.95 -33.10
N VAL A 196 16.76 -52.67 -32.73
CA VAL A 196 17.29 -51.28 -32.62
C VAL A 196 18.37 -51.12 -33.69
N THR A 197 18.23 -50.09 -34.51
CA THR A 197 19.25 -49.61 -35.46
C THR A 197 19.68 -48.20 -35.04
N HIS A 198 20.99 -48.02 -34.93
CA HIS A 198 21.63 -46.78 -34.43
C HIS A 198 23.04 -46.77 -35.00
N GLN A 199 23.58 -45.58 -35.24
CA GLN A 199 24.90 -45.38 -35.85
C GLN A 199 26.04 -45.98 -35.02
N GLY A 200 25.86 -46.18 -33.72
CA GLY A 200 26.93 -46.71 -32.86
C GLY A 200 26.94 -48.22 -32.82
N LEU A 201 25.97 -48.88 -33.45
CA LEU A 201 25.93 -50.36 -33.47
C LEU A 201 26.48 -50.80 -34.83
N SER A 202 27.33 -51.82 -34.90
CA SER A 202 27.85 -52.28 -36.20
C SER A 202 26.66 -52.89 -36.97
N SER A 203 25.80 -53.59 -36.24
CA SER A 203 24.54 -54.17 -36.79
C SER A 203 23.40 -53.95 -35.79
N PRO A 204 22.13 -53.97 -36.26
CA PRO A 204 20.97 -53.90 -35.38
C PRO A 204 21.03 -54.80 -34.14
N VAL A 205 20.63 -54.28 -32.99
CA VAL A 205 20.53 -55.10 -31.76
C VAL A 205 19.06 -55.43 -31.50
N THR A 206 18.76 -56.73 -31.38
CA THR A 206 17.42 -57.24 -31.01
C THR A 206 17.46 -57.77 -29.56
N LYS A 207 16.56 -57.32 -28.69
CA LYS A 207 16.29 -57.97 -27.39
C LYS A 207 14.87 -58.54 -27.44
N SER A 208 14.68 -59.76 -26.99
CA SER A 208 13.38 -60.47 -27.13
C SER A 208 13.13 -61.37 -25.93
N PHE A 209 11.90 -61.81 -25.82
CA PHE A 209 11.41 -62.75 -24.79
C PHE A 209 10.30 -63.58 -25.41
N ASN A 210 10.05 -64.74 -24.83
CA ASN A 210 8.83 -65.55 -25.12
C ASN A 210 7.92 -65.39 -23.89
N ARG A 211 6.62 -65.15 -24.03
CA ARG A 211 5.70 -65.30 -22.87
C ARG A 211 6.01 -66.65 -22.19
N GLY A 212 6.38 -66.63 -20.89
CA GLY A 212 6.91 -67.82 -20.18
C GLY A 212 8.43 -67.98 -20.33
N GLU B 1 12.70 -10.88 -1.73
CA GLU B 1 13.31 -11.36 -3.00
C GLU B 1 12.48 -10.84 -4.18
N VAL B 2 13.11 -10.31 -5.26
CA VAL B 2 12.34 -9.91 -6.48
C VAL B 2 11.80 -11.20 -7.10
N GLN B 3 10.48 -11.31 -7.16
CA GLN B 3 9.84 -12.61 -7.48
C GLN B 3 8.42 -12.38 -8.01
N LEU B 4 7.96 -13.29 -8.88
CA LEU B 4 6.54 -13.35 -9.32
C LEU B 4 6.00 -14.76 -9.03
N VAL B 5 4.80 -14.86 -8.46
CA VAL B 5 4.21 -16.18 -8.14
C VAL B 5 2.79 -16.23 -8.76
N GLU B 6 2.65 -17.09 -9.77
CA GLU B 6 1.37 -17.39 -10.44
C GLU B 6 0.61 -18.41 -9.56
N SER B 7 -0.70 -18.31 -9.56
CA SER B 7 -1.63 -19.30 -8.96
C SER B 7 -2.94 -19.28 -9.72
N GLY B 8 -3.74 -20.35 -9.54
CA GLY B 8 -5.15 -20.46 -10.00
C GLY B 8 -5.29 -21.37 -11.20
N GLY B 9 -4.21 -21.86 -11.77
CA GLY B 9 -4.32 -22.86 -12.85
C GLY B 9 -5.00 -24.15 -12.40
N GLY B 10 -5.18 -25.08 -13.33
CA GLY B 10 -5.64 -26.43 -13.02
C GLY B 10 -6.38 -27.00 -14.21
N LEU B 11 -7.11 -28.07 -13.99
CA LEU B 11 -7.92 -28.69 -15.05
C LEU B 11 -9.24 -27.94 -15.11
N VAL B 12 -9.65 -27.37 -16.27
CA VAL B 12 -11.01 -26.74 -16.42
C VAL B 12 -11.74 -27.21 -17.69
N GLN B 13 -13.08 -27.19 -17.65
CA GLN B 13 -13.97 -27.62 -18.75
C GLN B 13 -13.88 -26.62 -19.89
N PRO B 14 -13.96 -27.02 -21.18
CA PRO B 14 -14.08 -26.06 -22.29
C PRO B 14 -15.35 -25.22 -22.15
N GLY B 15 -15.26 -23.91 -22.45
CA GLY B 15 -16.37 -22.97 -22.27
C GLY B 15 -16.38 -22.31 -20.89
N GLY B 16 -15.55 -22.81 -19.97
CA GLY B 16 -15.53 -22.29 -18.59
C GLY B 16 -14.65 -21.06 -18.40
N SER B 17 -14.51 -20.63 -17.13
CA SER B 17 -13.71 -19.47 -16.65
C SER B 17 -12.66 -19.86 -15.62
N LEU B 18 -11.56 -19.12 -15.63
CA LEU B 18 -10.41 -19.41 -14.74
C LEU B 18 -9.75 -18.07 -14.49
N ARG B 19 -9.54 -17.70 -13.22
CA ARG B 19 -8.83 -16.45 -12.85
C ARG B 19 -7.41 -16.78 -12.42
N LEU B 20 -6.45 -16.31 -13.17
CA LEU B 20 -5.03 -16.51 -12.78
C LEU B 20 -4.60 -15.31 -11.98
N SER B 21 -3.74 -15.51 -11.00
CA SER B 21 -3.18 -14.45 -10.17
C SER B 21 -1.67 -14.49 -10.33
N CYS B 22 -1.06 -13.31 -10.26
CA CYS B 22 0.40 -13.06 -10.33
C CYS B 22 0.75 -12.15 -9.14
N ALA B 23 1.27 -12.75 -8.06
CA ALA B 23 1.66 -12.02 -6.84
C ALA B 23 3.13 -11.60 -6.92
N ALA B 24 3.35 -10.28 -6.87
CA ALA B 24 4.65 -9.61 -6.94
C ALA B 24 5.25 -9.56 -5.53
N SER B 25 6.55 -9.88 -5.44
CA SER B 25 7.32 -9.58 -4.22
C SER B 25 8.58 -8.78 -4.58
N GLY B 26 9.05 -7.90 -3.67
CA GLY B 26 10.36 -7.23 -3.78
C GLY B 26 10.29 -5.94 -4.58
N PHE B 27 9.09 -5.59 -5.03
CA PHE B 27 8.78 -4.41 -5.88
C PHE B 27 7.26 -4.27 -5.88
N ASN B 28 6.79 -3.06 -6.07
CA ASN B 28 5.36 -2.74 -6.21
C ASN B 28 4.99 -2.59 -7.70
N VAL B 29 3.92 -3.29 -8.13
CA VAL B 29 3.43 -3.36 -9.56
C VAL B 29 2.96 -1.98 -10.10
N LYS B 30 2.67 -1.01 -9.24
CA LYS B 30 2.28 0.33 -9.70
C LYS B 30 3.30 0.89 -10.70
N TYR B 31 4.56 0.52 -10.59
CA TYR B 31 5.70 1.17 -11.26
C TYR B 31 6.22 0.30 -12.40
N TYR B 32 5.54 -0.80 -12.69
CA TYR B 32 6.00 -1.80 -13.68
C TYR B 32 4.88 -2.09 -14.66
N MET B 33 5.26 -2.66 -15.80
CA MET B 33 4.30 -3.24 -16.73
C MET B 33 4.26 -4.72 -16.43
N MET B 34 3.09 -5.32 -16.23
CA MET B 34 2.97 -6.77 -15.94
C MET B 34 2.45 -7.50 -17.18
N HIS B 35 3.08 -8.64 -17.52
CA HIS B 35 2.72 -9.41 -18.74
C HIS B 35 2.22 -10.80 -18.38
N TRP B 36 1.33 -11.31 -19.24
CA TRP B 36 1.04 -12.75 -19.30
C TRP B 36 1.59 -13.31 -20.59
N VAL B 37 2.37 -14.38 -20.51
CA VAL B 37 2.91 -15.15 -21.66
C VAL B 37 2.55 -16.64 -21.47
N ARG B 38 2.14 -17.34 -22.52
CA ARG B 38 1.74 -18.76 -22.38
C ARG B 38 2.55 -19.69 -23.31
N GLN B 39 2.63 -20.97 -22.92
CA GLN B 39 3.34 -22.00 -23.71
C GLN B 39 2.46 -23.22 -23.81
N ALA B 40 1.86 -23.44 -24.97
CA ALA B 40 1.13 -24.71 -25.22
C ALA B 40 2.16 -25.82 -25.10
N PRO B 41 1.83 -27.05 -24.64
CA PRO B 41 2.85 -28.05 -24.35
C PRO B 41 3.63 -28.49 -25.61
N GLY B 42 4.97 -28.36 -25.54
CA GLY B 42 5.92 -28.58 -26.66
C GLY B 42 6.11 -27.39 -27.60
N LYS B 43 5.41 -26.27 -27.39
CA LYS B 43 5.35 -25.17 -28.38
C LYS B 43 6.24 -24.03 -27.92
N GLY B 44 6.21 -22.91 -28.63
CA GLY B 44 6.97 -21.72 -28.22
C GLY B 44 6.18 -20.80 -27.32
N LEU B 45 6.78 -19.63 -27.06
CA LEU B 45 6.22 -18.59 -26.19
C LEU B 45 5.30 -17.72 -27.04
N GLU B 46 4.08 -17.58 -26.59
CA GLU B 46 3.10 -16.63 -27.15
C GLU B 46 2.78 -15.58 -26.10
N TRP B 47 3.08 -14.33 -26.40
CA TRP B 47 2.66 -13.20 -25.58
C TRP B 47 1.15 -13.06 -25.63
N VAL B 48 0.50 -12.79 -24.50
CA VAL B 48 -1.00 -12.88 -24.35
C VAL B 48 -1.55 -11.51 -24.02
N ALA B 49 -0.98 -10.84 -23.05
CA ALA B 49 -1.55 -9.56 -22.55
C ALA B 49 -0.53 -8.87 -21.66
N ALA B 50 -0.72 -7.57 -21.46
CA ALA B 50 0.09 -6.75 -20.54
C ALA B 50 -0.76 -5.60 -19.97
N ILE B 51 -0.40 -5.15 -18.79
CA ILE B 51 -1.10 -4.03 -18.09
C ILE B 51 -0.05 -3.16 -17.39
N SER B 52 -0.20 -1.85 -17.49
CA SER B 52 0.51 -0.88 -16.59
C SER B 52 -0.45 -0.44 -15.47
N PRO B 53 -0.40 -1.06 -14.26
CA PRO B 53 -1.38 -0.77 -13.21
C PRO B 53 -1.44 0.69 -12.76
N GLY B 54 -0.32 1.42 -12.88
CA GLY B 54 -0.22 2.83 -12.49
C GLY B 54 -1.07 3.73 -13.39
N TYR B 55 -1.41 3.25 -14.60
CA TYR B 55 -2.21 4.00 -15.60
C TYR B 55 -3.43 3.22 -16.07
N ASP B 56 -3.69 2.01 -15.55
CA ASP B 56 -4.77 1.09 -16.00
C ASP B 56 -4.72 0.78 -17.49
N TYR B 57 -3.69 1.18 -18.25
CA TYR B 57 -3.63 0.95 -19.72
C TYR B 57 -3.36 -0.54 -20.01
N THR B 58 -4.11 -1.15 -20.95
CA THR B 58 -4.09 -2.62 -21.24
C THR B 58 -3.72 -2.95 -22.68
N TYR B 59 -3.09 -4.11 -22.88
CA TYR B 59 -2.66 -4.68 -24.18
C TYR B 59 -3.11 -6.14 -24.27
N TYR B 60 -3.64 -6.57 -25.41
CA TYR B 60 -4.13 -7.96 -25.63
C TYR B 60 -3.71 -8.46 -26.99
N ALA B 61 -3.38 -9.74 -27.10
CA ALA B 61 -3.25 -10.40 -28.42
C ALA B 61 -4.67 -10.58 -28.96
N ASP B 62 -4.85 -10.54 -30.28
CA ASP B 62 -6.17 -10.78 -30.93
C ASP B 62 -6.64 -12.17 -30.55
N SER B 63 -5.73 -13.10 -30.38
CA SER B 63 -6.04 -14.49 -29.96
C SER B 63 -6.91 -14.57 -28.67
N VAL B 64 -6.94 -13.51 -27.83
CA VAL B 64 -7.62 -13.56 -26.49
C VAL B 64 -8.52 -12.35 -26.25
N LYS B 65 -8.49 -11.35 -27.14
CA LYS B 65 -9.26 -10.09 -27.00
C LYS B 65 -10.77 -10.39 -26.89
N GLY B 66 -11.47 -9.71 -25.97
CA GLY B 66 -12.89 -10.02 -25.67
C GLY B 66 -13.09 -11.17 -24.68
N ARG B 67 -12.32 -12.25 -24.80
CA ARG B 67 -12.47 -13.48 -23.97
C ARG B 67 -11.75 -13.31 -22.64
N PHE B 68 -10.56 -12.72 -22.69
CA PHE B 68 -9.63 -12.62 -21.55
C PHE B 68 -9.60 -11.16 -21.14
N THR B 69 -9.44 -10.92 -19.84
CA THR B 69 -9.28 -9.57 -19.24
C THR B 69 -8.05 -9.60 -18.34
N ILE B 70 -7.07 -8.76 -18.65
CA ILE B 70 -5.90 -8.57 -17.76
C ILE B 70 -6.26 -7.41 -16.85
N SER B 71 -6.03 -7.54 -15.56
CA SER B 71 -6.26 -6.45 -14.57
C SER B 71 -5.20 -6.54 -13.47
N ALA B 72 -5.26 -5.59 -12.53
CA ALA B 72 -4.28 -5.44 -11.42
C ALA B 72 -4.96 -4.71 -10.28
N ASP B 73 -4.49 -5.01 -9.06
CA ASP B 73 -4.80 -4.25 -7.84
C ASP B 73 -3.47 -3.83 -7.22
N THR B 74 -3.11 -2.55 -7.27
CA THR B 74 -1.80 -2.13 -6.69
C THR B 74 -1.80 -2.35 -5.16
N SER B 75 -2.97 -2.26 -4.51
CA SER B 75 -3.11 -2.47 -3.04
C SER B 75 -2.92 -3.96 -2.71
N LYS B 76 -3.02 -4.86 -3.68
CA LYS B 76 -2.74 -6.31 -3.44
C LYS B 76 -1.40 -6.73 -4.09
N ASN B 77 -0.74 -5.80 -4.78
CA ASN B 77 0.54 -6.04 -5.48
C ASN B 77 0.42 -7.28 -6.36
N THR B 78 -0.69 -7.42 -7.07
CA THR B 78 -1.10 -8.65 -7.77
C THR B 78 -1.74 -8.26 -9.11
N ALA B 79 -1.35 -8.95 -10.18
CA ALA B 79 -2.03 -8.84 -11.50
C ALA B 79 -2.85 -10.10 -11.74
N TYR B 80 -3.86 -9.98 -12.58
CA TYR B 80 -4.80 -11.10 -12.81
C TYR B 80 -4.95 -11.31 -14.31
N LEU B 81 -5.18 -12.56 -14.70
CA LEU B 81 -5.73 -12.89 -16.02
C LEU B 81 -7.07 -13.63 -15.83
N GLN B 82 -8.14 -12.96 -16.16
CA GLN B 82 -9.49 -13.60 -16.15
C GLN B 82 -9.66 -14.22 -17.53
N MET B 83 -9.72 -15.54 -17.61
CA MET B 83 -9.83 -16.27 -18.90
C MET B 83 -11.29 -16.76 -18.99
N ASN B 84 -12.00 -16.49 -20.08
CA ASN B 84 -13.41 -16.94 -20.29
C ASN B 84 -13.50 -17.61 -21.64
N SER B 85 -14.62 -18.28 -21.92
CA SER B 85 -14.80 -19.05 -23.17
C SER B 85 -13.56 -19.92 -23.46
N LEU B 86 -13.09 -20.65 -22.46
CA LEU B 86 -11.80 -21.37 -22.57
C LEU B 86 -11.87 -22.43 -23.65
N ARG B 87 -10.84 -22.54 -24.46
CA ARG B 87 -10.76 -23.56 -25.53
C ARG B 87 -9.56 -24.49 -25.32
N ALA B 88 -9.58 -25.66 -25.95
CA ALA B 88 -8.46 -26.62 -25.93
C ALA B 88 -7.15 -25.88 -26.31
N GLU B 89 -7.21 -25.00 -27.31
CA GLU B 89 -6.12 -24.09 -27.78
C GLU B 89 -5.50 -23.31 -26.61
N ASP B 90 -6.23 -23.08 -25.51
CA ASP B 90 -5.77 -22.22 -24.39
C ASP B 90 -5.05 -23.05 -23.33
N THR B 91 -4.93 -24.35 -23.57
CA THR B 91 -4.14 -25.28 -22.75
C THR B 91 -2.66 -24.86 -22.81
N ALA B 92 -2.06 -24.51 -21.69
CA ALA B 92 -0.70 -23.92 -21.70
C ALA B 92 -0.20 -23.72 -20.28
N VAL B 93 1.12 -23.65 -20.13
CA VAL B 93 1.70 -23.08 -18.91
C VAL B 93 1.55 -21.58 -19.07
N TYR B 94 0.92 -20.92 -18.10
CA TYR B 94 0.71 -19.46 -18.11
C TYR B 94 1.79 -18.87 -17.22
N TYR B 95 2.68 -18.03 -17.78
CA TYR B 95 3.70 -17.28 -17.03
C TYR B 95 3.32 -15.80 -16.93
N CYS B 96 3.52 -15.17 -15.77
CA CYS B 96 3.47 -13.70 -15.66
C CYS B 96 4.90 -13.18 -15.61
N SER B 97 5.12 -11.92 -15.95
CA SER B 97 6.47 -11.35 -16.07
C SER B 97 6.42 -9.82 -15.93
N ARG B 98 7.56 -9.23 -15.60
CA ARG B 98 7.66 -7.81 -15.26
C ARG B 98 8.57 -7.13 -16.28
N SER B 99 8.20 -5.91 -16.66
CA SER B 99 8.97 -4.97 -17.50
C SER B 99 8.96 -3.61 -16.82
N TYR B 100 10.03 -2.83 -16.92
CA TYR B 100 10.07 -1.43 -16.41
C TYR B 100 10.10 -0.51 -17.63
N TRP B 101 9.17 0.44 -17.72
CA TRP B 101 9.06 1.46 -18.80
C TRP B 101 9.00 0.77 -20.17
N ARG B 102 10.03 0.95 -20.99
CA ARG B 102 10.14 0.47 -22.40
C ARG B 102 11.33 -0.48 -22.48
N TYR B 103 11.97 -0.73 -21.33
CA TYR B 103 12.98 -1.77 -21.08
C TYR B 103 12.29 -3.14 -21.25
N SER B 104 13.10 -4.17 -21.43
CA SER B 104 12.69 -5.53 -21.79
C SER B 104 12.30 -6.28 -20.50
N VAL B 105 11.49 -7.35 -20.59
CA VAL B 105 11.05 -8.12 -19.39
C VAL B 105 12.27 -8.84 -18.79
N ASP B 106 12.44 -8.73 -17.47
CA ASP B 106 13.65 -9.20 -16.74
C ASP B 106 13.28 -10.32 -15.77
N VAL B 107 12.13 -10.27 -15.09
CA VAL B 107 11.76 -11.33 -14.11
C VAL B 107 10.50 -12.11 -14.57
N TRP B 108 10.61 -13.44 -14.58
CA TRP B 108 9.50 -14.40 -14.88
C TRP B 108 9.07 -15.15 -13.61
N GLY B 109 7.77 -15.48 -13.48
CA GLY B 109 7.27 -16.44 -12.49
C GLY B 109 7.58 -17.88 -12.90
N GLN B 110 7.29 -18.86 -12.02
CA GLN B 110 7.44 -20.31 -12.28
C GLN B 110 6.41 -20.82 -13.31
N GLY B 111 5.27 -20.13 -13.49
CA GLY B 111 4.20 -20.59 -14.39
C GLY B 111 3.16 -21.49 -13.70
N THR B 112 1.94 -21.54 -14.22
CA THR B 112 0.85 -22.40 -13.69
C THR B 112 0.20 -23.09 -14.87
N LEU B 113 0.10 -24.39 -14.80
CA LEU B 113 -0.45 -25.20 -15.91
C LEU B 113 -1.99 -25.06 -15.94
N VAL B 114 -2.55 -24.59 -17.06
CA VAL B 114 -4.01 -24.59 -17.36
C VAL B 114 -4.28 -25.67 -18.40
N THR B 115 -5.07 -26.67 -18.05
CA THR B 115 -5.48 -27.77 -18.95
C THR B 115 -6.96 -27.59 -19.23
N VAL B 116 -7.30 -27.41 -20.50
CA VAL B 116 -8.71 -27.19 -20.89
C VAL B 116 -9.18 -28.45 -21.62
N SER B 117 -10.17 -29.13 -21.03
CA SER B 117 -10.57 -30.52 -21.38
C SER B 117 -11.84 -30.84 -20.62
N SER B 118 -12.72 -31.62 -21.25
CA SER B 118 -13.99 -32.11 -20.64
C SER B 118 -13.74 -33.48 -20.00
N ALA B 119 -12.52 -34.01 -20.13
CA ALA B 119 -12.14 -35.37 -19.67
C ALA B 119 -11.94 -35.38 -18.15
N SER B 120 -12.37 -36.42 -17.49
CA SER B 120 -12.34 -36.50 -16.01
C SER B 120 -10.90 -36.72 -15.52
N THR B 121 -10.66 -36.31 -14.28
CA THR B 121 -9.45 -36.64 -13.51
C THR B 121 -9.40 -38.17 -13.43
N LYS B 122 -8.19 -38.73 -13.44
CA LYS B 122 -7.90 -40.18 -13.47
C LYS B 122 -6.47 -40.40 -12.97
N GLY B 123 -6.38 -41.06 -11.82
CA GLY B 123 -5.16 -41.54 -11.18
C GLY B 123 -4.48 -42.60 -12.02
N PRO B 124 -3.12 -42.65 -11.99
CA PRO B 124 -2.36 -43.64 -12.73
C PRO B 124 -2.50 -45.03 -12.14
N SER B 125 -2.40 -46.04 -13.00
CA SER B 125 -2.07 -47.43 -12.62
C SER B 125 -0.56 -47.56 -12.70
N VAL B 126 0.07 -48.06 -11.65
CA VAL B 126 1.55 -48.26 -11.58
C VAL B 126 1.90 -49.75 -11.57
N PHE B 127 2.78 -50.14 -12.48
CA PHE B 127 3.15 -51.56 -12.75
C PHE B 127 4.65 -51.65 -12.84
N PRO B 128 5.23 -52.74 -12.31
CA PRO B 128 6.67 -52.93 -12.35
C PRO B 128 7.17 -53.32 -13.75
N LEU B 129 8.38 -52.82 -14.07
CA LEU B 129 9.25 -53.28 -15.18
C LEU B 129 10.39 -54.02 -14.52
N ALA B 130 10.20 -55.31 -14.28
CA ALA B 130 11.14 -56.15 -13.51
C ALA B 130 12.47 -56.24 -14.24
N PRO B 131 13.60 -56.23 -13.49
CA PRO B 131 14.94 -56.35 -14.06
C PRO B 131 15.07 -57.43 -15.15
N GLY B 138 28.50 -53.40 -18.11
CA GLY B 138 28.88 -54.81 -17.98
C GLY B 138 28.01 -55.52 -16.96
N GLY B 139 28.12 -55.12 -15.68
CA GLY B 139 27.28 -55.60 -14.56
C GLY B 139 26.12 -54.65 -14.24
N THR B 140 25.68 -53.82 -15.21
CA THR B 140 24.58 -52.83 -15.06
C THR B 140 23.24 -53.45 -15.54
N ALA B 141 22.21 -53.39 -14.70
CA ALA B 141 20.82 -53.84 -15.00
C ALA B 141 19.88 -52.63 -15.02
N ALA B 142 18.79 -52.72 -15.78
CA ALA B 142 17.73 -51.69 -15.83
C ALA B 142 16.43 -52.22 -15.23
N LEU B 143 15.71 -51.34 -14.56
CA LEU B 143 14.36 -51.65 -14.01
C LEU B 143 13.56 -50.35 -13.97
N GLY B 144 12.26 -50.44 -13.79
CA GLY B 144 11.47 -49.21 -13.64
C GLY B 144 10.04 -49.48 -13.23
N CYS B 145 9.18 -48.50 -13.50
CA CYS B 145 7.72 -48.66 -13.44
C CYS B 145 7.04 -47.91 -14.57
N LEU B 146 6.08 -48.57 -15.20
CA LEU B 146 5.09 -48.00 -16.13
C LEU B 146 4.03 -47.28 -15.30
N VAL B 147 3.88 -45.97 -15.52
CA VAL B 147 2.82 -45.13 -14.92
C VAL B 147 1.80 -44.93 -16.01
N LYS B 148 0.66 -45.61 -15.96
CA LYS B 148 -0.25 -45.74 -17.13
C LYS B 148 -1.63 -45.12 -16.88
N ASP B 149 -2.17 -44.45 -17.87
CA ASP B 149 -3.63 -44.15 -17.91
C ASP B 149 -3.97 -43.08 -16.85
N TYR B 150 -3.34 -41.92 -16.94
CA TYR B 150 -3.64 -40.80 -16.01
C TYR B 150 -4.04 -39.59 -16.84
N PHE B 151 -4.81 -38.72 -16.18
CA PHE B 151 -5.16 -37.37 -16.68
C PHE B 151 -5.53 -36.46 -15.51
N PRO B 152 -5.14 -35.17 -15.52
CA PRO B 152 -4.26 -34.62 -16.55
C PRO B 152 -2.78 -34.77 -16.15
N GLU B 153 -1.88 -34.13 -16.87
CA GLU B 153 -0.49 -33.84 -16.41
C GLU B 153 -0.60 -32.93 -15.19
N PRO B 154 0.44 -32.82 -14.33
CA PRO B 154 1.61 -33.66 -14.35
C PRO B 154 1.58 -34.82 -13.35
N VAL B 155 2.60 -35.65 -13.43
CA VAL B 155 2.91 -36.73 -12.47
C VAL B 155 4.41 -36.64 -12.09
N THR B 156 4.72 -36.94 -10.83
CA THR B 156 6.11 -37.07 -10.33
C THR B 156 6.41 -38.53 -9.98
N VAL B 157 7.59 -38.96 -10.36
CA VAL B 157 8.16 -40.27 -9.97
C VAL B 157 9.49 -39.95 -9.34
N SER B 158 9.69 -40.54 -8.17
CA SER B 158 11.03 -40.62 -7.56
C SER B 158 11.32 -42.08 -7.24
N TRP B 159 12.56 -42.36 -6.83
CA TRP B 159 12.98 -43.73 -6.49
C TRP B 159 13.51 -43.77 -5.07
N ASN B 160 13.04 -44.78 -4.34
CA ASN B 160 13.52 -45.05 -2.98
C ASN B 160 13.37 -43.73 -2.21
N SER B 161 12.15 -43.18 -2.21
CA SER B 161 11.80 -41.88 -1.58
C SER B 161 12.91 -40.85 -1.80
N GLY B 162 13.36 -40.68 -3.04
CA GLY B 162 14.35 -39.66 -3.47
C GLY B 162 15.79 -40.02 -3.16
N ALA B 163 16.04 -41.12 -2.43
CA ALA B 163 17.41 -41.61 -2.10
C ALA B 163 18.22 -42.02 -3.36
N LEU B 164 17.53 -42.46 -4.43
CA LEU B 164 18.18 -43.01 -5.65
C LEU B 164 17.89 -42.07 -6.81
N THR B 165 18.90 -41.37 -7.33
CA THR B 165 18.76 -40.30 -8.37
C THR B 165 19.65 -40.58 -9.58
N SER B 166 20.78 -41.22 -9.35
CA SER B 166 21.84 -41.51 -10.33
C SER B 166 21.38 -42.58 -11.33
N GLY B 167 21.42 -42.27 -12.61
CA GLY B 167 21.07 -43.27 -13.62
C GLY B 167 19.57 -43.40 -13.82
N VAL B 168 18.78 -42.42 -13.33
CA VAL B 168 17.30 -42.37 -13.44
C VAL B 168 16.93 -41.56 -14.69
N HIS B 169 16.01 -42.08 -15.50
CA HIS B 169 15.37 -41.41 -16.66
C HIS B 169 13.87 -41.60 -16.56
N THR B 170 13.15 -40.55 -16.17
CA THR B 170 11.67 -40.45 -16.23
C THR B 170 11.35 -39.86 -17.60
N PHE B 171 10.76 -40.66 -18.45
CA PHE B 171 10.41 -40.19 -19.82
C PHE B 171 9.31 -39.15 -19.73
N PRO B 172 9.26 -38.24 -20.71
CA PRO B 172 8.09 -37.39 -20.91
C PRO B 172 6.86 -38.25 -21.17
N ALA B 173 5.70 -37.81 -20.66
CA ALA B 173 4.40 -38.49 -20.90
C ALA B 173 4.08 -38.42 -22.37
N VAL B 174 3.42 -39.44 -22.84
CA VAL B 174 2.84 -39.47 -24.20
C VAL B 174 1.34 -39.60 -24.02
N LEU B 175 0.59 -38.82 -24.79
CA LEU B 175 -0.89 -38.94 -24.84
C LEU B 175 -1.24 -40.18 -25.67
N GLN B 176 -1.79 -41.21 -25.06
CA GLN B 176 -2.24 -42.42 -25.79
C GLN B 176 -3.56 -42.06 -26.50
N SER B 177 -4.04 -42.95 -27.37
CA SER B 177 -5.23 -42.73 -28.24
C SER B 177 -6.54 -42.67 -27.43
N SER B 178 -6.57 -43.33 -26.26
CA SER B 178 -7.67 -43.26 -25.26
C SER B 178 -7.74 -41.87 -24.62
N GLY B 179 -6.79 -40.98 -24.87
CA GLY B 179 -6.83 -39.60 -24.31
C GLY B 179 -6.35 -39.53 -22.87
N LEU B 180 -5.68 -40.58 -22.43
CA LEU B 180 -4.93 -40.65 -21.16
C LEU B 180 -3.44 -40.63 -21.48
N TYR B 181 -2.66 -40.03 -20.57
CA TYR B 181 -1.18 -40.04 -20.60
C TYR B 181 -0.64 -41.35 -20.03
N SER B 182 0.60 -41.63 -20.40
CA SER B 182 1.36 -42.76 -19.84
C SER B 182 2.86 -42.47 -19.97
N LEU B 183 3.65 -42.97 -19.04
CA LEU B 183 5.12 -42.77 -19.08
C LEU B 183 5.79 -43.88 -18.28
N SER B 184 7.08 -44.07 -18.55
CA SER B 184 7.97 -44.98 -17.80
C SER B 184 9.04 -44.12 -17.14
N SER B 185 9.37 -44.46 -15.89
CA SER B 185 10.59 -44.05 -15.18
C SER B 185 11.45 -45.31 -15.14
N VAL B 186 12.72 -45.15 -15.45
CA VAL B 186 13.66 -46.28 -15.57
C VAL B 186 14.90 -45.89 -14.78
N VAL B 187 15.61 -46.86 -14.19
CA VAL B 187 16.91 -46.63 -13.49
C VAL B 187 17.88 -47.76 -13.84
N THR B 188 19.14 -47.42 -14.13
CA THR B 188 20.24 -48.41 -14.38
C THR B 188 21.04 -48.59 -13.09
N VAL B 189 21.06 -49.82 -12.54
CA VAL B 189 21.70 -50.12 -11.22
C VAL B 189 22.67 -51.28 -11.39
N PRO B 190 23.55 -51.54 -10.40
CA PRO B 190 24.35 -52.77 -10.37
C PRO B 190 23.46 -54.00 -10.24
N SER B 191 23.79 -55.05 -11.00
CA SER B 191 23.01 -56.33 -11.04
C SER B 191 23.20 -57.09 -9.73
N SER B 192 24.32 -56.87 -9.03
CA SER B 192 24.64 -57.52 -7.73
C SER B 192 23.53 -57.25 -6.68
N SER B 193 22.66 -56.23 -6.86
CA SER B 193 21.76 -55.76 -5.77
C SER B 193 20.30 -56.18 -5.97
N LEU B 194 20.01 -57.15 -6.85
CA LEU B 194 18.62 -57.52 -7.26
C LEU B 194 17.85 -58.20 -6.09
N GLY B 195 18.53 -58.92 -5.21
CA GLY B 195 17.92 -59.38 -3.94
C GLY B 195 18.46 -58.67 -2.71
N THR B 196 19.63 -58.02 -2.83
CA THR B 196 20.21 -57.09 -1.81
C THR B 196 19.24 -55.92 -1.62
N GLN B 197 19.31 -54.95 -2.52
CA GLN B 197 18.61 -53.67 -2.40
C GLN B 197 17.21 -53.82 -3.01
N THR B 198 16.20 -53.36 -2.29
CA THR B 198 14.82 -53.24 -2.81
C THR B 198 14.68 -51.89 -3.52
N TYR B 199 13.97 -51.92 -4.63
CA TYR B 199 13.73 -50.71 -5.44
C TYR B 199 12.23 -50.49 -5.40
N ILE B 200 11.82 -49.31 -4.89
CA ILE B 200 10.41 -48.81 -4.88
C ILE B 200 10.40 -47.55 -5.75
N CYS B 201 9.41 -47.41 -6.63
CA CYS B 201 9.12 -46.09 -7.23
C CYS B 201 7.89 -45.43 -6.56
N ASN B 202 8.07 -44.17 -6.23
CA ASN B 202 7.06 -43.31 -5.59
C ASN B 202 6.41 -42.46 -6.69
N VAL B 203 5.12 -42.64 -6.89
CA VAL B 203 4.37 -41.93 -7.96
C VAL B 203 3.36 -41.02 -7.28
N ASN B 204 3.46 -39.73 -7.56
CA ASN B 204 2.49 -38.74 -7.06
C ASN B 204 1.71 -38.13 -8.22
N HIS B 205 0.40 -38.38 -8.35
CA HIS B 205 -0.46 -37.71 -9.36
C HIS B 205 -1.35 -36.70 -8.63
N LYS B 206 -0.80 -35.51 -8.31
CA LYS B 206 -1.45 -34.55 -7.37
C LYS B 206 -2.87 -34.22 -7.83
N PRO B 207 -3.12 -34.02 -9.14
CA PRO B 207 -4.45 -33.71 -9.63
C PRO B 207 -5.59 -34.70 -9.31
N SER B 208 -5.30 -35.98 -9.06
CA SER B 208 -6.26 -37.06 -8.71
C SER B 208 -6.10 -37.40 -7.24
N ASN B 209 -5.17 -36.72 -6.56
CA ASN B 209 -4.71 -37.05 -5.18
C ASN B 209 -4.42 -38.57 -5.03
N THR B 210 -3.60 -39.10 -5.93
CA THR B 210 -3.12 -40.50 -5.97
C THR B 210 -1.62 -40.53 -5.71
N LYS B 211 -1.22 -40.93 -4.50
CA LYS B 211 0.14 -41.41 -4.19
C LYS B 211 0.16 -42.94 -4.26
N VAL B 212 0.98 -43.52 -5.16
CA VAL B 212 1.15 -45.00 -5.29
C VAL B 212 2.65 -45.29 -5.21
N ASP B 213 3.00 -46.28 -4.39
CA ASP B 213 4.38 -46.80 -4.18
C ASP B 213 4.44 -48.25 -4.64
N LYS B 214 5.23 -48.57 -5.66
CA LYS B 214 5.29 -49.96 -6.15
C LYS B 214 6.73 -50.48 -6.04
N LYS B 215 6.91 -51.56 -5.26
CA LYS B 215 8.15 -52.38 -5.17
C LYS B 215 8.36 -53.08 -6.52
N VAL B 216 9.55 -52.97 -7.09
CA VAL B 216 9.91 -53.77 -8.30
C VAL B 216 11.12 -54.65 -7.95
N GLU B 217 11.01 -55.92 -8.29
CA GLU B 217 12.05 -56.93 -8.00
C GLU B 217 11.87 -58.04 -9.04
N PRO B 218 12.82 -58.97 -9.21
CA PRO B 218 12.64 -60.01 -10.21
C PRO B 218 11.59 -61.05 -9.78
N ASP C 1 35.20 3.89 12.90
CA ASP C 1 34.54 4.36 11.62
C ASP C 1 35.56 4.29 10.45
N ILE C 2 35.07 4.16 9.23
CA ILE C 2 35.89 4.25 8.00
C ILE C 2 36.05 5.70 7.59
N GLN C 3 37.24 6.08 7.18
CA GLN C 3 37.48 7.43 6.66
C GLN C 3 37.71 7.27 5.17
N MET C 4 37.34 8.28 4.45
CA MET C 4 37.49 8.38 3.01
C MET C 4 38.33 9.62 2.80
N THR C 5 39.61 9.41 2.54
CA THR C 5 40.63 10.49 2.52
C THR C 5 40.74 10.96 1.07
N GLN C 6 40.10 12.07 0.77
CA GLN C 6 39.94 12.55 -0.61
C GLN C 6 40.99 13.61 -0.85
N SER C 7 41.71 13.53 -1.95
CA SER C 7 42.69 14.57 -2.34
C SER C 7 42.75 14.69 -3.87
N PRO C 8 42.97 15.89 -4.40
CA PRO C 8 43.24 17.06 -3.59
C PRO C 8 41.94 17.76 -3.19
N SER C 9 42.01 18.73 -2.28
CA SER C 9 40.84 19.44 -1.72
C SER C 9 40.33 20.43 -2.77
N SER C 10 41.20 20.82 -3.71
CA SER C 10 40.81 21.51 -4.96
C SER C 10 41.87 21.32 -6.05
N LEU C 11 41.52 21.65 -7.28
CA LEU C 11 42.46 21.65 -8.40
C LEU C 11 41.90 22.57 -9.48
N SER C 12 42.74 23.12 -10.33
CA SER C 12 42.26 23.90 -11.51
C SER C 12 43.00 23.41 -12.75
N ALA C 13 42.22 23.12 -13.79
CA ALA C 13 42.71 22.44 -15.00
C ALA C 13 42.05 23.04 -16.25
N SER C 14 42.79 23.07 -17.35
CA SER C 14 42.41 23.70 -18.63
C SER C 14 41.35 22.83 -19.30
N VAL C 15 40.44 23.42 -20.10
CA VAL C 15 39.48 22.61 -20.91
C VAL C 15 40.33 21.60 -21.73
N GLY C 16 39.89 20.34 -21.80
CA GLY C 16 40.52 19.27 -22.62
C GLY C 16 41.57 18.47 -21.86
N ASP C 17 42.02 19.02 -20.74
CA ASP C 17 43.03 18.45 -19.80
C ASP C 17 42.44 17.18 -19.14
N ARG C 18 43.33 16.29 -18.67
CA ARG C 18 43.03 15.05 -17.89
C ARG C 18 43.00 15.39 -16.40
N VAL C 19 42.00 14.93 -15.67
CA VAL C 19 41.88 15.22 -14.22
C VAL C 19 41.68 13.90 -13.47
N THR C 20 42.41 13.73 -12.36
CA THR C 20 42.27 12.55 -11.45
C THR C 20 42.08 13.02 -10.01
N ILE C 21 41.06 12.45 -9.37
CA ILE C 21 40.72 12.70 -7.95
C ILE C 21 40.83 11.36 -7.27
N THR C 22 41.37 11.30 -6.07
CA THR C 22 41.53 10.00 -5.37
C THR C 22 40.86 10.03 -4.01
N CYS C 23 40.25 8.90 -3.65
CA CYS C 23 39.77 8.58 -2.31
C CYS C 23 40.54 7.37 -1.79
N ARG C 24 41.15 7.44 -0.62
CA ARG C 24 41.71 6.24 0.07
C ARG C 24 40.78 5.88 1.22
N ALA C 25 40.16 4.70 1.19
CA ALA C 25 39.40 4.16 2.33
C ALA C 25 40.42 3.82 3.40
N SER C 26 40.10 4.03 4.66
CA SER C 26 41.01 3.74 5.80
C SER C 26 41.07 2.22 6.12
N GLN C 27 40.16 1.42 5.57
CA GLN C 27 40.21 -0.07 5.67
C GLN C 27 39.45 -0.67 4.46
N ASP C 28 39.46 -2.00 4.30
CA ASP C 28 38.87 -2.67 3.09
C ASP C 28 37.40 -2.26 3.00
N VAL C 29 36.97 -1.93 1.78
CA VAL C 29 35.62 -1.38 1.54
C VAL C 29 35.05 -2.07 0.29
N ASN C 30 35.66 -3.20 -0.08
CA ASN C 30 35.31 -3.94 -1.32
C ASN C 30 35.26 -2.88 -2.43
N THR C 31 34.16 -2.84 -3.18
CA THR C 31 33.92 -1.92 -4.33
C THR C 31 32.65 -1.10 -4.08
N ALA C 32 32.29 -0.90 -2.81
CA ALA C 32 31.03 -0.24 -2.42
C ALA C 32 31.30 1.27 -2.28
N VAL C 33 31.93 1.84 -3.30
CA VAL C 33 32.32 3.27 -3.35
C VAL C 33 31.67 3.91 -4.57
N ALA C 34 31.26 5.15 -4.43
CA ALA C 34 30.57 5.84 -5.54
C ALA C 34 31.05 7.28 -5.55
N TRP C 35 30.96 7.93 -6.71
CA TRP C 35 31.43 9.31 -6.97
C TRP C 35 30.22 10.16 -7.36
N TYR C 36 30.09 11.30 -6.72
CA TYR C 36 28.96 12.26 -6.84
C TYR C 36 29.57 13.55 -7.37
N GLN C 37 28.83 14.23 -8.26
CA GLN C 37 29.18 15.56 -8.78
C GLN C 37 28.16 16.54 -8.18
N GLN C 38 28.62 17.68 -7.65
CA GLN C 38 27.69 18.71 -7.10
C GLN C 38 28.05 20.09 -7.66
N LYS C 39 27.09 20.65 -8.38
CA LYS C 39 27.13 22.04 -8.87
C LYS C 39 26.47 22.93 -7.83
N PRO C 40 26.71 24.26 -7.91
CA PRO C 40 26.19 25.20 -6.92
C PRO C 40 24.65 25.26 -6.86
N GLY C 41 24.14 25.27 -5.63
CA GLY C 41 22.70 25.24 -5.29
C GLY C 41 22.00 23.99 -5.79
N LYS C 42 22.75 22.91 -6.12
CA LYS C 42 22.11 21.68 -6.64
C LYS C 42 22.44 20.48 -5.73
N ALA C 43 21.55 19.51 -5.73
CA ALA C 43 21.75 18.20 -5.11
C ALA C 43 22.87 17.50 -5.88
N PRO C 44 23.71 16.68 -5.22
CA PRO C 44 24.67 15.83 -5.91
C PRO C 44 24.00 14.87 -6.90
N LYS C 45 24.73 14.47 -7.94
CA LYS C 45 24.29 13.50 -8.95
C LYS C 45 25.30 12.36 -8.95
N LEU C 46 24.78 11.15 -9.13
CA LEU C 46 25.60 9.94 -9.17
C LEU C 46 26.32 9.95 -10.52
N LEU C 47 27.63 9.72 -10.49
CA LEU C 47 28.51 9.63 -11.67
C LEU C 47 28.95 8.19 -11.88
N ILE C 48 29.58 7.63 -10.87
CA ILE C 48 30.19 6.28 -10.90
C ILE C 48 29.65 5.54 -9.67
N TYR C 49 29.18 4.30 -9.88
CA TYR C 49 28.64 3.37 -8.84
C TYR C 49 29.50 2.11 -8.81
N SER C 50 29.48 1.44 -7.68
CA SER C 50 30.26 0.20 -7.45
C SER C 50 31.67 0.47 -7.96
N ALA C 51 32.24 1.64 -7.61
CA ALA C 51 33.68 1.98 -7.83
C ALA C 51 33.98 2.28 -9.31
N SER C 52 33.42 1.54 -10.27
CA SER C 52 33.94 1.51 -11.67
C SER C 52 32.87 1.57 -12.76
N PHE C 53 31.59 1.58 -12.44
CA PHE C 53 30.51 1.53 -13.46
C PHE C 53 29.93 2.94 -13.65
N LEU C 54 29.86 3.38 -14.90
CA LEU C 54 29.29 4.67 -15.37
C LEU C 54 27.76 4.65 -15.27
N TYR C 55 27.18 5.64 -14.59
CA TYR C 55 25.70 5.77 -14.40
C TYR C 55 25.13 6.45 -15.63
N SER C 56 23.94 5.99 -16.03
CA SER C 56 23.25 6.38 -17.29
C SER C 56 23.16 7.90 -17.38
N GLY C 57 23.37 8.42 -18.59
CA GLY C 57 23.30 9.86 -18.91
C GLY C 57 24.54 10.62 -18.45
N VAL C 58 25.51 9.92 -17.89
CA VAL C 58 26.76 10.54 -17.41
C VAL C 58 27.75 10.44 -18.55
N PRO C 59 28.30 11.59 -19.02
CA PRO C 59 29.15 11.58 -20.21
C PRO C 59 30.31 10.57 -20.02
N SER C 60 30.71 9.95 -21.12
CA SER C 60 31.92 9.12 -21.35
C SER C 60 33.19 9.63 -20.66
N ARG C 61 33.48 10.94 -20.66
CA ARG C 61 34.75 11.49 -20.12
C ARG C 61 34.99 11.05 -18.64
N PHE C 62 33.95 10.62 -17.90
CA PHE C 62 33.99 10.22 -16.47
C PHE C 62 34.27 8.70 -16.37
N SER C 63 35.22 8.31 -15.53
CA SER C 63 35.67 6.91 -15.36
C SER C 63 36.01 6.68 -13.90
N GLY C 64 35.74 5.49 -13.37
CA GLY C 64 36.09 5.15 -11.97
C GLY C 64 36.99 3.94 -11.89
N SER C 65 37.97 3.95 -10.96
CA SER C 65 38.99 2.88 -10.82
C SER C 65 39.18 2.48 -9.36
N ARG C 66 39.89 1.41 -9.09
CA ARG C 66 40.16 0.94 -7.71
C ARG C 66 41.40 0.07 -7.73
N SER C 67 42.39 0.34 -6.88
CA SER C 67 43.40 -0.64 -6.46
C SER C 67 43.50 -0.61 -4.94
N GLY C 68 43.11 -1.74 -4.32
CA GLY C 68 42.84 -1.93 -2.88
C GLY C 68 41.99 -0.82 -2.31
N THR C 69 42.55 -0.07 -1.36
CA THR C 69 41.91 1.06 -0.65
C THR C 69 41.86 2.36 -1.46
N ASP C 70 42.59 2.49 -2.59
CA ASP C 70 42.62 3.72 -3.43
C ASP C 70 41.62 3.65 -4.58
N PHE C 71 40.64 4.54 -4.55
CA PHE C 71 39.59 4.81 -5.58
C PHE C 71 39.99 6.10 -6.35
N THR C 72 39.84 6.08 -7.68
CA THR C 72 40.24 7.19 -8.56
C THR C 72 39.05 7.58 -9.44
N LEU C 73 38.70 8.86 -9.43
CA LEU C 73 37.75 9.44 -10.41
C LEU C 73 38.58 10.12 -11.47
N THR C 74 38.39 9.74 -12.73
CA THR C 74 39.10 10.32 -13.90
C THR C 74 38.10 11.05 -14.81
N ILE C 75 38.31 12.34 -15.02
CA ILE C 75 37.69 13.09 -16.14
C ILE C 75 38.74 13.15 -17.24
N SER C 76 38.51 12.41 -18.33
CA SER C 76 39.52 12.15 -19.39
C SER C 76 39.82 13.45 -20.15
N SER C 77 38.80 14.31 -20.31
CA SER C 77 38.86 15.58 -21.08
C SER C 77 37.95 16.64 -20.44
N LEU C 78 38.53 17.42 -19.53
CA LEU C 78 37.75 18.42 -18.78
C LEU C 78 36.94 19.36 -19.68
N GLN C 79 35.69 19.58 -19.31
CA GLN C 79 34.83 20.52 -20.05
C GLN C 79 34.52 21.69 -19.11
N PRO C 80 34.14 22.88 -19.61
CA PRO C 80 33.86 24.00 -18.72
C PRO C 80 32.68 23.75 -17.77
N GLU C 81 31.66 23.02 -18.22
CA GLU C 81 30.50 22.62 -17.35
C GLU C 81 30.91 21.61 -16.27
N ASP C 82 32.15 21.11 -16.26
CA ASP C 82 32.63 20.16 -15.23
C ASP C 82 33.03 20.91 -13.96
N PHE C 83 32.88 22.22 -13.93
CA PHE C 83 33.07 22.98 -12.67
C PHE C 83 32.05 22.43 -11.69
N ALA C 84 32.52 21.91 -10.55
CA ALA C 84 31.69 21.31 -9.49
C ALA C 84 32.58 20.90 -8.34
N THR C 85 31.97 20.45 -7.25
CA THR C 85 32.68 19.74 -6.17
C THR C 85 32.40 18.24 -6.35
N TYR C 86 33.46 17.42 -6.35
CA TYR C 86 33.35 15.96 -6.52
C TYR C 86 33.54 15.33 -5.15
N TYR C 87 32.79 14.29 -4.88
CA TYR C 87 32.78 13.61 -3.58
C TYR C 87 32.71 12.13 -3.84
N CYS C 88 33.44 11.37 -3.05
CA CYS C 88 33.29 9.90 -2.97
C CYS C 88 32.49 9.54 -1.71
N GLN C 89 31.74 8.45 -1.78
CA GLN C 89 31.06 7.89 -0.60
C GLN C 89 31.20 6.36 -0.56
N GLN C 90 31.48 5.85 0.64
CA GLN C 90 31.57 4.43 1.01
C GLN C 90 30.24 3.99 1.65
N VAL C 91 29.63 2.91 1.14
CA VAL C 91 28.34 2.34 1.63
C VAL C 91 28.60 0.88 2.06
N TYR C 92 29.88 0.54 2.32
CA TYR C 92 30.40 -0.77 2.82
C TYR C 92 29.94 -1.06 4.27
N SER C 93 30.13 -0.15 5.22
CA SER C 93 29.51 -0.23 6.56
C SER C 93 29.25 1.17 7.16
N SER C 94 28.36 1.24 8.17
CA SER C 94 27.84 2.49 8.80
C SER C 94 28.89 3.07 9.74
N PRO C 95 29.11 4.40 9.85
CA PRO C 95 28.46 5.40 9.00
C PRO C 95 29.00 5.43 7.58
N PHE C 96 28.09 5.70 6.62
CA PHE C 96 28.36 5.57 5.17
C PHE C 96 29.07 6.87 4.72
N THR C 97 30.36 7.00 5.08
CA THR C 97 31.11 8.27 5.12
C THR C 97 31.52 8.76 3.73
N PHE C 98 31.45 10.09 3.58
CA PHE C 98 31.78 10.92 2.40
C PHE C 98 33.25 11.35 2.47
N GLY C 99 33.91 11.43 1.32
CA GLY C 99 35.17 12.20 1.23
C GLY C 99 34.92 13.69 1.53
N GLN C 100 35.97 14.41 1.95
CA GLN C 100 35.99 15.88 2.19
C GLN C 100 35.58 16.65 0.93
N GLY C 101 35.73 16.07 -0.27
CA GLY C 101 35.34 16.77 -1.52
C GLY C 101 36.55 17.35 -2.28
N THR C 102 36.39 17.53 -3.58
CA THR C 102 37.37 18.18 -4.49
C THR C 102 36.63 19.25 -5.30
N LYS C 103 36.94 20.53 -5.05
CA LYS C 103 36.42 21.63 -5.91
C LYS C 103 37.28 21.66 -7.19
N VAL C 104 36.66 21.40 -8.34
CA VAL C 104 37.32 21.45 -9.69
C VAL C 104 37.02 22.80 -10.33
N GLU C 105 38.06 23.61 -10.55
CA GLU C 105 37.97 24.93 -11.22
C GLU C 105 38.48 24.75 -12.65
N ILE C 106 37.89 25.43 -13.61
CA ILE C 106 38.30 25.41 -15.03
C ILE C 106 39.24 26.60 -15.25
N LYS C 107 40.51 26.36 -15.58
CA LYS C 107 41.45 27.47 -15.88
C LYS C 107 41.42 27.79 -17.37
N ARG C 108 41.46 29.07 -17.69
CA ARG C 108 41.19 29.63 -19.03
C ARG C 108 42.15 30.81 -19.22
N THR C 109 42.13 31.45 -20.39
CA THR C 109 42.95 32.66 -20.71
C THR C 109 42.69 33.74 -19.67
N VAL C 110 43.73 34.50 -19.29
CA VAL C 110 43.59 35.62 -18.31
C VAL C 110 42.57 36.59 -18.89
N ALA C 111 41.64 37.07 -18.06
CA ALA C 111 40.54 38.01 -18.43
C ALA C 111 40.45 39.02 -17.30
N ALA C 112 40.63 40.30 -17.64
CA ALA C 112 40.62 41.42 -16.69
C ALA C 112 39.19 41.67 -16.26
N PRO C 113 38.94 42.09 -15.00
CA PRO C 113 37.61 42.60 -14.62
C PRO C 113 37.33 43.97 -15.24
N SER C 114 36.09 44.19 -15.72
CA SER C 114 35.44 45.52 -15.79
C SER C 114 35.12 45.96 -14.37
N VAL C 115 35.56 47.14 -13.98
CA VAL C 115 35.27 47.66 -12.62
C VAL C 115 34.20 48.73 -12.76
N PHE C 116 33.27 48.76 -11.81
CA PHE C 116 32.27 49.83 -11.60
C PHE C 116 32.13 50.08 -10.10
N ILE C 117 31.90 51.33 -9.74
CA ILE C 117 31.73 51.86 -8.34
C ILE C 117 30.28 52.39 -8.24
N PHE C 118 29.60 52.10 -7.12
CA PHE C 118 28.19 52.52 -6.88
C PHE C 118 28.09 53.27 -5.57
N PRO C 119 27.70 54.55 -5.61
CA PRO C 119 27.55 55.32 -4.38
C PRO C 119 26.32 54.85 -3.62
N PRO C 120 26.25 55.19 -2.32
CA PRO C 120 25.06 54.87 -1.52
C PRO C 120 23.87 55.62 -2.09
N SER C 121 22.72 55.06 -1.81
CA SER C 121 21.43 55.44 -2.40
C SER C 121 20.90 56.65 -1.64
N ASP C 122 20.31 57.58 -2.40
CA ASP C 122 19.26 58.53 -1.96
C ASP C 122 18.60 57.93 -0.71
N GLU C 123 17.85 56.83 -0.90
CA GLU C 123 16.92 56.23 0.10
C GLU C 123 17.69 55.66 1.31
N GLN C 124 18.79 54.95 1.06
CA GLN C 124 19.58 54.24 2.10
C GLN C 124 20.11 55.25 3.13
N LEU C 125 20.62 56.38 2.65
CA LEU C 125 21.21 57.46 3.48
C LEU C 125 20.22 57.97 4.54
N LYS C 126 18.91 57.72 4.42
CA LYS C 126 17.97 58.14 5.50
C LYS C 126 18.19 57.24 6.71
N SER C 127 18.55 55.98 6.49
CA SER C 127 18.62 54.92 7.54
C SER C 127 19.86 55.08 8.44
N GLY C 128 20.76 56.05 8.19
CA GLY C 128 21.91 56.30 9.08
C GLY C 128 23.11 55.41 8.79
N THR C 129 23.04 54.55 7.77
CA THR C 129 24.19 53.74 7.27
C THR C 129 24.37 54.06 5.80
N ALA C 130 25.61 53.97 5.31
CA ALA C 130 25.96 54.13 3.89
C ALA C 130 26.71 52.88 3.39
N SER C 131 26.38 52.46 2.19
CA SER C 131 26.88 51.20 1.59
C SER C 131 27.39 51.50 0.17
N VAL C 132 28.71 51.40 0.02
CA VAL C 132 29.43 51.71 -1.24
C VAL C 132 29.79 50.35 -1.85
N VAL C 133 29.44 50.15 -3.12
CA VAL C 133 29.61 48.81 -3.75
C VAL C 133 30.60 48.95 -4.89
N CYS C 134 31.56 48.04 -4.94
CA CYS C 134 32.60 47.97 -6.01
C CYS C 134 32.47 46.62 -6.70
N LEU C 135 32.15 46.65 -7.99
CA LEU C 135 31.79 45.48 -8.82
C LEU C 135 32.99 45.16 -9.69
N LEU C 136 33.45 43.91 -9.64
CA LEU C 136 34.42 43.38 -10.61
C LEU C 136 33.67 42.36 -11.48
N ASN C 137 33.50 42.62 -12.78
CA ASN C 137 32.64 41.81 -13.68
C ASN C 137 33.52 40.99 -14.66
N ASN C 138 33.32 39.66 -14.68
CA ASN C 138 33.81 38.66 -15.67
C ASN C 138 35.33 38.63 -15.82
N PHE C 139 36.03 38.15 -14.81
CA PHE C 139 37.50 38.07 -14.84
C PHE C 139 37.94 36.65 -14.57
N TYR C 140 39.19 36.36 -14.90
CA TYR C 140 39.87 35.08 -14.59
C TYR C 140 41.36 35.37 -14.46
N PRO C 141 42.11 34.85 -13.45
CA PRO C 141 41.60 33.93 -12.43
C PRO C 141 40.82 34.64 -11.30
N ARG C 142 40.45 33.90 -10.24
CA ARG C 142 39.60 34.32 -9.10
C ARG C 142 40.35 35.33 -8.23
N GLU C 143 41.67 35.18 -8.12
CA GLU C 143 42.47 35.95 -7.12
C GLU C 143 42.45 37.42 -7.57
N ALA C 144 41.96 38.33 -6.73
CA ALA C 144 42.03 39.77 -7.01
C ALA C 144 42.16 40.52 -5.70
N LYS C 145 42.79 41.68 -5.71
CA LYS C 145 42.89 42.51 -4.49
C LYS C 145 42.00 43.75 -4.68
N VAL C 146 41.04 43.94 -3.81
CA VAL C 146 40.11 45.09 -3.92
C VAL C 146 40.30 45.93 -2.66
N GLN C 147 40.55 47.20 -2.88
CA GLN C 147 41.10 48.10 -1.85
C GLN C 147 40.20 49.33 -1.81
N TRP C 148 39.61 49.61 -0.64
CA TRP C 148 38.83 50.86 -0.39
C TRP C 148 39.73 52.02 0.10
N LYS C 149 39.55 53.19 -0.51
CA LYS C 149 40.18 54.45 -0.08
C LYS C 149 39.11 55.55 0.00
N VAL C 150 39.01 56.22 1.15
CA VAL C 150 38.12 57.41 1.28
C VAL C 150 39.01 58.61 1.66
N ASP C 151 38.97 59.61 0.80
CA ASP C 151 39.97 60.71 0.74
C ASP C 151 41.39 60.10 0.81
N ASN C 152 41.59 59.02 0.04
CA ASN C 152 42.92 58.37 -0.19
C ASN C 152 43.42 57.70 1.11
N ALA C 153 42.60 57.69 2.17
CA ALA C 153 42.86 56.95 3.43
C ALA C 153 42.41 55.49 3.23
N LEU C 154 43.32 54.54 3.46
CA LEU C 154 43.14 53.08 3.20
C LEU C 154 42.25 52.48 4.30
N GLN C 155 41.18 51.77 3.91
CA GLN C 155 40.13 51.26 4.85
C GLN C 155 40.37 49.79 5.18
N SER C 156 40.09 49.39 6.41
CA SER C 156 40.19 47.98 6.85
C SER C 156 39.13 47.66 7.91
N GLY C 157 38.69 46.41 7.94
CA GLY C 157 37.68 45.95 8.91
C GLY C 157 36.28 46.49 8.60
N ASN C 158 36.04 47.18 7.48
CA ASN C 158 34.70 47.76 7.23
C ASN C 158 34.19 47.40 5.84
N SER C 159 34.73 46.33 5.26
CA SER C 159 34.24 45.79 3.96
C SER C 159 34.19 44.27 3.96
N GLN C 160 33.37 43.73 3.06
CA GLN C 160 33.15 42.28 2.87
C GLN C 160 33.08 41.99 1.38
N GLU C 161 33.69 40.90 0.95
CA GLU C 161 33.62 40.45 -0.45
C GLU C 161 32.62 39.30 -0.58
N SER C 162 32.05 39.15 -1.78
CA SER C 162 31.35 37.93 -2.24
C SER C 162 31.71 37.72 -3.72
N VAL C 163 31.90 36.47 -4.09
CA VAL C 163 32.36 36.07 -5.44
C VAL C 163 31.37 35.02 -5.95
N THR C 164 30.91 35.21 -7.17
CA THR C 164 29.98 34.27 -7.82
C THR C 164 30.76 32.96 -8.03
N GLU C 165 30.03 31.88 -8.18
CA GLU C 165 30.56 30.62 -8.72
C GLU C 165 31.03 30.87 -10.15
N GLN C 166 32.07 30.15 -10.56
CA GLN C 166 32.58 30.14 -11.95
C GLN C 166 31.40 29.98 -12.93
N ASP C 167 31.37 30.81 -13.97
CA ASP C 167 30.42 30.68 -15.08
C ASP C 167 30.68 29.34 -15.76
N SER C 168 29.60 28.54 -15.96
CA SER C 168 29.61 27.17 -16.53
C SER C 168 29.91 27.19 -18.05
N LYS C 169 29.75 28.34 -18.73
CA LYS C 169 30.04 28.49 -20.19
C LYS C 169 31.42 29.13 -20.42
N ASP C 170 31.67 30.34 -19.89
CA ASP C 170 32.89 31.14 -20.18
C ASP C 170 33.94 31.08 -19.04
N SER C 171 33.71 30.36 -17.97
CA SER C 171 34.69 30.12 -16.88
C SER C 171 35.15 31.41 -16.16
N THR C 172 34.47 32.55 -16.35
CA THR C 172 34.77 33.80 -15.59
C THR C 172 34.11 33.83 -14.22
N TYR C 173 34.62 34.74 -13.38
CA TYR C 173 34.10 35.10 -12.04
C TYR C 173 33.60 36.55 -12.07
N SER C 174 32.79 36.91 -11.08
CA SER C 174 32.50 38.32 -10.75
C SER C 174 32.52 38.43 -9.24
N LEU C 175 32.81 39.62 -8.76
CA LEU C 175 33.03 39.85 -7.32
C LEU C 175 32.39 41.20 -6.97
N SER C 176 31.77 41.30 -5.81
CA SER C 176 31.40 42.55 -5.13
C SER C 176 32.29 42.74 -3.91
N SER C 177 32.77 43.95 -3.69
CA SER C 177 33.34 44.37 -2.39
C SER C 177 32.42 45.47 -1.88
N THR C 178 31.85 45.34 -0.68
CA THR C 178 30.85 46.34 -0.22
C THR C 178 31.37 46.97 1.06
N LEU C 179 31.54 48.29 1.02
CA LEU C 179 32.12 49.13 2.10
C LEU C 179 30.97 49.68 2.95
N THR C 180 31.01 49.51 4.27
CA THR C 180 29.94 49.99 5.20
C THR C 180 30.44 51.16 6.07
N LEU C 181 29.75 52.31 6.04
CA LEU C 181 30.01 53.45 6.97
C LEU C 181 28.71 53.96 7.58
N SER C 182 28.78 54.41 8.84
CA SER C 182 27.78 55.32 9.47
C SER C 182 27.55 56.50 8.52
N LYS C 183 26.31 56.98 8.45
CA LYS C 183 25.89 58.23 7.76
C LYS C 183 26.86 59.33 8.16
N ALA C 184 27.10 59.51 9.47
CA ALA C 184 27.97 60.56 10.06
C ALA C 184 29.42 60.38 9.60
N ASP C 185 29.86 59.14 9.38
CA ASP C 185 31.26 58.81 8.99
C ASP C 185 31.40 58.82 7.47
N TYR C 186 30.29 58.70 6.74
CA TYR C 186 30.24 58.90 5.28
C TYR C 186 30.43 60.39 5.03
N GLU C 187 29.62 61.24 5.68
CA GLU C 187 29.46 62.68 5.30
C GLU C 187 30.79 63.43 5.59
N LYS C 188 31.67 62.89 6.44
CA LYS C 188 32.98 63.50 6.84
C LYS C 188 33.96 63.55 5.66
N HIS C 189 33.73 62.80 4.57
CA HIS C 189 34.73 62.57 3.49
C HIS C 189 34.08 62.84 2.13
N LYS C 190 34.85 62.85 1.02
CA LYS C 190 34.27 63.23 -0.30
C LYS C 190 34.63 62.29 -1.46
N VAL C 191 35.85 61.77 -1.53
CA VAL C 191 36.29 60.90 -2.67
C VAL C 191 36.24 59.43 -2.22
N TYR C 192 35.47 58.61 -2.93
CA TYR C 192 35.31 57.15 -2.63
C TYR C 192 35.86 56.38 -3.84
N ALA C 193 36.93 55.62 -3.60
CA ALA C 193 37.66 54.87 -4.65
C ALA C 193 37.78 53.40 -4.26
N CYS C 194 37.64 52.50 -5.25
CA CYS C 194 38.10 51.10 -5.10
C CYS C 194 39.17 50.80 -6.14
N GLU C 195 40.26 50.27 -5.65
CA GLU C 195 41.48 50.02 -6.45
C GLU C 195 41.61 48.51 -6.57
N VAL C 196 41.66 48.04 -7.80
CA VAL C 196 41.66 46.61 -8.15
C VAL C 196 43.04 46.22 -8.68
N THR C 197 43.70 45.29 -8.00
CA THR C 197 44.86 44.57 -8.57
C THR C 197 44.40 43.21 -9.09
N HIS C 198 44.89 42.81 -10.23
CA HIS C 198 44.48 41.55 -10.89
C HIS C 198 45.44 41.28 -12.05
N GLN C 199 45.72 40.02 -12.30
CA GLN C 199 46.77 39.63 -13.25
C GLN C 199 46.47 40.20 -14.65
N GLY C 200 45.21 40.47 -15.02
CA GLY C 200 44.82 40.93 -16.37
C GLY C 200 44.97 42.44 -16.55
N LEU C 201 45.53 43.10 -15.54
CA LEU C 201 45.64 44.57 -15.50
C LEU C 201 47.12 44.89 -15.43
N SER C 202 47.63 45.60 -16.43
CA SER C 202 49.06 46.03 -16.45
C SER C 202 49.34 46.77 -15.14
N SER C 203 48.49 47.74 -14.79
CA SER C 203 48.56 48.51 -13.51
C SER C 203 47.18 48.50 -12.85
N PRO C 204 47.11 48.58 -11.51
CA PRO C 204 45.83 48.56 -10.82
C PRO C 204 44.85 49.59 -11.37
N VAL C 205 43.62 49.17 -11.62
CA VAL C 205 42.52 50.07 -12.08
C VAL C 205 41.86 50.67 -10.84
N THR C 206 41.67 51.98 -10.89
CA THR C 206 40.85 52.68 -9.88
C THR C 206 39.63 53.28 -10.55
N LYS C 207 38.46 53.07 -9.97
CA LYS C 207 37.24 53.80 -10.31
C LYS C 207 36.85 54.53 -9.02
N SER C 208 36.41 55.78 -9.10
CA SER C 208 36.03 56.59 -7.91
C SER C 208 34.91 57.52 -8.30
N PHE C 209 34.24 58.06 -7.30
CA PHE C 209 33.21 59.11 -7.43
C PHE C 209 33.47 60.15 -6.32
N ASN C 210 33.29 61.43 -6.62
CA ASN C 210 33.10 62.50 -5.61
C ASN C 210 31.63 62.49 -5.27
N ARG C 211 31.24 62.52 -4.01
CA ARG C 211 29.81 62.66 -3.65
C ARG C 211 29.23 63.89 -4.40
N GLY C 212 28.08 63.73 -5.07
CA GLY C 212 27.36 64.78 -5.82
C GLY C 212 28.26 65.55 -6.77
N VAL D 2 10.45 8.84 -11.03
CA VAL D 2 11.28 8.47 -9.83
C VAL D 2 11.85 9.73 -9.22
N GLN D 3 11.55 10.00 -7.96
CA GLN D 3 11.97 11.27 -7.31
C GLN D 3 11.77 11.14 -5.80
N LEU D 4 12.44 12.02 -5.08
CA LEU D 4 12.29 12.20 -3.64
C LEU D 4 12.02 13.69 -3.39
N VAL D 5 11.04 14.04 -2.56
CA VAL D 5 10.71 15.45 -2.19
C VAL D 5 10.78 15.64 -0.67
N GLU D 6 11.77 16.41 -0.22
CA GLU D 6 11.90 16.74 1.21
C GLU D 6 10.96 17.89 1.55
N SER D 7 10.49 17.95 2.78
CA SER D 7 9.69 19.08 3.31
C SER D 7 9.87 19.11 4.83
N GLY D 8 9.46 20.24 5.47
CA GLY D 8 9.57 20.44 6.93
C GLY D 8 10.76 21.28 7.37
N GLY D 9 11.62 21.70 6.47
CA GLY D 9 12.71 22.62 6.84
C GLY D 9 12.22 24.03 7.19
N GLY D 10 13.08 24.84 7.77
CA GLY D 10 12.72 26.18 8.28
C GLY D 10 13.71 26.72 9.28
N LEU D 11 13.48 27.95 9.70
CA LEU D 11 14.10 28.60 10.86
C LEU D 11 13.46 28.04 12.14
N VAL D 12 14.30 27.59 13.08
CA VAL D 12 13.87 26.93 14.35
C VAL D 12 14.87 27.30 15.43
N GLN D 13 14.40 27.38 16.67
CA GLN D 13 15.21 27.80 17.83
C GLN D 13 16.16 26.69 18.21
N PRO D 14 17.36 27.01 18.72
CA PRO D 14 18.20 26.01 19.35
C PRO D 14 17.45 25.31 20.48
N GLY D 15 17.72 24.01 20.65
CA GLY D 15 17.06 23.16 21.65
C GLY D 15 15.68 22.72 21.18
N GLY D 16 15.24 23.29 20.07
CA GLY D 16 13.96 22.93 19.47
C GLY D 16 14.03 21.59 18.75
N SER D 17 12.96 21.36 18.00
CA SER D 17 12.59 20.04 17.51
C SER D 17 11.92 20.23 16.15
N LEU D 18 12.42 19.53 15.15
CA LEU D 18 11.93 19.69 13.78
C LEU D 18 11.86 18.29 13.14
N ARG D 19 10.82 18.02 12.37
CA ARG D 19 10.64 16.74 11.64
C ARG D 19 10.69 17.04 10.13
N LEU D 20 11.73 16.51 9.47
CA LEU D 20 11.83 16.44 8.00
C LEU D 20 11.08 15.21 7.51
N SER D 21 10.50 15.38 6.34
CA SER D 21 9.76 14.34 5.57
C SER D 21 10.46 14.14 4.23
N CYS D 22 10.48 12.92 3.73
CA CYS D 22 11.05 12.56 2.42
C CYS D 22 10.00 11.73 1.66
N ALA D 23 9.28 12.34 0.72
CA ALA D 23 8.22 11.62 -0.05
C ALA D 23 8.82 10.98 -1.30
N ALA D 24 8.72 9.66 -1.41
CA ALA D 24 9.08 8.87 -2.60
C ALA D 24 7.96 8.82 -3.64
N SER D 25 8.33 8.89 -4.92
CA SER D 25 7.44 8.64 -6.07
C SER D 25 8.19 7.74 -7.07
N GLY D 26 7.44 6.86 -7.75
CA GLY D 26 7.95 6.00 -8.83
C GLY D 26 8.62 4.72 -8.32
N PHE D 27 8.72 4.60 -7.00
CA PHE D 27 9.19 3.37 -6.31
C PHE D 27 8.56 3.36 -4.92
N ASN D 28 8.64 2.23 -4.25
CA ASN D 28 8.11 1.99 -2.90
C ASN D 28 9.26 1.78 -1.89
N VAL D 29 9.24 2.59 -0.85
CA VAL D 29 10.33 2.77 0.15
C VAL D 29 10.64 1.43 0.82
N LYS D 30 9.68 0.51 0.86
CA LYS D 30 9.84 -0.83 1.45
C LYS D 30 11.03 -1.56 0.85
N TYR D 31 11.41 -1.32 -0.41
CA TYR D 31 12.43 -2.18 -1.04
C TYR D 31 13.80 -1.49 -1.16
N TYR D 32 13.99 -0.36 -0.52
CA TYR D 32 15.20 0.45 -0.71
C TYR D 32 15.71 0.87 0.66
N MET D 33 16.94 1.37 0.70
CA MET D 33 17.47 2.01 1.94
C MET D 33 17.35 3.53 1.73
N MET D 34 16.70 4.23 2.64
CA MET D 34 16.55 5.72 2.56
C MET D 34 17.62 6.38 3.47
N HIS D 35 18.31 7.40 2.97
CA HIS D 35 19.40 8.08 3.68
C HIS D 35 19.04 9.55 3.95
N TRP D 36 19.50 10.10 5.06
CA TRP D 36 19.61 11.57 5.21
C TRP D 36 21.08 12.01 5.22
N VAL D 37 21.38 12.99 4.38
CA VAL D 37 22.74 13.59 4.22
C VAL D 37 22.53 15.09 4.32
N ARG D 38 23.38 15.77 5.06
CA ARG D 38 23.24 17.23 5.26
C ARG D 38 24.51 17.90 4.76
N GLN D 39 24.36 19.17 4.39
CA GLN D 39 25.46 20.03 3.95
C GLN D 39 25.34 21.42 4.59
N ALA D 40 26.20 21.72 5.54
CA ALA D 40 26.22 23.04 6.19
C ALA D 40 26.71 24.03 5.14
N PRO D 41 26.18 25.27 5.15
CA PRO D 41 26.49 26.25 4.11
C PRO D 41 27.99 26.40 3.86
N GLY D 42 28.37 26.25 2.58
CA GLY D 42 29.76 26.24 2.10
C GLY D 42 30.56 25.03 2.54
N LYS D 43 29.96 23.96 3.07
CA LYS D 43 30.72 22.82 3.66
C LYS D 43 30.49 21.52 2.87
N GLY D 44 31.12 20.43 3.32
CA GLY D 44 31.11 19.10 2.68
C GLY D 44 29.80 18.36 2.96
N LEU D 45 29.55 17.26 2.24
CA LEU D 45 28.39 16.38 2.55
C LEU D 45 28.73 15.59 3.82
N GLU D 46 27.77 15.53 4.73
CA GLU D 46 27.92 14.71 5.94
C GLU D 46 26.71 13.80 6.06
N TRP D 47 26.98 12.50 5.95
CA TRP D 47 25.96 11.46 6.12
C TRP D 47 25.49 11.48 7.56
N VAL D 48 24.18 11.37 7.79
CA VAL D 48 23.50 11.58 9.09
C VAL D 48 22.90 10.24 9.53
N ALA D 49 22.16 9.57 8.65
CA ALA D 49 21.40 8.37 9.06
C ALA D 49 20.75 7.66 7.88
N ALA D 50 20.35 6.41 8.08
CA ALA D 50 19.70 5.59 7.04
C ALA D 50 18.73 4.62 7.72
N ILE D 51 17.68 4.27 7.01
CA ILE D 51 16.71 3.23 7.43
C ILE D 51 16.48 2.30 6.24
N SER D 52 16.37 0.99 6.49
CA SER D 52 15.67 0.01 5.62
C SER D 52 14.24 -0.23 6.12
N PRO D 53 13.20 0.40 5.53
CA PRO D 53 11.82 0.27 6.01
C PRO D 53 11.19 -1.14 6.00
N GLY D 54 11.63 -1.99 5.06
CA GLY D 54 11.32 -3.42 5.03
C GLY D 54 11.61 -4.11 6.36
N TYR D 55 12.78 -3.85 6.95
CA TYR D 55 13.33 -4.55 8.14
C TYR D 55 13.31 -3.65 9.40
N ASP D 56 13.01 -2.36 9.23
CA ASP D 56 13.09 -1.27 10.24
C ASP D 56 14.48 -1.14 10.89
N TYR D 57 15.55 -1.62 10.24
CA TYR D 57 16.97 -1.45 10.63
C TYR D 57 17.40 -0.01 10.41
N THR D 58 17.89 0.66 11.47
CA THR D 58 18.30 2.08 11.45
C THR D 58 19.81 2.17 11.55
N TYR D 59 20.39 3.28 11.09
CA TYR D 59 21.83 3.57 11.22
C TYR D 59 22.01 5.08 11.45
N TYR D 60 23.01 5.45 12.27
CA TYR D 60 23.21 6.85 12.66
C TYR D 60 24.70 7.18 12.72
N ALA D 61 25.05 8.38 12.31
CA ALA D 61 26.35 9.01 12.61
C ALA D 61 26.41 9.35 14.12
N ASP D 62 27.59 9.31 14.74
CA ASP D 62 27.81 9.63 16.18
C ASP D 62 27.34 11.08 16.46
N SER D 63 27.47 11.98 15.51
CA SER D 63 27.08 13.40 15.62
C SER D 63 25.57 13.63 15.92
N VAL D 64 24.66 12.68 15.61
CA VAL D 64 23.17 12.83 15.75
C VAL D 64 22.58 11.72 16.62
N LYS D 65 23.31 10.62 16.84
CA LYS D 65 22.83 9.47 17.65
C LYS D 65 22.18 9.99 18.94
N GLY D 66 21.04 9.39 19.33
CA GLY D 66 20.28 9.79 20.53
C GLY D 66 19.42 11.05 20.32
N ARG D 67 19.94 12.04 19.60
CA ARG D 67 19.25 13.33 19.41
C ARG D 67 18.27 13.22 18.22
N PHE D 68 18.68 12.55 17.15
CA PHE D 68 17.86 12.42 15.91
C PHE D 68 17.30 11.02 15.83
N THR D 69 16.09 10.85 15.30
CA THR D 69 15.44 9.53 15.03
C THR D 69 15.09 9.48 13.54
N ILE D 70 15.58 8.50 12.81
CA ILE D 70 15.12 8.24 11.43
C ILE D 70 14.01 7.18 11.51
N SER D 71 12.97 7.27 10.69
CA SER D 71 11.87 6.29 10.63
C SER D 71 11.24 6.38 9.24
N ALA D 72 10.24 5.52 9.03
CA ALA D 72 9.53 5.38 7.75
C ALA D 72 8.14 4.78 8.00
N ASP D 73 7.21 5.20 7.17
CA ASP D 73 5.89 4.57 7.00
C ASP D 73 5.84 4.08 5.55
N THR D 74 5.84 2.76 5.30
CA THR D 74 5.72 2.20 3.93
C THR D 74 4.33 2.52 3.38
N SER D 75 3.30 2.66 4.25
CA SER D 75 1.91 3.04 3.91
C SER D 75 1.86 4.44 3.31
N LYS D 76 2.82 5.27 3.67
CA LYS D 76 2.83 6.68 3.21
C LYS D 76 3.95 6.85 2.19
N ASN D 77 4.69 5.76 1.89
CA ASN D 77 5.82 5.82 0.94
C ASN D 77 6.72 7.02 1.30
N THR D 78 7.02 7.17 2.60
CA THR D 78 7.70 8.38 3.14
C THR D 78 8.64 8.01 4.27
N ALA D 79 9.78 8.71 4.37
CA ALA D 79 10.78 8.57 5.47
C ALA D 79 10.86 9.92 6.20
N TYR D 80 11.27 9.86 7.44
CA TYR D 80 11.27 11.04 8.34
C TYR D 80 12.62 11.07 9.05
N LEU D 81 13.05 12.31 9.37
CA LEU D 81 14.16 12.61 10.30
C LEU D 81 13.61 13.53 11.39
N GLN D 82 13.44 12.94 12.59
CA GLN D 82 12.91 13.68 13.76
C GLN D 82 14.13 14.26 14.43
N MET D 83 14.34 15.56 14.27
CA MET D 83 15.53 16.27 14.83
C MET D 83 15.15 16.88 16.17
N ASN D 84 15.87 16.56 17.23
CA ASN D 84 15.63 17.09 18.59
C ASN D 84 16.93 17.75 19.08
N SER D 85 16.86 18.53 20.16
CA SER D 85 18.03 19.19 20.81
C SER D 85 18.83 19.93 19.75
N LEU D 86 18.19 20.66 18.85
CA LEU D 86 18.86 21.24 17.67
C LEU D 86 19.92 22.24 18.15
N ARG D 87 21.07 22.16 17.49
CA ARG D 87 22.28 23.00 17.70
C ARG D 87 22.52 23.81 16.43
N ALA D 88 23.20 24.95 16.56
CA ALA D 88 23.77 25.75 15.46
C ALA D 88 24.46 24.82 14.47
N GLU D 89 25.21 23.80 14.91
CA GLU D 89 25.93 22.93 13.91
C GLU D 89 25.01 22.11 13.03
N ASP D 90 23.70 22.11 13.29
CA ASP D 90 22.75 21.24 12.56
C ASP D 90 22.19 22.07 11.40
N THR D 91 22.45 23.37 11.42
CA THR D 91 22.11 24.30 10.32
C THR D 91 22.66 23.70 9.01
N ALA D 92 21.80 23.39 8.04
CA ALA D 92 22.29 22.75 6.82
C ALA D 92 21.13 22.54 5.86
N VAL D 93 21.43 22.35 4.60
CA VAL D 93 20.48 21.72 3.67
C VAL D 93 20.44 20.23 4.01
N TYR D 94 19.25 19.69 4.17
CA TYR D 94 19.06 18.25 4.49
C TYR D 94 18.56 17.62 3.21
N TYR D 95 19.31 16.64 2.69
CA TYR D 95 18.93 15.86 1.50
C TYR D 95 18.46 14.49 1.96
N CYS D 96 17.40 13.98 1.38
CA CYS D 96 17.22 12.52 1.41
C CYS D 96 17.64 11.87 0.08
N SER D 97 18.12 10.63 0.18
CA SER D 97 18.57 9.79 -0.97
C SER D 97 18.09 8.35 -0.79
N ARG D 98 18.32 7.54 -1.81
CA ARG D 98 17.80 6.16 -1.88
C ARG D 98 18.94 5.26 -2.36
N SER D 99 19.11 4.11 -1.73
CA SER D 99 19.97 3.03 -2.26
C SER D 99 19.21 1.70 -2.28
N TYR D 100 19.65 0.77 -3.09
CA TYR D 100 19.08 -0.60 -3.24
C TYR D 100 20.13 -1.59 -2.72
N TRP D 101 19.74 -2.49 -1.81
CA TRP D 101 20.55 -3.64 -1.30
C TRP D 101 21.90 -3.07 -0.84
N ARG D 102 23.02 -3.45 -1.47
CA ARG D 102 24.39 -3.02 -1.07
C ARG D 102 24.91 -1.91 -1.99
N TYR D 103 24.18 -1.57 -3.04
CA TYR D 103 24.59 -0.65 -4.13
C TYR D 103 24.63 0.77 -3.60
N SER D 104 25.23 1.67 -4.38
CA SER D 104 25.48 3.10 -4.05
C SER D 104 24.17 3.92 -4.20
N VAL D 105 24.00 5.03 -3.46
CA VAL D 105 22.78 5.87 -3.64
C VAL D 105 22.74 6.44 -5.07
N ASP D 106 21.56 6.37 -5.72
CA ASP D 106 21.39 6.79 -7.15
C ASP D 106 20.46 8.01 -7.26
N VAL D 107 19.47 8.16 -6.39
CA VAL D 107 18.48 9.27 -6.45
C VAL D 107 18.57 10.15 -5.20
N TRP D 108 18.78 11.45 -5.37
CA TRP D 108 18.68 12.51 -4.31
C TRP D 108 17.44 13.39 -4.48
N GLY D 109 16.84 13.82 -3.36
CA GLY D 109 15.93 14.98 -3.31
C GLY D 109 16.65 16.30 -3.54
N GLN D 110 15.89 17.35 -3.80
CA GLN D 110 16.37 18.77 -3.98
C GLN D 110 16.90 19.35 -2.66
N GLY D 111 16.53 18.81 -1.50
CA GLY D 111 17.04 19.31 -0.21
C GLY D 111 16.08 20.30 0.45
N THR D 112 16.20 20.48 1.77
CA THR D 112 15.39 21.43 2.57
C THR D 112 16.30 22.09 3.63
N LEU D 113 16.39 23.42 3.58
CA LEU D 113 17.22 24.26 4.47
C LEU D 113 16.60 24.27 5.88
N VAL D 114 17.36 23.79 6.84
CA VAL D 114 17.12 23.99 8.28
C VAL D 114 18.13 25.01 8.81
N THR D 115 17.64 26.08 9.40
CA THR D 115 18.48 27.11 10.06
C THR D 115 18.22 27.08 11.55
N VAL D 116 19.22 26.74 12.37
CA VAL D 116 19.03 26.69 13.84
C VAL D 116 19.63 27.96 14.42
N SER D 117 18.79 28.84 14.95
CA SER D 117 19.15 30.20 15.44
C SER D 117 18.00 30.76 16.27
N SER D 118 18.33 31.61 17.22
CA SER D 118 17.37 32.32 18.11
C SER D 118 17.06 33.69 17.52
N ALA D 119 17.83 34.15 16.53
CA ALA D 119 17.60 35.43 15.83
C ALA D 119 16.30 35.37 15.02
N SER D 120 15.63 36.52 15.03
CA SER D 120 14.27 36.75 14.51
C SER D 120 14.32 36.86 12.99
N THR D 121 13.20 36.55 12.38
CA THR D 121 12.93 36.82 10.96
C THR D 121 13.00 38.33 10.70
N LYS D 122 13.77 38.75 9.70
CA LYS D 122 13.90 40.16 9.35
C LYS D 122 13.84 40.24 7.82
N GLY D 123 12.88 41.02 7.29
CA GLY D 123 12.77 41.36 5.86
C GLY D 123 13.90 42.27 5.36
N PRO D 124 14.32 42.17 4.08
CA PRO D 124 15.39 43.04 3.56
C PRO D 124 14.94 44.44 3.14
N SER D 125 15.83 45.41 3.34
CA SER D 125 15.77 46.74 2.71
C SER D 125 16.44 46.64 1.34
N VAL D 126 15.73 47.04 0.30
CA VAL D 126 16.24 47.06 -1.09
C VAL D 126 16.57 48.50 -1.51
N PHE D 127 17.81 48.72 -1.92
CA PHE D 127 18.32 50.05 -2.30
C PHE D 127 18.84 49.96 -3.72
N PRO D 128 18.64 51.01 -4.54
CA PRO D 128 19.14 51.01 -5.91
C PRO D 128 20.66 51.21 -5.99
N LEU D 129 21.26 50.59 -7.02
CA LEU D 129 22.65 50.84 -7.48
C LEU D 129 22.50 51.45 -8.87
N ALA D 130 22.55 52.78 -8.94
CA ALA D 130 22.19 53.63 -10.11
C ALA D 130 23.24 53.48 -11.20
N PRO D 131 22.84 53.32 -12.50
CA PRO D 131 23.77 53.11 -13.61
C PRO D 131 24.97 54.07 -13.71
N SER D 137 28.03 56.72 -22.94
CA SER D 137 26.90 56.74 -23.91
C SER D 137 27.05 55.60 -24.92
N GLY D 138 28.30 55.27 -25.33
CA GLY D 138 28.63 54.29 -26.38
C GLY D 138 28.73 52.83 -25.91
N GLY D 139 28.87 52.52 -24.61
CA GLY D 139 29.32 51.19 -24.18
C GLY D 139 28.32 50.41 -23.32
N THR D 140 28.80 49.38 -22.63
CA THR D 140 27.99 48.65 -21.62
C THR D 140 27.99 49.44 -20.31
N ALA D 141 26.82 49.62 -19.73
CA ALA D 141 26.63 50.17 -18.37
C ALA D 141 26.39 49.02 -17.38
N ALA D 142 26.28 49.37 -16.10
CA ALA D 142 26.16 48.45 -14.97
C ALA D 142 25.20 49.06 -13.95
N LEU D 143 24.23 48.27 -13.52
CA LEU D 143 23.18 48.72 -12.57
C LEU D 143 22.76 47.55 -11.71
N GLY D 144 22.18 47.84 -10.56
CA GLY D 144 21.78 46.74 -9.69
C GLY D 144 20.91 47.21 -8.55
N CYS D 145 20.74 46.30 -7.58
CA CYS D 145 20.18 46.67 -6.27
C CYS D 145 20.89 45.90 -5.15
N LEU D 146 20.98 46.58 -4.02
CA LEU D 146 21.56 46.08 -2.76
C LEU D 146 20.39 45.57 -1.92
N VAL D 147 20.47 44.30 -1.51
CA VAL D 147 19.42 43.60 -0.70
C VAL D 147 20.06 43.41 0.67
N LYS D 148 19.65 44.23 1.63
CA LYS D 148 20.39 44.48 2.89
C LYS D 148 19.57 44.14 4.14
N ASP D 149 20.20 43.41 5.06
CA ASP D 149 19.84 43.32 6.50
C ASP D 149 18.62 42.41 6.64
N TYR D 150 18.71 41.17 6.17
CA TYR D 150 17.59 40.19 6.26
C TYR D 150 18.10 38.94 6.96
N PHE D 151 17.15 38.20 7.56
CA PHE D 151 17.38 36.86 8.19
C PHE D 151 16.06 36.09 8.21
N PRO D 152 16.03 34.78 7.92
CA PRO D 152 17.19 34.00 7.51
C PRO D 152 17.35 34.01 6.00
N GLU D 153 18.30 33.22 5.50
CA GLU D 153 18.39 32.86 4.06
C GLU D 153 17.18 31.98 3.78
N PRO D 154 16.68 31.89 2.53
CA PRO D 154 17.24 32.61 1.39
C PRO D 154 16.35 33.79 0.98
N VAL D 155 16.80 34.48 -0.06
CA VAL D 155 16.09 35.58 -0.75
C VAL D 155 16.27 35.30 -2.23
N THR D 156 15.31 35.64 -3.08
CA THR D 156 15.43 35.50 -4.55
C THR D 156 15.33 36.88 -5.18
N VAL D 157 16.04 37.07 -6.29
CA VAL D 157 16.10 38.36 -7.02
C VAL D 157 15.89 38.05 -8.50
N SER D 158 15.02 38.79 -9.17
CA SER D 158 14.96 38.72 -10.66
C SER D 158 14.93 40.14 -11.21
N TRP D 159 15.00 40.27 -12.53
CA TRP D 159 14.98 41.61 -13.20
C TRP D 159 13.79 41.72 -14.14
N ASN D 160 13.13 42.88 -14.12
CA ASN D 160 11.97 43.29 -15.00
C ASN D 160 10.91 42.14 -14.98
N SER D 161 10.52 41.71 -13.77
CA SER D 161 9.51 40.64 -13.53
C SER D 161 9.73 39.41 -14.44
N GLY D 162 10.98 38.93 -14.54
CA GLY D 162 11.38 37.71 -15.27
C GLY D 162 12.11 38.01 -16.59
N ALA D 163 11.85 39.19 -17.16
CA ALA D 163 12.21 39.52 -18.56
C ALA D 163 13.71 39.28 -18.88
N LEU D 164 14.70 39.79 -18.11
CA LEU D 164 16.12 39.52 -18.50
C LEU D 164 16.93 38.80 -17.42
N THR D 165 17.67 37.82 -17.93
CA THR D 165 18.53 36.83 -17.24
C THR D 165 19.98 37.00 -17.74
N SER D 166 20.12 37.62 -18.92
CA SER D 166 21.39 37.85 -19.66
C SER D 166 22.28 38.83 -18.86
N GLY D 167 23.52 38.46 -18.56
CA GLY D 167 24.45 39.39 -17.85
C GLY D 167 23.98 39.73 -16.44
N VAL D 168 23.17 38.88 -15.82
CA VAL D 168 22.77 39.12 -14.40
C VAL D 168 23.72 38.35 -13.49
N HIS D 169 24.22 38.98 -12.43
CA HIS D 169 25.01 38.32 -11.37
C HIS D 169 24.38 38.70 -10.05
N THR D 170 23.69 37.75 -9.42
CA THR D 170 23.23 37.84 -8.02
C THR D 170 24.27 37.14 -7.16
N PHE D 171 25.01 37.94 -6.39
CA PHE D 171 26.11 37.49 -5.50
C PHE D 171 25.52 36.60 -4.41
N PRO D 172 26.27 35.57 -4.01
CA PRO D 172 26.01 34.85 -2.78
C PRO D 172 25.89 35.86 -1.63
N ALA D 173 24.94 35.65 -0.74
CA ALA D 173 24.73 36.41 0.50
C ALA D 173 25.95 36.24 1.39
N VAL D 174 26.28 37.24 2.15
CA VAL D 174 27.26 37.08 3.23
C VAL D 174 26.64 37.68 4.47
N LEU D 175 27.00 37.11 5.61
CA LEU D 175 26.57 37.50 6.97
C LEU D 175 27.39 38.70 7.38
N GLN D 176 26.72 39.79 7.74
CA GLN D 176 27.37 41.00 8.33
C GLN D 176 27.67 40.73 9.81
N SER D 177 28.43 41.61 10.45
CA SER D 177 28.81 41.45 11.89
C SER D 177 27.57 41.67 12.80
N SER D 178 26.56 42.37 12.30
CA SER D 178 25.19 42.54 12.88
C SER D 178 24.38 41.22 12.92
N GLY D 179 24.85 40.14 12.29
CA GLY D 179 24.19 38.83 12.36
C GLY D 179 23.12 38.68 11.30
N LEU D 180 23.02 39.64 10.38
CA LEU D 180 22.04 39.69 9.26
C LEU D 180 22.77 39.64 7.91
N TYR D 181 22.13 39.00 6.95
CA TYR D 181 22.64 38.85 5.56
C TYR D 181 22.47 40.14 4.75
N SER D 182 23.34 40.25 3.75
CA SER D 182 23.21 41.27 2.70
C SER D 182 23.74 40.72 1.40
N LEU D 183 23.17 41.15 0.27
CA LEU D 183 23.72 40.80 -1.06
C LEU D 183 23.39 41.90 -2.08
N SER D 184 24.09 41.92 -3.20
CA SER D 184 23.76 42.74 -4.37
C SER D 184 23.43 41.83 -5.55
N SER D 185 22.46 42.26 -6.36
CA SER D 185 22.22 41.71 -7.70
C SER D 185 22.54 42.81 -8.68
N VAL D 186 23.23 42.43 -9.73
CA VAL D 186 23.89 43.36 -10.67
C VAL D 186 23.60 42.88 -12.09
N VAL D 187 23.39 43.80 -13.03
CA VAL D 187 23.22 43.47 -14.47
C VAL D 187 24.00 44.50 -15.30
N THR D 188 24.64 44.06 -16.37
CA THR D 188 25.24 44.99 -17.35
C THR D 188 24.37 45.00 -18.61
N VAL D 189 24.27 46.17 -19.22
CA VAL D 189 23.38 46.43 -20.39
C VAL D 189 24.11 47.37 -21.34
N PRO D 190 23.79 47.34 -22.65
CA PRO D 190 24.17 48.47 -23.51
C PRO D 190 23.53 49.73 -22.93
N SER D 191 24.32 50.82 -22.82
CA SER D 191 23.93 52.13 -22.22
C SER D 191 22.99 52.88 -23.18
N SER D 192 23.00 52.50 -24.48
CA SER D 192 22.06 52.93 -25.54
C SER D 192 20.63 52.49 -25.18
N SER D 193 20.51 51.51 -24.28
CA SER D 193 19.21 50.96 -23.81
C SER D 193 18.71 51.66 -22.53
N LEU D 194 19.38 52.69 -22.00
CA LEU D 194 18.94 53.25 -20.69
C LEU D 194 17.65 54.08 -20.84
N GLY D 195 17.38 54.68 -22.01
CA GLY D 195 16.07 55.34 -22.25
C GLY D 195 14.95 54.33 -22.37
N THR D 196 15.12 53.43 -23.34
CA THR D 196 14.10 52.55 -23.96
C THR D 196 13.66 51.44 -22.99
N GLN D 197 14.48 51.09 -21.98
CA GLN D 197 14.14 50.15 -20.88
C GLN D 197 14.11 50.90 -19.54
N THR D 198 13.04 50.68 -18.74
CA THR D 198 13.00 50.91 -17.25
C THR D 198 13.40 49.59 -16.57
N TYR D 199 14.21 49.67 -15.50
CA TYR D 199 14.86 48.52 -14.81
C TYR D 199 14.41 48.44 -13.35
N ILE D 200 13.73 47.33 -13.02
CA ILE D 200 13.19 47.03 -11.66
C ILE D 200 13.73 45.65 -11.24
N CYS D 201 14.23 45.56 -10.02
CA CYS D 201 14.57 44.27 -9.38
C CYS D 201 13.38 43.85 -8.49
N ASN D 202 13.06 42.56 -8.57
CA ASN D 202 11.94 41.90 -7.86
C ASN D 202 12.57 41.02 -6.79
N VAL D 203 12.42 41.43 -5.54
CA VAL D 203 13.09 40.79 -4.38
C VAL D 203 12.02 40.04 -3.59
N ASN D 204 12.28 38.78 -3.26
CA ASN D 204 11.32 37.92 -2.56
C ASN D 204 12.05 37.29 -1.36
N HIS D 205 11.75 37.74 -0.15
CA HIS D 205 12.21 37.11 1.11
C HIS D 205 11.02 36.32 1.72
N LYS D 206 10.80 35.09 1.26
CA LYS D 206 9.65 34.26 1.71
C LYS D 206 9.62 34.04 3.23
N PRO D 207 10.76 33.80 3.92
CA PRO D 207 10.72 33.63 5.39
C PRO D 207 10.07 34.78 6.20
N SER D 208 10.21 36.03 5.76
CA SER D 208 9.53 37.21 6.38
C SER D 208 8.26 37.65 5.60
N ASN D 209 7.84 36.96 4.53
CA ASN D 209 6.66 37.35 3.71
C ASN D 209 6.88 38.78 3.23
N THR D 210 8.09 39.07 2.78
CA THR D 210 8.54 40.40 2.28
C THR D 210 8.73 40.32 0.76
N LYS D 211 7.88 41.04 0.03
CA LYS D 211 8.08 41.28 -1.43
C LYS D 211 8.29 42.76 -1.72
N VAL D 212 9.42 43.09 -2.33
CA VAL D 212 9.80 44.48 -2.71
C VAL D 212 10.21 44.52 -4.18
N ASP D 213 9.64 45.49 -4.92
CA ASP D 213 10.04 45.83 -6.31
C ASP D 213 10.78 47.16 -6.26
N LYS D 214 12.05 47.21 -6.68
CA LYS D 214 12.84 48.48 -6.63
C LYS D 214 13.07 49.01 -8.03
N LYS D 215 12.88 50.32 -8.19
CA LYS D 215 13.02 51.10 -9.44
C LYS D 215 14.51 51.48 -9.57
N VAL D 216 15.18 51.17 -10.70
CA VAL D 216 16.63 51.52 -10.91
C VAL D 216 16.82 52.29 -12.21
N GLU D 217 17.07 53.59 -12.10
CA GLU D 217 17.59 54.45 -13.21
C GLU D 217 18.45 55.54 -12.55
N PRO D 218 19.11 56.46 -13.28
CA PRO D 218 20.00 57.41 -12.60
C PRO D 218 19.25 58.65 -12.10
N ASP E 1 -27.60 23.34 -4.52
CA ASP E 1 -26.96 23.44 -3.20
C ASP E 1 -28.05 23.52 -2.12
N ILE E 2 -28.29 22.39 -1.45
CA ILE E 2 -29.07 22.30 -0.19
C ILE E 2 -28.53 23.33 0.81
N GLN E 3 -29.42 23.95 1.60
CA GLN E 3 -29.08 24.93 2.67
C GLN E 3 -29.55 24.34 4.00
N MET E 4 -28.70 24.33 5.02
CA MET E 4 -29.01 23.78 6.35
C MET E 4 -29.23 24.97 7.28
N THR E 5 -30.49 25.40 7.38
CA THR E 5 -30.87 26.66 8.07
C THR E 5 -30.95 26.35 9.57
N GLN E 6 -29.97 26.84 10.31
CA GLN E 6 -29.78 26.43 11.72
C GLN E 6 -30.32 27.51 12.64
N SER E 7 -31.01 27.13 13.71
CA SER E 7 -31.61 28.04 14.71
C SER E 7 -31.58 27.41 16.10
N PRO E 8 -31.36 28.22 17.16
CA PRO E 8 -31.04 29.64 17.01
C PRO E 8 -29.52 29.86 16.78
N SER E 9 -29.18 31.05 16.27
CA SER E 9 -27.82 31.64 16.12
C SER E 9 -27.08 31.49 17.44
N SER E 10 -27.71 31.93 18.52
CA SER E 10 -27.13 31.99 19.88
C SER E 10 -28.19 31.60 20.89
N LEU E 11 -27.75 31.08 22.03
CA LEU E 11 -28.67 30.80 23.14
C LEU E 11 -27.87 30.73 24.41
N SER E 12 -28.56 31.03 25.50
CA SER E 12 -28.00 30.99 26.86
C SER E 12 -28.96 30.16 27.69
N ALA E 13 -28.43 29.10 28.30
CA ALA E 13 -29.23 28.07 28.99
C ALA E 13 -28.51 27.76 30.29
N SER E 14 -29.24 27.32 31.31
CA SER E 14 -28.61 27.14 32.64
C SER E 14 -28.11 25.71 32.89
N VAL E 15 -27.03 25.61 33.65
CA VAL E 15 -26.36 24.31 33.97
C VAL E 15 -27.37 23.29 34.49
N GLY E 16 -28.02 22.55 33.61
CA GLY E 16 -28.93 21.49 34.04
C GLY E 16 -30.21 21.61 33.28
N ASP E 17 -30.33 22.63 32.43
CA ASP E 17 -31.65 22.71 31.73
C ASP E 17 -31.58 22.04 30.36
N ARG E 18 -32.72 21.67 29.81
CA ARG E 18 -32.84 21.07 28.45
C ARG E 18 -32.57 22.14 27.42
N VAL E 19 -31.79 21.81 26.37
CA VAL E 19 -31.42 22.67 25.19
C VAL E 19 -31.65 21.90 23.89
N THR E 20 -32.38 22.53 22.97
CA THR E 20 -32.74 21.95 21.66
C THR E 20 -32.34 22.92 20.56
N ILE E 21 -31.50 22.41 19.66
CA ILE E 21 -30.93 23.13 18.51
C ILE E 21 -31.55 22.45 17.28
N THR E 22 -31.80 23.18 16.19
CA THR E 22 -32.57 22.68 15.01
C THR E 22 -31.87 23.07 13.71
N CYS E 23 -32.01 22.21 12.69
CA CYS E 23 -31.59 22.47 11.29
C CYS E 23 -32.70 22.05 10.34
N ARG E 24 -33.03 22.94 9.40
CA ARG E 24 -34.01 22.66 8.32
C ARG E 24 -33.28 22.62 6.98
N ALA E 25 -33.06 21.40 6.46
CA ALA E 25 -32.64 21.13 5.07
C ALA E 25 -33.68 21.75 4.12
N SER E 26 -33.21 22.55 3.16
CA SER E 26 -34.01 23.25 2.13
C SER E 26 -34.62 22.23 1.15
N GLN E 27 -34.12 20.99 1.14
CA GLN E 27 -34.76 19.81 0.47
C GLN E 27 -34.47 18.55 1.27
N ASP E 28 -35.08 17.42 0.91
CA ASP E 28 -34.90 16.14 1.65
C ASP E 28 -33.41 15.75 1.60
N VAL E 29 -32.93 15.14 2.68
CA VAL E 29 -31.52 14.64 2.83
C VAL E 29 -31.48 13.28 3.55
N ASN E 30 -32.63 12.60 3.69
CA ASN E 30 -32.76 11.29 4.37
C ASN E 30 -32.34 11.46 5.84
N THR E 31 -31.44 10.59 6.29
CA THR E 31 -30.84 10.60 7.66
C THR E 31 -29.39 11.06 7.58
N ALA E 32 -28.92 11.57 6.42
CA ALA E 32 -27.49 11.84 6.16
C ALA E 32 -27.06 13.17 6.79
N VAL E 33 -27.22 13.34 8.11
CA VAL E 33 -26.97 14.61 8.87
C VAL E 33 -26.28 14.28 10.21
N ALA E 34 -25.36 15.14 10.64
CA ALA E 34 -24.54 14.92 11.85
C ALA E 34 -24.44 16.23 12.62
N TRP E 35 -24.23 16.14 13.92
CA TRP E 35 -24.03 17.32 14.78
C TRP E 35 -22.61 17.29 15.33
N TYR E 36 -21.92 18.41 15.21
CA TYR E 36 -20.53 18.61 15.69
C TYR E 36 -20.60 19.59 16.88
N GLN E 37 -19.71 19.39 17.85
CA GLN E 37 -19.41 20.30 18.98
C GLN E 37 -18.03 20.93 18.68
N GLN E 38 -17.92 22.27 18.72
CA GLN E 38 -16.58 22.91 18.55
C GLN E 38 -16.30 23.84 19.73
N LYS E 39 -15.42 23.44 20.63
CA LYS E 39 -14.88 24.33 21.66
C LYS E 39 -13.95 25.33 20.96
N PRO E 40 -13.76 26.57 21.48
CA PRO E 40 -12.90 27.51 20.78
C PRO E 40 -11.47 26.92 20.78
N GLY E 41 -10.78 27.15 19.67
CA GLY E 41 -9.39 26.71 19.45
C GLY E 41 -9.28 25.24 19.05
N LYS E 42 -10.38 24.53 18.86
CA LYS E 42 -10.31 23.05 18.77
C LYS E 42 -11.04 22.62 17.51
N ALA E 43 -10.69 21.44 17.04
CA ALA E 43 -11.35 20.82 15.87
C ALA E 43 -12.75 20.41 16.32
N PRO E 44 -13.79 20.47 15.44
CA PRO E 44 -15.10 19.90 15.75
C PRO E 44 -15.06 18.39 16.04
N LYS E 45 -15.89 17.96 17.01
CA LYS E 45 -16.04 16.54 17.37
C LYS E 45 -17.43 16.12 16.94
N LEU E 46 -17.55 14.96 16.29
CA LEU E 46 -18.83 14.27 16.03
C LEU E 46 -19.51 13.92 17.37
N LEU E 47 -20.75 14.38 17.50
CA LEU E 47 -21.68 14.06 18.60
C LEU E 47 -22.63 12.96 18.13
N ILE E 48 -23.40 13.26 17.09
CA ILE E 48 -24.51 12.42 16.55
C ILE E 48 -24.18 12.15 15.08
N TYR E 49 -24.27 10.90 14.63
CA TYR E 49 -24.12 10.52 13.19
C TYR E 49 -25.44 9.90 12.69
N SER E 50 -25.70 10.03 11.39
CA SER E 50 -26.91 9.60 10.67
C SER E 50 -28.16 10.03 11.47
N ALA E 51 -28.19 11.32 11.81
CA ALA E 51 -29.32 12.05 12.44
C ALA E 51 -29.62 11.62 13.88
N SER E 52 -29.51 10.35 14.27
CA SER E 52 -30.09 9.78 15.52
C SER E 52 -29.06 9.15 16.45
N PHE E 53 -27.89 8.72 15.96
CA PHE E 53 -27.00 7.73 16.63
C PHE E 53 -25.90 8.46 17.41
N LEU E 54 -25.77 8.11 18.69
CA LEU E 54 -24.67 8.57 19.57
C LEU E 54 -23.35 7.96 19.09
N TYR E 55 -22.36 8.81 18.82
CA TYR E 55 -20.96 8.37 18.51
C TYR E 55 -20.34 7.87 19.82
N SER E 56 -19.37 6.94 19.73
CA SER E 56 -18.76 6.26 20.90
C SER E 56 -18.08 7.31 21.79
N GLY E 57 -18.26 7.16 23.11
CA GLY E 57 -17.62 8.04 24.10
C GLY E 57 -18.35 9.37 24.22
N VAL E 58 -19.37 9.60 23.41
CA VAL E 58 -20.18 10.84 23.57
C VAL E 58 -21.20 10.61 24.68
N PRO E 59 -21.25 11.52 25.67
CA PRO E 59 -22.17 11.38 26.79
C PRO E 59 -23.65 11.24 26.43
N SER E 60 -24.37 10.39 27.18
CA SER E 60 -25.82 10.09 27.01
C SER E 60 -26.67 11.35 26.96
N ARG E 61 -26.17 12.44 27.53
CA ARG E 61 -26.85 13.76 27.60
C ARG E 61 -27.25 14.23 26.20
N PHE E 62 -26.40 14.03 25.20
CA PHE E 62 -26.73 14.45 23.81
C PHE E 62 -27.60 13.40 23.14
N SER E 63 -28.51 13.84 22.28
CA SER E 63 -29.40 13.01 21.45
C SER E 63 -29.73 13.78 20.17
N GLY E 64 -30.11 13.04 19.13
CA GLY E 64 -30.43 13.55 17.78
C GLY E 64 -31.73 12.92 17.31
N SER E 65 -32.47 13.68 16.52
CA SER E 65 -33.88 13.42 16.17
C SER E 65 -34.16 14.01 14.79
N ARG E 66 -35.22 13.57 14.11
CA ARG E 66 -35.58 14.03 12.75
C ARG E 66 -37.11 13.94 12.52
N SER E 67 -37.69 14.93 11.84
CA SER E 67 -39.10 15.00 11.38
C SER E 67 -39.07 15.57 9.95
N GLY E 68 -39.13 14.71 8.95
CA GLY E 68 -38.95 15.12 7.53
C GLY E 68 -37.66 15.90 7.34
N THR E 69 -37.75 17.15 6.87
CA THR E 69 -36.62 18.08 6.58
C THR E 69 -36.02 18.73 7.86
N ASP E 70 -36.58 18.46 9.04
CA ASP E 70 -36.27 19.18 10.32
C ASP E 70 -35.50 18.23 11.23
N PHE E 71 -34.26 18.61 11.61
CA PHE E 71 -33.30 17.81 12.43
C PHE E 71 -33.06 18.56 13.74
N THR E 72 -33.00 17.85 14.85
CA THR E 72 -32.89 18.45 16.20
C THR E 72 -31.80 17.74 16.99
N LEU E 73 -30.80 18.50 17.44
CA LEU E 73 -29.89 18.11 18.53
C LEU E 73 -30.53 18.56 19.85
N THR E 74 -30.50 17.69 20.86
CA THR E 74 -31.00 17.94 22.22
C THR E 74 -29.87 17.70 23.22
N ILE E 75 -29.76 18.57 24.21
CA ILE E 75 -28.94 18.33 25.43
C ILE E 75 -29.91 18.21 26.63
N SER E 76 -29.91 17.02 27.25
CA SER E 76 -30.83 16.67 28.36
C SER E 76 -30.59 17.59 29.54
N SER E 77 -29.45 17.46 30.19
CA SER E 77 -29.15 18.40 31.29
C SER E 77 -27.82 19.08 30.99
N LEU E 78 -27.90 20.26 30.37
CA LEU E 78 -26.76 21.11 29.99
C LEU E 78 -25.71 21.12 31.09
N GLN E 79 -24.48 20.77 30.80
CA GLN E 79 -23.43 20.83 31.84
C GLN E 79 -22.53 22.04 31.58
N PRO E 80 -21.56 22.36 32.46
CA PRO E 80 -20.68 23.51 32.27
C PRO E 80 -19.56 23.27 31.26
N GLU E 81 -19.38 22.02 30.84
CA GLU E 81 -18.40 21.62 29.80
C GLU E 81 -19.03 21.87 28.44
N ASP E 82 -20.36 21.99 28.39
CA ASP E 82 -21.14 22.18 27.15
C ASP E 82 -20.98 23.55 26.47
N PHE E 83 -20.27 24.51 27.08
CA PHE E 83 -19.99 25.77 26.37
C PHE E 83 -19.21 25.39 25.12
N ALA E 84 -19.75 25.76 23.97
CA ALA E 84 -19.29 25.39 22.59
C ALA E 84 -20.21 26.03 21.53
N THR E 85 -19.71 26.05 20.27
CA THR E 85 -20.54 26.22 19.05
C THR E 85 -20.88 24.82 18.52
N TYR E 86 -22.12 24.66 18.05
CA TYR E 86 -22.70 23.38 17.59
C TYR E 86 -23.12 23.59 16.13
N TYR E 87 -22.72 22.67 15.25
CA TYR E 87 -23.06 22.74 13.80
C TYR E 87 -23.69 21.41 13.38
N CYS E 88 -24.69 21.47 12.51
CA CYS E 88 -25.17 20.29 11.73
C CYS E 88 -24.46 20.27 10.37
N GLN E 89 -24.32 19.10 9.77
CA GLN E 89 -23.87 19.01 8.38
C GLN E 89 -24.66 17.93 7.67
N GLN E 90 -25.03 18.24 6.43
CA GLN E 90 -25.70 17.35 5.46
C GLN E 90 -24.62 16.73 4.58
N VAL E 91 -24.56 15.39 4.44
CA VAL E 91 -23.61 14.74 3.49
C VAL E 91 -24.40 14.03 2.39
N TYR E 92 -25.63 14.48 2.13
CA TYR E 92 -26.55 13.84 1.16
C TYR E 92 -26.13 14.15 -0.27
N SER E 93 -25.81 15.40 -0.58
CA SER E 93 -25.28 15.78 -1.91
C SER E 93 -24.35 17.01 -1.80
N SER E 94 -23.32 17.02 -2.62
CA SER E 94 -22.33 18.13 -2.70
C SER E 94 -23.06 19.36 -3.23
N PRO E 95 -22.78 20.59 -2.75
CA PRO E 95 -21.87 20.83 -1.62
C PRO E 95 -22.38 20.41 -0.25
N PHE E 96 -21.48 19.83 0.55
CA PHE E 96 -21.84 19.19 1.83
C PHE E 96 -21.99 20.31 2.86
N THR E 97 -23.11 21.05 2.78
CA THR E 97 -23.28 22.34 3.50
C THR E 97 -23.36 22.13 5.01
N PHE E 98 -22.74 23.05 5.76
CA PHE E 98 -22.85 23.20 7.23
C PHE E 98 -23.93 24.21 7.61
N GLY E 99 -24.59 24.01 8.75
CA GLY E 99 -25.47 25.02 9.34
C GLY E 99 -24.66 26.24 9.75
N GLN E 100 -25.31 27.37 10.06
CA GLN E 100 -24.63 28.65 10.42
C GLN E 100 -23.92 28.47 11.77
N GLY E 101 -24.39 27.52 12.59
CA GLY E 101 -23.90 27.23 13.95
C GLY E 101 -24.82 27.79 15.03
N THR E 102 -24.73 27.22 16.23
CA THR E 102 -25.36 27.74 17.47
C THR E 102 -24.29 27.87 18.56
N LYS E 103 -24.03 29.08 19.02
CA LYS E 103 -23.08 29.32 20.13
C LYS E 103 -23.89 29.17 21.41
N VAL E 104 -23.43 28.32 22.30
CA VAL E 104 -24.20 27.99 23.53
C VAL E 104 -23.40 28.58 24.68
N GLU E 105 -23.98 29.59 25.30
CA GLU E 105 -23.36 30.25 26.46
C GLU E 105 -24.09 29.70 27.67
N ILE E 106 -23.36 29.35 28.72
CA ILE E 106 -23.98 28.75 29.92
C ILE E 106 -24.45 29.85 30.87
N LYS E 107 -25.76 29.89 31.10
CA LYS E 107 -26.41 30.84 32.03
C LYS E 107 -26.06 30.38 33.45
N ARG E 108 -25.64 31.31 34.28
CA ARG E 108 -25.23 31.05 35.69
C ARG E 108 -25.60 32.27 36.51
N THR E 109 -25.44 32.15 37.83
CA THR E 109 -25.68 33.25 38.81
C THR E 109 -24.81 34.46 38.42
N VAL E 110 -25.31 35.69 38.64
CA VAL E 110 -24.60 37.00 38.48
C VAL E 110 -23.31 36.96 39.30
N ALA E 111 -22.22 37.52 38.79
CA ALA E 111 -20.88 37.53 39.44
C ALA E 111 -20.14 38.82 39.06
N ALA E 112 -19.72 39.62 40.05
CA ALA E 112 -19.19 41.01 39.89
C ALA E 112 -17.74 40.93 39.42
N PRO E 113 -17.28 41.75 38.44
CA PRO E 113 -15.89 41.74 38.05
C PRO E 113 -15.05 42.32 39.19
N SER E 114 -13.98 41.63 39.58
CA SER E 114 -12.81 42.23 40.27
C SER E 114 -12.08 43.08 39.22
N VAL E 115 -11.82 44.35 39.54
CA VAL E 115 -11.25 45.31 38.57
C VAL E 115 -9.83 45.70 38.99
N PHE E 116 -8.97 45.89 37.98
CA PHE E 116 -7.51 46.17 38.11
C PHE E 116 -7.13 47.15 36.99
N ILE E 117 -6.14 48.02 37.23
CA ILE E 117 -5.64 48.99 36.22
C ILE E 117 -4.11 49.02 36.21
N PHE E 118 -3.52 49.25 35.04
CA PHE E 118 -2.05 49.08 34.77
C PHE E 118 -1.52 50.25 33.95
N PRO E 119 -0.56 51.04 34.49
CA PRO E 119 0.01 52.15 33.73
C PRO E 119 1.02 51.63 32.71
N PRO E 120 1.36 52.41 31.66
CA PRO E 120 2.35 51.99 30.68
C PRO E 120 3.70 51.67 31.33
N SER E 121 4.41 50.68 30.79
CA SER E 121 5.76 50.29 31.31
C SER E 121 6.74 51.42 31.03
N ASP E 122 7.65 51.59 31.98
CA ASP E 122 8.96 52.27 31.86
C ASP E 122 9.45 52.10 30.40
N GLU E 123 9.78 50.86 30.03
CA GLU E 123 10.40 50.49 28.72
C GLU E 123 9.55 51.01 27.55
N GLN E 124 8.23 50.75 27.55
CA GLN E 124 7.32 51.00 26.39
C GLN E 124 7.46 52.45 25.92
N LEU E 125 7.34 53.39 26.85
CA LEU E 125 7.18 54.84 26.56
C LEU E 125 8.12 55.30 25.43
N LYS E 126 9.41 54.95 25.43
CA LYS E 126 10.37 55.57 24.46
C LYS E 126 10.03 55.20 23.01
N SER E 127 9.16 54.22 22.77
CA SER E 127 8.76 53.76 21.42
C SER E 127 7.64 54.64 20.80
N THR E 129 4.75 55.54 21.80
CA THR E 129 3.36 55.07 22.09
C THR E 129 3.33 54.55 23.55
N ALA E 130 2.13 54.57 24.15
CA ALA E 130 1.87 54.21 25.58
C ALA E 130 0.53 53.50 25.74
N SER E 131 0.50 52.36 26.44
CA SER E 131 -0.69 51.46 26.53
C SER E 131 -1.16 51.33 27.99
N VAL E 132 -2.46 51.61 28.20
CA VAL E 132 -3.06 51.60 29.56
C VAL E 132 -4.08 50.47 29.57
N VAL E 133 -3.91 49.54 30.50
CA VAL E 133 -4.74 48.31 30.51
C VAL E 133 -5.60 48.29 31.78
N CYS E 134 -6.91 48.15 31.60
CA CYS E 134 -7.92 47.88 32.66
C CYS E 134 -8.38 46.40 32.51
N LEU E 135 -8.38 45.63 33.59
CA LEU E 135 -8.75 44.19 33.60
C LEU E 135 -10.00 43.94 34.45
N LEU E 136 -11.03 43.35 33.85
CA LEU E 136 -12.27 42.93 34.56
C LEU E 136 -12.19 41.41 34.69
N ASN E 137 -12.07 40.91 35.91
CA ASN E 137 -11.78 39.49 36.17
C ASN E 137 -13.04 38.80 36.69
N ASN E 138 -13.38 37.68 36.05
CA ASN E 138 -14.30 36.61 36.54
C ASN E 138 -15.67 37.16 36.88
N PHE E 139 -16.33 37.73 35.87
CA PHE E 139 -17.67 38.35 35.96
C PHE E 139 -18.64 37.63 35.04
N TYR E 140 -19.93 37.72 35.35
CA TYR E 140 -21.08 37.23 34.57
C TYR E 140 -22.29 38.10 34.88
N PRO E 141 -23.09 38.61 33.92
CA PRO E 141 -22.98 38.28 32.49
C PRO E 141 -21.87 38.96 31.70
N ARG E 142 -21.74 38.64 30.41
CA ARG E 142 -20.68 39.11 29.46
C ARG E 142 -20.78 40.63 29.31
N GLU E 143 -22.02 41.15 29.31
CA GLU E 143 -22.32 42.59 29.13
C GLU E 143 -21.52 43.39 30.15
N ALA E 144 -20.66 44.30 29.69
CA ALA E 144 -19.93 45.24 30.56
C ALA E 144 -19.63 46.55 29.83
N LYS E 145 -19.57 47.64 30.59
CA LYS E 145 -19.21 48.98 30.06
C LYS E 145 -18.00 49.49 30.84
N VAL E 146 -16.93 49.74 30.09
CA VAL E 146 -15.61 50.21 30.60
C VAL E 146 -15.34 51.58 29.95
N GLN E 147 -15.29 52.63 30.76
CA GLN E 147 -15.18 54.04 30.30
C GLN E 147 -13.74 54.49 30.61
N TRP E 148 -12.98 55.01 29.63
CA TRP E 148 -11.64 55.65 29.90
C TRP E 148 -11.78 57.14 30.21
N LYS E 149 -11.28 57.57 31.38
CA LYS E 149 -11.28 59.00 31.83
C LYS E 149 -9.85 59.50 32.02
N VAL E 150 -9.48 60.54 31.26
CA VAL E 150 -8.16 61.23 31.38
C VAL E 150 -8.41 62.70 31.75
N ASP E 151 -7.99 63.10 32.95
CA ASP E 151 -8.35 64.40 33.61
C ASP E 151 -9.89 64.56 33.62
N ASN E 152 -10.62 63.45 33.84
CA ASN E 152 -12.11 63.35 33.84
C ASN E 152 -12.75 63.60 32.47
N ALA E 153 -11.96 63.67 31.39
CA ALA E 153 -12.47 63.77 29.99
C ALA E 153 -12.74 62.36 29.43
N LEU E 154 -13.79 62.25 28.62
CA LEU E 154 -14.18 61.01 27.91
C LEU E 154 -13.17 60.74 26.80
N GLN E 155 -12.97 59.47 26.50
CA GLN E 155 -12.07 58.99 25.42
C GLN E 155 -12.92 58.17 24.45
N SER E 156 -12.72 58.32 23.13
CA SER E 156 -13.35 57.43 22.12
C SER E 156 -12.43 57.30 20.89
N GLY E 157 -12.57 56.22 20.12
CA GLY E 157 -11.70 55.92 18.96
C GLY E 157 -10.29 55.49 19.34
N ASN E 158 -9.94 55.46 20.63
CA ASN E 158 -8.55 55.17 21.08
C ASN E 158 -8.50 54.09 22.20
N SER E 159 -9.54 53.29 22.39
CA SER E 159 -9.47 52.08 23.26
C SER E 159 -9.93 50.83 22.48
N GLN E 160 -9.32 49.69 22.78
CA GLN E 160 -9.68 48.37 22.19
C GLN E 160 -10.02 47.40 23.30
N GLU E 161 -10.90 46.48 23.04
CA GLU E 161 -11.50 45.60 24.06
C GLU E 161 -11.24 44.15 23.61
N SER E 162 -11.09 43.22 24.55
CA SER E 162 -11.00 41.76 24.27
C SER E 162 -11.59 41.00 25.47
N VAL E 163 -12.36 39.95 25.22
CA VAL E 163 -12.98 39.20 26.35
C VAL E 163 -12.61 37.73 26.17
N THR E 164 -12.31 37.00 27.26
CA THR E 164 -11.94 35.58 27.22
C THR E 164 -13.14 34.76 26.78
N GLU E 165 -12.95 33.54 26.30
CA GLU E 165 -14.11 32.61 26.15
C GLU E 165 -14.58 32.23 27.57
N GLN E 166 -15.79 31.68 27.69
CA GLN E 166 -16.35 31.30 29.01
C GLN E 166 -15.37 30.35 29.69
N ASP E 167 -15.26 30.47 31.00
CA ASP E 167 -14.52 29.48 31.83
C ASP E 167 -15.31 28.17 31.79
N SER E 168 -14.68 27.09 31.33
CA SER E 168 -15.33 25.76 31.16
C SER E 168 -15.84 25.25 32.52
N LYS E 169 -15.23 25.66 33.63
CA LYS E 169 -15.61 25.22 35.01
C LYS E 169 -16.71 26.15 35.54
N ASP E 170 -16.37 27.44 35.79
CA ASP E 170 -17.20 28.36 36.64
C ASP E 170 -18.07 29.28 35.78
N SER E 171 -17.88 29.26 34.46
CA SER E 171 -18.78 29.84 33.45
C SER E 171 -18.73 31.37 33.50
N THR E 172 -17.64 31.94 34.04
CA THR E 172 -17.38 33.39 34.10
C THR E 172 -16.63 33.85 32.85
N TYR E 173 -16.46 35.16 32.71
CA TYR E 173 -15.61 35.84 31.70
C TYR E 173 -14.59 36.71 32.42
N SER E 174 -13.49 37.00 31.74
CA SER E 174 -12.60 38.16 32.04
C SER E 174 -12.49 39.03 30.79
N LEU E 175 -12.32 40.34 30.94
CA LEU E 175 -12.30 41.33 29.82
C LEU E 175 -11.09 42.23 30.02
N SER E 176 -10.45 42.67 28.95
CA SER E 176 -9.42 43.74 28.95
C SER E 176 -9.90 44.88 28.09
N SER E 177 -9.78 46.11 28.60
CA SER E 177 -9.79 47.36 27.79
C SER E 177 -8.38 47.95 27.77
N THR E 178 -7.87 48.30 26.58
CA THR E 178 -6.51 48.84 26.30
C THR E 178 -6.63 50.24 25.66
N LEU E 179 -6.30 51.27 26.46
CA LEU E 179 -6.23 52.67 25.98
C LEU E 179 -4.83 52.88 25.43
N THR E 180 -4.73 53.24 24.17
CA THR E 180 -3.42 53.50 23.56
C THR E 180 -3.35 54.98 23.20
N LEU E 181 -2.23 55.61 23.56
CA LEU E 181 -2.01 57.07 23.40
C LEU E 181 -0.55 57.35 23.01
N SER E 182 -0.29 58.49 22.34
CA SER E 182 1.07 58.97 21.96
C SER E 182 1.90 59.21 23.21
N LYS E 183 3.22 59.01 23.11
CA LYS E 183 4.22 59.26 24.19
C LYS E 183 3.95 60.64 24.78
N ALA E 184 3.93 61.66 23.92
CA ALA E 184 3.71 63.06 24.33
C ALA E 184 2.37 63.09 25.08
N ASP E 185 1.32 62.68 24.38
CA ASP E 185 -0.10 62.87 24.81
C ASP E 185 -0.27 62.24 26.21
N TYR E 186 0.38 61.11 26.47
CA TYR E 186 0.23 60.37 27.76
C TYR E 186 0.73 61.27 28.91
N GLU E 187 1.93 61.83 28.77
CA GLU E 187 2.55 62.57 29.89
C GLU E 187 1.81 63.92 30.05
N LYS E 188 1.33 64.48 28.93
CA LYS E 188 0.58 65.77 28.79
C LYS E 188 -0.65 65.84 29.70
N HIS E 189 -1.19 64.70 30.13
CA HIS E 189 -2.35 64.65 31.06
C HIS E 189 -1.85 64.05 32.40
N LYS E 190 -2.69 64.04 33.44
CA LYS E 190 -2.25 63.72 34.83
C LYS E 190 -2.99 62.49 35.36
N VAL E 191 -4.34 62.54 35.30
CA VAL E 191 -5.28 61.55 35.89
C VAL E 191 -5.59 60.48 34.84
N TYR E 192 -5.41 59.21 35.21
CA TYR E 192 -5.74 58.01 34.38
C TYR E 192 -6.63 57.05 35.19
N ALA E 193 -7.84 56.78 34.69
CA ALA E 193 -8.88 55.95 35.34
C ALA E 193 -9.76 55.23 34.30
N CYS E 194 -10.06 53.97 34.58
CA CYS E 194 -11.16 53.20 33.92
C CYS E 194 -12.34 53.12 34.90
N GLU E 195 -13.54 53.41 34.40
CA GLU E 195 -14.80 53.28 35.17
C GLU E 195 -15.57 52.07 34.61
N VAL E 196 -16.06 51.22 35.50
CA VAL E 196 -16.70 49.93 35.13
C VAL E 196 -18.15 49.95 35.61
N THR E 197 -19.10 49.86 34.66
CA THR E 197 -20.52 49.52 34.92
C THR E 197 -20.79 48.06 34.55
N HIS E 198 -21.39 47.29 35.46
CA HIS E 198 -21.80 45.89 35.27
C HIS E 198 -22.99 45.56 36.15
N GLN E 199 -23.84 44.61 35.73
CA GLN E 199 -25.09 44.20 36.44
C GLN E 199 -24.78 43.87 37.90
N GLY E 200 -23.68 43.18 38.17
CA GLY E 200 -23.34 42.73 39.53
C GLY E 200 -22.76 43.81 40.42
N LEU E 201 -22.59 45.05 39.93
CA LEU E 201 -22.10 46.20 40.75
C LEU E 201 -23.26 47.16 41.06
N SER E 202 -23.51 47.40 42.34
CA SER E 202 -24.60 48.28 42.82
C SER E 202 -24.37 49.73 42.34
N SER E 203 -23.11 50.13 42.13
CA SER E 203 -22.71 51.44 41.52
C SER E 203 -21.42 51.24 40.76
N PRO E 204 -21.06 52.13 39.81
CA PRO E 204 -19.82 51.98 39.04
C PRO E 204 -18.54 51.95 39.88
N VAL E 205 -17.60 51.05 39.53
CA VAL E 205 -16.27 50.88 40.20
C VAL E 205 -15.23 51.59 39.33
N THR E 206 -14.45 52.50 39.91
CA THR E 206 -13.35 53.21 39.23
C THR E 206 -12.03 52.74 39.86
N LYS E 207 -11.06 52.30 39.03
CA LYS E 207 -9.65 52.14 39.45
C LYS E 207 -8.80 53.16 38.70
N SER E 208 -7.95 53.88 39.43
CA SER E 208 -7.10 55.01 38.92
C SER E 208 -5.65 54.88 39.40
N PHE E 209 -4.75 55.62 38.75
CA PHE E 209 -3.34 55.76 39.22
C PHE E 209 -2.98 57.23 39.04
N ASN E 210 -2.32 57.79 40.06
CA ASN E 210 -1.50 59.00 39.89
C ASN E 210 -0.33 58.57 39.01
N ARG E 211 -0.07 59.31 37.94
CA ARG E 211 1.12 59.09 37.07
C ARG E 211 2.44 59.37 37.81
N GLU F 1 -4.61 6.37 17.23
CA GLU F 1 -3.86 5.98 15.99
C GLU F 1 -4.72 6.16 14.73
N VAL F 2 -6.06 6.07 14.82
CA VAL F 2 -6.92 6.62 13.73
C VAL F 2 -6.85 8.14 13.80
N GLN F 3 -6.20 8.79 12.84
CA GLN F 3 -5.66 10.17 12.98
C GLN F 3 -5.57 10.85 11.59
N LEU F 4 -5.74 12.17 11.58
CA LEU F 4 -5.48 13.02 10.40
C LEU F 4 -4.57 14.20 10.78
N VAL F 5 -3.46 14.39 10.05
CA VAL F 5 -2.45 15.47 10.29
C VAL F 5 -2.36 16.36 9.04
N GLU F 6 -2.94 17.56 9.10
CA GLU F 6 -2.71 18.67 8.12
C GLU F 6 -1.29 19.24 8.32
N SER F 7 -0.61 19.60 7.23
CA SER F 7 0.65 20.39 7.21
C SER F 7 0.64 21.28 5.97
N GLY F 8 1.59 22.19 5.83
CA GLY F 8 1.70 23.07 4.66
C GLY F 8 1.06 24.45 4.84
N GLY F 9 0.46 24.76 6.00
CA GLY F 9 -0.15 26.09 6.21
C GLY F 9 0.90 27.14 6.54
N GLY F 10 0.50 28.41 6.57
CA GLY F 10 1.36 29.48 7.09
C GLY F 10 0.99 30.77 6.45
N LEU F 11 1.89 31.75 6.52
CA LEU F 11 1.64 33.11 6.00
C LEU F 11 2.06 33.10 4.54
N VAL F 12 1.20 33.59 3.64
CA VAL F 12 1.45 33.58 2.17
C VAL F 12 0.86 34.85 1.57
N GLN F 13 1.46 35.27 0.44
CA GLN F 13 1.14 36.54 -0.29
C GLN F 13 -0.24 36.40 -0.93
N PRO F 14 -1.04 37.49 -1.04
CA PRO F 14 -2.25 37.45 -1.86
C PRO F 14 -1.85 37.12 -3.30
N GLY F 15 -2.60 36.24 -3.98
CA GLY F 15 -2.29 35.90 -5.37
C GLY F 15 -1.38 34.70 -5.43
N GLY F 16 -0.97 34.16 -4.28
CA GLY F 16 0.00 33.06 -4.22
C GLY F 16 -0.63 31.67 -4.30
N SER F 17 0.24 30.65 -4.32
CA SER F 17 -0.12 29.21 -4.22
C SER F 17 0.34 28.61 -2.90
N LEU F 18 -0.38 27.61 -2.42
CA LEU F 18 0.02 26.86 -1.21
C LEU F 18 -0.59 25.45 -1.34
N ARG F 19 0.20 24.42 -1.08
CA ARG F 19 -0.28 23.03 -1.14
C ARG F 19 -0.43 22.50 0.28
N LEU F 20 -1.66 22.27 0.75
CA LEU F 20 -1.88 21.65 2.07
C LEU F 20 -1.83 20.15 1.91
N SER F 21 -1.32 19.44 2.90
CA SER F 21 -1.27 17.95 2.93
C SER F 21 -2.12 17.47 4.10
N CYS F 22 -2.72 16.28 3.94
CA CYS F 22 -3.55 15.57 4.95
C CYS F 22 -3.15 14.10 4.95
N ALA F 23 -2.35 13.73 5.96
CA ALA F 23 -1.73 12.42 6.19
C ALA F 23 -2.63 11.57 7.10
N ALA F 24 -3.16 10.50 6.54
CA ALA F 24 -4.02 9.54 7.23
C ALA F 24 -3.12 8.59 7.99
N SER F 25 -3.50 8.26 9.20
CA SER F 25 -2.96 7.10 9.96
C SER F 25 -4.11 6.27 10.54
N GLY F 26 -3.94 4.95 10.63
CA GLY F 26 -4.91 4.00 11.20
C GLY F 26 -5.97 3.49 10.21
N PHE F 27 -6.02 4.06 9.03
CA PHE F 27 -6.96 3.63 7.97
C PHE F 27 -6.30 3.93 6.64
N ASN F 28 -6.81 3.36 5.55
CA ASN F 28 -6.32 3.64 4.18
C ASN F 28 -7.31 4.57 3.47
N VAL F 29 -6.79 5.66 2.95
CA VAL F 29 -7.56 6.73 2.25
C VAL F 29 -8.37 6.21 1.03
N LYS F 30 -8.02 5.11 0.37
CA LYS F 30 -8.76 4.74 -0.85
C LYS F 30 -10.14 4.18 -0.53
N TYR F 31 -10.44 3.84 0.71
CA TYR F 31 -11.78 3.32 1.09
C TYR F 31 -12.63 4.45 1.70
N TYR F 32 -12.18 5.70 1.70
CA TYR F 32 -12.89 6.77 2.46
C TYR F 32 -13.07 7.99 1.58
N MET F 33 -13.87 8.93 2.05
CA MET F 33 -14.02 10.23 1.37
C MET F 33 -13.27 11.29 2.17
N MET F 34 -12.25 11.93 1.62
CA MET F 34 -11.40 12.90 2.36
C MET F 34 -11.94 14.30 2.07
N HIS F 35 -12.33 15.06 3.11
CA HIS F 35 -12.91 16.42 2.94
C HIS F 35 -11.92 17.51 3.39
N TRP F 36 -12.03 18.71 2.82
CA TRP F 36 -11.35 19.91 3.37
C TRP F 36 -12.42 20.87 3.83
N VAL F 37 -12.37 21.27 5.07
CA VAL F 37 -13.31 22.27 5.65
C VAL F 37 -12.49 23.42 6.24
N ARG F 38 -12.98 24.65 6.14
CA ARG F 38 -12.20 25.81 6.59
C ARG F 38 -13.04 26.70 7.52
N GLN F 39 -12.35 27.40 8.41
CA GLN F 39 -12.98 28.35 9.35
C GLN F 39 -12.17 29.66 9.38
N ALA F 40 -12.70 30.69 8.74
CA ALA F 40 -12.25 32.09 8.83
C ALA F 40 -12.25 32.50 10.30
N PRO F 41 -11.31 33.37 10.75
CA PRO F 41 -11.25 33.76 12.16
C PRO F 41 -12.59 34.21 12.77
N GLY F 42 -12.99 33.54 13.85
CA GLY F 42 -14.27 33.77 14.57
C GLY F 42 -15.51 33.50 13.72
N LYS F 43 -15.41 32.80 12.60
CA LYS F 43 -16.54 32.61 11.67
C LYS F 43 -16.98 31.13 11.65
N GLY F 44 -17.97 30.81 10.79
CA GLY F 44 -18.58 29.47 10.69
C GLY F 44 -17.68 28.46 9.99
N LEU F 45 -18.01 27.17 10.14
CA LEU F 45 -17.44 26.04 9.37
C LEU F 45 -17.97 26.20 7.96
N GLU F 46 -17.07 26.05 6.97
CA GLU F 46 -17.45 26.16 5.53
C GLU F 46 -16.76 25.01 4.79
N TRP F 47 -17.54 24.08 4.24
CA TRP F 47 -17.08 22.94 3.41
C TRP F 47 -16.46 23.48 2.11
N VAL F 48 -15.28 22.98 1.76
CA VAL F 48 -14.47 23.50 0.63
C VAL F 48 -14.46 22.48 -0.50
N ALA F 49 -14.14 21.24 -0.22
CA ALA F 49 -13.89 20.20 -1.26
C ALA F 49 -13.89 18.83 -0.64
N ALA F 50 -14.10 17.82 -1.45
CA ALA F 50 -13.87 16.43 -1.04
C ALA F 50 -13.40 15.58 -2.23
N ILE F 51 -12.79 14.45 -1.94
CA ILE F 51 -12.32 13.47 -2.95
C ILE F 51 -12.53 12.05 -2.42
N SER F 52 -12.98 11.16 -3.31
CA SER F 52 -13.00 9.70 -3.11
C SER F 52 -11.83 9.12 -3.88
N PRO F 53 -10.63 8.93 -3.27
CA PRO F 53 -9.44 8.50 -4.01
C PRO F 53 -9.52 7.08 -4.60
N GLY F 54 -10.41 6.22 -4.12
CA GLY F 54 -10.71 4.92 -4.75
C GLY F 54 -11.20 5.09 -6.20
N TYR F 55 -11.87 6.21 -6.47
CA TYR F 55 -12.44 6.51 -7.79
C TYR F 55 -11.86 7.80 -8.40
N ASP F 56 -11.09 8.57 -7.65
CA ASP F 56 -10.64 9.93 -8.06
C ASP F 56 -11.84 10.82 -8.45
N TYR F 57 -13.01 10.68 -7.79
CA TYR F 57 -14.20 11.55 -7.97
C TYR F 57 -14.03 12.77 -7.04
N THR F 58 -14.18 14.00 -7.57
CA THR F 58 -13.94 15.25 -6.80
C THR F 58 -15.25 16.04 -6.68
N TYR F 59 -15.33 16.90 -5.67
CA TYR F 59 -16.51 17.74 -5.40
C TYR F 59 -15.97 19.08 -4.89
N TYR F 60 -16.51 20.18 -5.36
CA TYR F 60 -15.97 21.52 -5.01
C TYR F 60 -17.10 22.45 -4.59
N ALA F 61 -16.87 23.29 -3.58
CA ALA F 61 -17.69 24.51 -3.31
C ALA F 61 -17.44 25.50 -4.45
N ASP F 62 -18.49 26.10 -5.01
CA ASP F 62 -18.37 27.13 -6.08
C ASP F 62 -17.32 28.19 -5.70
N SER F 63 -17.21 28.58 -4.42
CA SER F 63 -16.25 29.62 -3.97
C SER F 63 -14.77 29.27 -4.28
N VAL F 64 -14.42 28.01 -4.59
CA VAL F 64 -13.01 27.54 -4.80
C VAL F 64 -12.88 26.82 -6.14
N LYS F 65 -14.00 26.48 -6.76
CA LYS F 65 -14.03 25.77 -8.06
C LYS F 65 -13.06 26.47 -9.03
N GLY F 66 -12.14 25.75 -9.65
CA GLY F 66 -11.24 26.31 -10.66
C GLY F 66 -9.92 26.74 -10.07
N ARG F 67 -9.95 27.52 -8.98
CA ARG F 67 -8.79 28.06 -8.21
C ARG F 67 -8.05 27.01 -7.38
N PHE F 68 -8.81 26.12 -6.73
CA PHE F 68 -8.31 25.08 -5.80
C PHE F 68 -8.45 23.73 -6.49
N THR F 69 -7.51 22.83 -6.25
CA THR F 69 -7.56 21.44 -6.76
C THR F 69 -7.34 20.50 -5.59
N ILE F 70 -8.29 19.58 -5.43
CA ILE F 70 -8.20 18.49 -4.41
C ILE F 70 -7.68 17.23 -5.07
N SER F 71 -6.80 16.54 -4.39
CA SER F 71 -6.20 15.32 -4.95
C SER F 71 -5.74 14.44 -3.82
N ALA F 72 -5.24 13.27 -4.18
CA ALA F 72 -4.93 12.14 -3.28
C ALA F 72 -3.97 11.20 -3.97
N ASP F 73 -3.05 10.70 -3.17
CA ASP F 73 -2.10 9.63 -3.51
C ASP F 73 -2.40 8.51 -2.51
N THR F 74 -3.09 7.48 -2.96
CA THR F 74 -3.31 6.20 -2.22
C THR F 74 -1.99 5.59 -1.72
N SER F 75 -0.90 5.55 -2.51
CA SER F 75 0.46 5.07 -2.14
C SER F 75 1.05 5.84 -0.97
N LYS F 76 0.69 7.10 -0.81
CA LYS F 76 1.20 7.96 0.28
C LYS F 76 0.18 8.14 1.41
N ASN F 77 -1.01 7.57 1.27
CA ASN F 77 -2.08 7.66 2.29
C ASN F 77 -2.32 9.11 2.65
N THR F 78 -2.44 9.98 1.66
CA THR F 78 -2.41 11.46 1.86
C THR F 78 -3.32 12.12 0.83
N ALA F 79 -4.16 13.04 1.29
CA ALA F 79 -4.96 13.94 0.45
C ALA F 79 -4.26 15.28 0.47
N TYR F 80 -4.49 16.07 -0.57
CA TYR F 80 -3.88 17.39 -0.76
C TYR F 80 -4.92 18.42 -1.15
N LEU F 81 -4.63 19.66 -0.85
CA LEU F 81 -5.44 20.79 -1.38
C LEU F 81 -4.43 21.82 -1.92
N GLN F 82 -4.32 21.88 -3.24
CA GLN F 82 -3.56 22.90 -3.99
C GLN F 82 -4.44 24.14 -3.97
N MET F 83 -3.99 25.17 -3.26
CA MET F 83 -4.74 26.43 -3.19
C MET F 83 -4.01 27.42 -4.10
N ASN F 84 -4.69 28.05 -5.06
CA ASN F 84 -4.06 29.06 -5.94
C ASN F 84 -4.93 30.31 -5.93
N SER F 85 -4.40 31.41 -6.48
CA SER F 85 -5.14 32.70 -6.65
C SER F 85 -5.67 33.11 -5.28
N LEU F 86 -4.79 33.07 -4.29
CA LEU F 86 -5.17 33.13 -2.87
C LEU F 86 -5.67 34.55 -2.57
N ARG F 87 -6.83 34.64 -1.92
CA ARG F 87 -7.45 35.93 -1.51
C ARG F 87 -7.41 36.03 0.00
N ALA F 88 -7.55 37.26 0.52
CA ALA F 88 -7.76 37.55 1.95
C ALA F 88 -8.89 36.67 2.49
N GLU F 89 -9.96 36.50 1.73
CA GLU F 89 -11.14 35.69 2.15
C GLU F 89 -10.72 34.25 2.47
N ASP F 90 -9.56 33.77 1.97
CA ASP F 90 -9.18 32.34 2.09
C ASP F 90 -8.45 32.19 3.44
N THR F 91 -8.12 33.30 4.12
CA THR F 91 -7.53 33.23 5.49
C THR F 91 -8.47 32.43 6.40
N ALA F 92 -7.96 31.35 6.98
CA ALA F 92 -8.76 30.37 7.72
C ALA F 92 -7.84 29.30 8.28
N VAL F 93 -8.43 28.54 9.21
CA VAL F 93 -7.88 27.22 9.64
C VAL F 93 -8.46 26.19 8.67
N TYR F 94 -7.58 25.46 8.01
CA TYR F 94 -7.97 24.40 7.05
C TYR F 94 -7.82 23.05 7.75
N TYR F 95 -8.96 22.40 7.90
CA TYR F 95 -9.13 21.06 8.51
C TYR F 95 -9.36 20.04 7.41
N CYS F 96 -8.82 18.84 7.55
CA CYS F 96 -9.32 17.75 6.68
C CYS F 96 -10.12 16.83 7.57
N SER F 97 -11.02 16.07 6.99
CA SER F 97 -11.86 15.08 7.70
C SER F 97 -12.04 13.87 6.81
N ARG F 98 -12.42 12.73 7.37
CA ARG F 98 -12.77 11.52 6.59
C ARG F 98 -14.26 11.20 6.82
N SER F 99 -14.97 10.76 5.79
CA SER F 99 -16.30 10.12 5.92
C SER F 99 -16.27 8.78 5.16
N TYR F 100 -17.21 7.87 5.42
CA TYR F 100 -17.28 6.55 4.73
C TYR F 100 -18.57 6.49 3.91
N TRP F 101 -18.48 6.15 2.61
CA TRP F 101 -19.60 5.92 1.67
C TRP F 101 -20.55 7.13 1.70
N ARG F 102 -21.77 7.03 2.26
CA ARG F 102 -22.71 8.19 2.35
C ARG F 102 -22.97 8.52 3.83
N TYR F 103 -22.22 7.89 4.74
CA TYR F 103 -22.26 8.16 6.20
C TYR F 103 -21.50 9.46 6.42
N SER F 104 -21.52 9.92 7.66
CA SER F 104 -21.16 11.31 7.98
C SER F 104 -19.72 11.35 8.52
N VAL F 105 -19.01 12.44 8.30
CA VAL F 105 -17.58 12.53 8.74
C VAL F 105 -17.48 12.34 10.26
N ASP F 106 -16.53 11.49 10.68
CA ASP F 106 -16.34 11.09 12.11
C ASP F 106 -15.00 11.57 12.67
N VAL F 107 -13.94 11.70 11.85
CA VAL F 107 -12.58 12.12 12.31
C VAL F 107 -12.15 13.41 11.60
N TRP F 108 -11.61 14.33 12.41
CA TRP F 108 -11.05 15.64 12.02
C TRP F 108 -9.56 15.63 12.34
N GLY F 109 -8.75 16.31 11.54
CA GLY F 109 -7.42 16.78 11.95
C GLY F 109 -7.43 18.01 12.87
N GLN F 110 -6.26 18.35 13.45
CA GLN F 110 -5.98 19.53 14.34
C GLN F 110 -6.24 20.84 13.55
N GLY F 111 -6.07 20.84 12.23
CA GLY F 111 -6.22 22.09 11.45
C GLY F 111 -4.87 22.75 11.18
N THR F 112 -4.78 23.59 10.15
CA THR F 112 -3.54 24.33 9.80
C THR F 112 -3.97 25.74 9.41
N LEU F 113 -3.36 26.72 10.04
CA LEU F 113 -3.70 28.13 9.83
C LEU F 113 -3.02 28.57 8.52
N VAL F 114 -3.82 29.07 7.60
CA VAL F 114 -3.38 29.77 6.36
C VAL F 114 -3.76 31.25 6.50
N THR F 115 -2.77 32.12 6.52
CA THR F 115 -2.99 33.58 6.53
C THR F 115 -2.55 34.10 5.15
N VAL F 116 -3.45 34.77 4.46
CA VAL F 116 -3.18 35.45 3.17
C VAL F 116 -3.11 36.95 3.43
N SER F 117 -1.95 37.54 3.22
CA SER F 117 -1.63 38.95 3.57
C SER F 117 -0.28 39.28 2.92
N SER F 118 -0.09 40.53 2.54
CA SER F 118 1.18 41.05 1.99
C SER F 118 2.02 41.59 3.15
N ALA F 119 1.46 41.65 4.35
CA ALA F 119 2.18 42.22 5.51
C ALA F 119 3.28 41.24 5.96
N SER F 120 4.47 41.77 6.14
CA SER F 120 5.66 41.03 6.57
C SER F 120 5.46 40.54 8.00
N THR F 121 6.23 39.50 8.31
CA THR F 121 6.48 38.99 9.67
C THR F 121 6.94 40.13 10.57
N LYS F 122 6.46 40.14 11.80
CA LYS F 122 6.85 41.15 12.79
C LYS F 122 6.76 40.45 14.15
N GLY F 123 7.88 40.41 14.88
CA GLY F 123 7.94 39.80 16.21
C GLY F 123 7.31 40.76 17.21
N PRO F 124 6.78 40.26 18.35
CA PRO F 124 6.19 41.12 19.38
C PRO F 124 7.20 41.81 20.31
N SER F 125 6.83 42.99 20.80
CA SER F 125 7.40 43.67 22.01
C SER F 125 6.61 43.21 23.24
N VAL F 126 7.30 42.81 24.29
CA VAL F 126 6.69 42.32 25.57
C VAL F 126 6.95 43.34 26.69
N PHE F 127 5.88 43.85 27.26
CA PHE F 127 5.95 44.86 28.34
C PHE F 127 5.31 44.28 29.58
N PRO F 128 5.87 44.53 30.77
CA PRO F 128 5.24 44.05 32.00
C PRO F 128 3.98 44.82 32.42
N LEU F 129 3.10 44.14 33.13
CA LEU F 129 1.90 44.73 33.78
C LEU F 129 2.07 44.33 35.23
N ALA F 130 3.01 45.02 35.88
CA ALA F 130 3.43 44.84 37.28
C ALA F 130 2.25 45.23 38.14
N PRO F 131 1.85 44.52 39.39
CA PRO F 131 0.76 44.72 40.35
C PRO F 131 0.33 46.19 40.54
N THR F 140 -5.67 39.40 47.07
CA THR F 140 -5.36 38.94 45.68
C THR F 140 -4.72 40.08 44.88
N ALA F 141 -3.62 39.78 44.21
CA ALA F 141 -2.95 40.70 43.26
C ALA F 141 -3.11 40.15 41.84
N ALA F 142 -3.15 41.04 40.86
CA ALA F 142 -3.21 40.60 39.46
C ALA F 142 -1.99 41.17 38.76
N LEU F 143 -1.36 40.38 37.91
CA LEU F 143 -0.20 40.88 37.13
C LEU F 143 -0.26 40.25 35.74
N GLY F 144 0.35 40.88 34.75
CA GLY F 144 0.36 40.26 33.42
C GLY F 144 1.44 40.85 32.55
N CYS F 145 1.38 40.57 31.26
CA CYS F 145 2.33 41.22 30.32
C CYS F 145 1.57 41.49 29.03
N LEU F 146 1.94 42.59 28.41
CA LEU F 146 1.33 43.13 27.19
C LEU F 146 2.22 42.72 26.03
N VAL F 147 1.68 41.89 25.15
CA VAL F 147 2.42 41.33 23.97
C VAL F 147 1.97 42.14 22.75
N LYS F 148 2.78 43.10 22.31
CA LYS F 148 2.26 44.19 21.44
C LYS F 148 2.95 44.16 20.08
N ASP F 149 2.18 44.39 19.03
CA ASP F 149 2.68 44.76 17.68
C ASP F 149 3.39 43.59 17.00
N TYR F 150 2.70 42.47 16.78
CA TYR F 150 3.25 41.33 16.04
C TYR F 150 2.32 41.01 14.87
N PHE F 151 2.85 40.22 13.92
CA PHE F 151 2.13 39.68 12.76
C PHE F 151 2.95 38.53 12.15
N PRO F 152 2.31 37.40 11.74
CA PRO F 152 0.90 37.13 11.93
C PRO F 152 0.61 36.41 13.27
N GLU F 153 -0.66 36.06 13.54
CA GLU F 153 -1.07 35.06 14.55
C GLU F 153 -0.37 33.77 14.22
N PRO F 154 -0.16 32.86 15.20
CA PRO F 154 -0.49 33.11 16.58
C PRO F 154 0.75 33.36 17.44
N VAL F 155 0.48 33.62 18.72
CA VAL F 155 1.49 33.79 19.78
C VAL F 155 1.03 32.94 20.98
N THR F 156 1.99 32.36 21.70
CA THR F 156 1.74 31.60 22.94
C THR F 156 2.40 32.36 24.07
N VAL F 157 1.67 32.49 25.16
CA VAL F 157 2.17 33.01 26.46
C VAL F 157 2.01 31.92 27.49
N SER F 158 2.99 31.83 28.36
CA SER F 158 2.97 30.91 29.53
C SER F 158 3.56 31.66 30.72
N TRP F 159 3.31 31.16 31.92
CA TRP F 159 3.87 31.83 33.12
C TRP F 159 4.77 30.86 33.88
N ASN F 160 5.95 31.32 34.25
CA ASN F 160 6.92 30.49 35.03
C ASN F 160 7.18 29.18 34.30
N SER F 161 7.53 29.29 33.02
CA SER F 161 7.88 28.17 32.11
C SER F 161 6.91 27.00 32.30
N GLY F 162 5.67 27.30 32.69
CA GLY F 162 4.54 26.36 32.73
C GLY F 162 4.11 25.94 34.13
N ALA F 163 4.75 26.46 35.18
CA ALA F 163 4.49 26.09 36.60
C ALA F 163 3.10 26.51 37.10
N LEU F 164 2.45 27.60 36.59
CA LEU F 164 1.08 28.00 37.05
C LEU F 164 0.15 28.22 35.87
N THR F 165 -1.07 27.72 36.02
CA THR F 165 -2.17 27.66 35.00
C THR F 165 -3.52 28.04 35.63
N SER F 166 -3.65 27.85 36.94
CA SER F 166 -4.76 28.34 37.79
C SER F 166 -4.77 29.88 37.75
N GLY F 167 -5.95 30.48 37.49
CA GLY F 167 -6.16 31.94 37.51
C GLY F 167 -5.35 32.67 36.46
N VAL F 168 -4.92 31.97 35.40
CA VAL F 168 -4.32 32.61 34.18
C VAL F 168 -5.48 32.89 33.20
N HIS F 169 -5.47 34.07 32.59
CA HIS F 169 -6.33 34.46 31.44
C HIS F 169 -5.44 35.12 30.39
N THR F 170 -5.19 34.42 29.27
CA THR F 170 -4.53 34.96 28.06
C THR F 170 -5.66 35.42 27.12
N PHE F 171 -5.72 36.72 26.81
CA PHE F 171 -6.81 37.30 25.97
C PHE F 171 -6.58 36.96 24.51
N PRO F 172 -7.67 36.68 23.76
CA PRO F 172 -7.63 36.71 22.31
C PRO F 172 -7.02 38.03 21.81
N ALA F 173 -6.12 37.94 20.85
CA ALA F 173 -5.47 39.11 20.23
C ALA F 173 -6.54 39.92 19.53
N VAL F 174 -6.39 41.22 19.53
CA VAL F 174 -7.25 42.15 18.75
C VAL F 174 -6.33 42.80 17.71
N LEU F 175 -6.80 42.95 16.47
CA LEU F 175 -6.02 43.63 15.39
C LEU F 175 -6.08 45.14 15.59
N GLN F 176 -4.92 45.80 15.64
CA GLN F 176 -4.80 47.29 15.74
C GLN F 176 -4.97 47.89 14.33
N SER F 177 -5.19 49.20 14.26
CA SER F 177 -5.31 49.97 13.00
C SER F 177 -3.95 50.02 12.30
N SER F 178 -2.86 49.85 13.06
CA SER F 178 -1.49 49.60 12.52
C SER F 178 -1.46 48.33 11.65
N GLY F 179 -2.45 47.43 11.76
CA GLY F 179 -2.50 46.17 10.97
C GLY F 179 -1.68 45.09 11.64
N LEU F 180 -1.31 45.33 12.90
CA LEU F 180 -0.57 44.43 13.80
C LEU F 180 -1.45 44.08 15.00
N TYR F 181 -1.19 42.92 15.57
CA TYR F 181 -1.96 42.31 16.66
C TYR F 181 -1.33 42.72 17.98
N SER F 182 -2.13 42.62 19.04
CA SER F 182 -1.71 42.87 20.44
C SER F 182 -2.65 42.11 21.37
N LEU F 183 -2.09 41.58 22.46
CA LEU F 183 -2.87 40.98 23.56
C LEU F 183 -2.12 41.15 24.87
N SER F 184 -2.85 40.97 25.96
CA SER F 184 -2.29 40.90 27.32
C SER F 184 -2.59 39.49 27.83
N SER F 185 -1.68 38.95 28.63
CA SER F 185 -1.86 37.74 29.46
C SER F 185 -1.82 38.23 30.89
N VAL F 186 -2.64 37.64 31.73
CA VAL F 186 -2.97 38.18 33.09
C VAL F 186 -3.09 36.96 34.02
N VAL F 187 -2.61 37.09 35.25
CA VAL F 187 -2.77 36.04 36.29
C VAL F 187 -3.11 36.72 37.64
N THR F 188 -4.08 36.18 38.37
CA THR F 188 -4.37 36.56 39.77
C THR F 188 -3.66 35.55 40.67
N VAL F 189 -3.03 36.05 41.73
CA VAL F 189 -2.18 35.25 42.67
C VAL F 189 -2.49 35.70 44.08
N PRO F 190 -2.22 34.84 45.10
CA PRO F 190 -2.24 35.29 46.49
C PRO F 190 -1.24 36.46 46.57
N SER F 191 -1.64 37.53 47.26
CA SER F 191 -0.89 38.82 47.34
C SER F 191 0.28 38.68 48.31
N SER F 192 0.19 37.74 49.27
CA SER F 192 1.26 37.40 50.26
C SER F 192 2.47 36.75 49.56
N SER F 193 2.31 36.28 48.32
CA SER F 193 3.35 35.57 47.51
C SER F 193 4.07 36.50 46.53
N LEU F 194 4.16 37.82 46.78
CA LEU F 194 5.06 38.68 45.97
C LEU F 194 6.51 38.29 46.24
N GLY F 195 6.83 37.97 47.50
CA GLY F 195 8.03 37.18 47.88
C GLY F 195 7.66 35.73 48.15
N THR F 196 8.58 34.80 47.96
CA THR F 196 8.40 33.32 48.06
C THR F 196 8.03 32.83 46.66
N GLN F 197 7.41 33.71 45.87
CA GLN F 197 7.01 33.40 44.48
C GLN F 197 7.54 34.50 43.54
N THR F 198 7.95 33.99 42.38
CA THR F 198 8.61 34.71 41.26
C THR F 198 7.74 34.50 40.03
N TYR F 199 7.58 35.54 39.21
CA TYR F 199 6.61 35.51 38.07
C TYR F 199 7.26 35.87 36.72
N ILE F 200 7.35 34.88 35.82
CA ILE F 200 7.94 35.21 34.47
C ILE F 200 6.96 34.93 33.33
N CYS F 201 6.73 35.91 32.43
CA CYS F 201 5.86 35.61 31.26
C CYS F 201 6.69 35.21 30.03
N ASN F 202 6.43 33.99 29.53
CA ASN F 202 7.18 33.35 28.40
C ASN F 202 6.40 33.46 27.09
N VAL F 203 6.89 34.29 26.17
CA VAL F 203 6.21 34.59 24.89
C VAL F 203 6.94 33.88 23.74
N ASN F 204 6.21 33.08 22.97
CA ASN F 204 6.75 32.45 21.74
C ASN F 204 5.90 32.90 20.56
N HIS F 205 6.51 33.64 19.63
CA HIS F 205 5.92 34.01 18.32
C HIS F 205 6.55 33.17 17.22
N LYS F 206 6.07 31.95 16.92
CA LYS F 206 6.84 31.03 16.03
C LYS F 206 7.02 31.64 14.64
N PRO F 207 5.98 32.33 14.07
CA PRO F 207 6.09 32.88 12.71
C PRO F 207 7.27 33.85 12.48
N SER F 208 7.77 34.52 13.51
CA SER F 208 8.95 35.42 13.42
C SER F 208 10.17 34.80 14.10
N ASN F 209 10.00 33.59 14.67
CA ASN F 209 11.04 32.94 15.51
C ASN F 209 11.41 33.87 16.68
N THR F 210 10.46 34.66 17.22
CA THR F 210 10.72 35.54 18.40
C THR F 210 10.31 34.82 19.70
N LYS F 211 11.23 34.51 20.61
CA LYS F 211 10.94 34.05 21.99
C LYS F 211 11.50 35.05 22.98
N VAL F 212 10.66 35.48 23.91
CA VAL F 212 10.98 36.54 24.91
C VAL F 212 10.53 35.95 26.24
N ASP F 213 11.28 36.24 27.27
CA ASP F 213 10.84 35.90 28.64
C ASP F 213 10.80 37.27 29.33
N LYS F 214 9.72 37.58 30.04
CA LYS F 214 9.69 38.91 30.72
C LYS F 214 9.37 38.73 32.20
N LYS F 215 10.27 39.23 33.05
CA LYS F 215 10.07 39.15 34.52
C LYS F 215 9.21 40.35 34.90
N VAL F 216 8.13 40.12 35.62
CA VAL F 216 7.24 41.28 35.89
C VAL F 216 7.65 42.00 37.18
N GLU F 217 7.15 41.53 38.34
CA GLU F 217 7.46 41.98 39.74
C GLU F 217 6.94 43.38 40.12
N PRO F 218 6.91 43.75 41.41
CA PRO F 218 6.46 45.09 41.78
C PRO F 218 7.37 46.16 41.16
N VAL G 2 -16.65 -4.20 1.12
CA VAL G 2 -15.92 -4.88 2.27
C VAL G 2 -16.14 -6.41 2.19
N GLN G 3 -15.12 -7.16 1.75
CA GLN G 3 -15.17 -8.63 1.65
C GLN G 3 -13.82 -9.25 1.93
N LEU G 4 -13.90 -10.54 2.24
CA LEU G 4 -12.70 -11.40 2.34
C LEU G 4 -12.93 -12.58 1.42
N VAL G 5 -11.95 -12.90 0.60
CA VAL G 5 -12.00 -14.05 -0.34
C VAL G 5 -10.85 -15.01 0.06
N GLU G 6 -11.24 -16.17 0.63
CA GLU G 6 -10.36 -17.32 0.87
C GLU G 6 -10.03 -18.03 -0.44
N SER G 7 -8.84 -18.56 -0.57
CA SER G 7 -8.50 -19.46 -1.70
C SER G 7 -7.37 -20.37 -1.23
N GLY G 8 -7.05 -21.38 -2.05
CA GLY G 8 -6.03 -22.42 -1.79
C GLY G 8 -6.58 -23.75 -1.25
N GLY G 9 -7.85 -23.86 -0.94
CA GLY G 9 -8.44 -25.12 -0.45
C GLY G 9 -8.33 -26.28 -1.43
N GLY G 10 -8.75 -27.46 -1.03
CA GLY G 10 -8.83 -28.63 -1.92
C GLY G 10 -8.59 -29.91 -1.15
N LEU G 11 -8.35 -30.98 -1.88
CA LEU G 11 -8.08 -32.33 -1.35
C LEU G 11 -6.57 -32.51 -1.24
N VAL G 12 -6.11 -32.89 -0.07
CA VAL G 12 -4.65 -33.08 0.18
C VAL G 12 -4.48 -34.27 1.11
N GLN G 13 -3.33 -34.94 0.95
CA GLN G 13 -2.86 -36.14 1.69
C GLN G 13 -2.70 -35.79 3.16
N PRO G 14 -3.03 -36.72 4.08
CA PRO G 14 -2.58 -36.65 5.46
C PRO G 14 -1.08 -36.53 5.48
N GLY G 15 -0.56 -35.58 6.27
CA GLY G 15 0.88 -35.32 6.36
C GLY G 15 1.30 -34.26 5.39
N GLY G 16 0.49 -33.93 4.39
CA GLY G 16 0.88 -32.89 3.44
C GLY G 16 0.71 -31.46 3.95
N SER G 17 0.92 -30.49 3.07
CA SER G 17 0.88 -29.04 3.36
C SER G 17 -0.03 -28.35 2.36
N LEU G 18 -0.67 -27.27 2.80
CA LEU G 18 -1.64 -26.46 2.04
C LEU G 18 -1.62 -25.06 2.62
N ARG G 19 -1.36 -24.03 1.80
CA ARG G 19 -1.36 -22.62 2.20
C ARG G 19 -2.67 -21.98 1.75
N LEU G 20 -3.45 -21.46 2.70
CA LEU G 20 -4.72 -20.79 2.39
C LEU G 20 -4.36 -19.32 2.30
N SER G 21 -5.03 -18.59 1.39
CA SER G 21 -4.89 -17.11 1.27
C SER G 21 -6.23 -16.46 1.59
N CYS G 22 -6.14 -15.24 2.13
CA CYS G 22 -7.31 -14.45 2.55
C CYS G 22 -7.11 -13.03 2.04
N ALA G 23 -7.78 -12.69 0.97
CA ALA G 23 -7.60 -11.41 0.29
C ALA G 23 -8.68 -10.45 0.77
N ALA G 24 -8.25 -9.30 1.25
CA ALA G 24 -9.10 -8.22 1.78
C ALA G 24 -9.40 -7.23 0.67
N SER G 25 -10.66 -6.87 0.54
CA SER G 25 -11.14 -5.72 -0.22
C SER G 25 -11.93 -4.75 0.69
N GLY G 26 -11.81 -3.47 0.43
CA GLY G 26 -12.65 -2.47 1.11
C GLY G 26 -12.05 -1.98 2.41
N PHE G 27 -10.92 -2.57 2.82
CA PHE G 27 -10.16 -2.16 4.03
C PHE G 27 -8.71 -2.68 3.91
N ASN G 28 -7.81 -2.12 4.72
CA ASN G 28 -6.42 -2.61 4.72
C ASN G 28 -6.20 -3.44 5.98
N VAL G 29 -5.61 -4.64 5.86
CA VAL G 29 -5.33 -5.62 6.96
C VAL G 29 -4.36 -5.02 7.97
N LYS G 30 -3.50 -4.11 7.57
CA LYS G 30 -2.66 -3.39 8.54
C LYS G 30 -3.45 -2.95 9.78
N TYR G 31 -4.70 -2.54 9.70
CA TYR G 31 -5.37 -1.84 10.84
C TYR G 31 -6.32 -2.78 11.58
N TYR G 32 -6.33 -4.04 11.24
CA TYR G 32 -7.30 -5.01 11.81
C TYR G 32 -6.59 -6.31 12.13
N MET G 33 -7.26 -7.13 12.91
CA MET G 33 -6.71 -8.41 13.33
C MET G 33 -7.41 -9.42 12.45
N MET G 34 -6.64 -10.34 11.89
CA MET G 34 -7.17 -11.32 10.91
C MET G 34 -7.25 -12.66 11.63
N HIS G 35 -8.39 -13.33 11.54
CA HIS G 35 -8.66 -14.62 12.24
C HIS G 35 -8.84 -15.73 11.20
N TRP G 36 -8.48 -16.96 11.57
CA TRP G 36 -8.96 -18.18 10.88
C TRP G 36 -9.87 -18.98 11.82
N VAL G 37 -11.04 -19.34 11.29
CA VAL G 37 -12.06 -20.15 12.03
C VAL G 37 -12.48 -21.26 11.07
N ARG G 38 -12.59 -22.49 11.52
CA ARG G 38 -12.91 -23.65 10.64
C ARG G 38 -14.15 -24.36 11.16
N GLN G 39 -14.94 -24.95 10.28
CA GLN G 39 -16.15 -25.74 10.63
C GLN G 39 -16.07 -27.09 9.94
N ALA G 40 -15.79 -28.16 10.67
CA ALA G 40 -15.86 -29.55 10.13
C ALA G 40 -17.26 -29.79 9.61
N PRO G 41 -17.45 -30.65 8.59
CA PRO G 41 -18.73 -30.75 7.88
C PRO G 41 -19.84 -31.19 8.83
N GLY G 42 -20.90 -30.35 8.90
CA GLY G 42 -22.04 -30.43 9.85
C GLY G 42 -21.65 -30.26 11.33
N LYS G 43 -20.55 -29.62 11.64
CA LYS G 43 -20.15 -29.41 13.05
C LYS G 43 -20.20 -27.91 13.36
N GLY G 44 -19.81 -27.53 14.59
CA GLY G 44 -19.73 -26.14 15.05
C GLY G 44 -18.52 -25.37 14.56
N LEU G 45 -18.38 -24.12 14.99
CA LEU G 45 -17.23 -23.26 14.61
C LEU G 45 -16.10 -23.52 15.60
N GLU G 46 -14.88 -23.69 15.11
CA GLU G 46 -13.65 -23.84 15.91
C GLU G 46 -12.66 -22.74 15.51
N TRP G 47 -12.31 -21.87 16.45
CA TRP G 47 -11.27 -20.84 16.25
C TRP G 47 -9.89 -21.51 16.15
N VAL G 48 -9.07 -21.07 15.16
CA VAL G 48 -7.81 -21.76 14.76
C VAL G 48 -6.66 -20.83 15.14
N ALA G 49 -6.69 -19.58 14.70
CA ALA G 49 -5.50 -18.70 14.72
C ALA G 49 -5.88 -17.25 14.47
N ALA G 50 -5.06 -16.30 14.90
CA ALA G 50 -5.23 -14.87 14.59
C ALA G 50 -3.87 -14.16 14.57
N ILE G 51 -3.81 -13.09 13.79
CA ILE G 51 -2.60 -12.24 13.67
C ILE G 51 -3.00 -10.78 13.61
N SER G 52 -2.18 -9.93 14.22
CA SER G 52 -2.15 -8.47 13.95
C SER G 52 -1.08 -8.15 12.91
N PRO G 53 -1.44 -7.90 11.63
CA PRO G 53 -0.45 -7.65 10.57
C PRO G 53 0.52 -6.45 10.72
N GLY G 54 0.15 -5.40 11.44
CA GLY G 54 1.07 -4.28 11.70
C GLY G 54 2.20 -4.68 12.65
N TYR G 55 1.88 -5.49 13.65
CA TYR G 55 2.80 -5.90 14.74
C TYR G 55 3.26 -7.35 14.55
N ASP G 56 2.69 -8.05 13.57
CA ASP G 56 2.95 -9.49 13.34
C ASP G 56 3.03 -10.20 14.70
N TYR G 57 2.10 -9.93 15.64
CA TYR G 57 1.90 -10.78 16.84
C TYR G 57 0.72 -11.76 16.60
N THR G 58 0.90 -13.04 16.96
CA THR G 58 0.08 -14.19 16.51
C THR G 58 -0.49 -14.99 17.67
N TYR G 59 -1.56 -15.70 17.42
CA TYR G 59 -2.26 -16.58 18.41
C TYR G 59 -2.65 -17.86 17.70
N TYR G 60 -2.59 -18.99 18.42
CA TYR G 60 -3.01 -20.30 17.87
C TYR G 60 -3.83 -21.09 18.89
N ALA G 61 -4.76 -21.91 18.42
CA ALA G 61 -5.38 -23.00 19.20
C ALA G 61 -4.30 -24.07 19.45
N ASP G 62 -4.37 -24.73 20.59
CA ASP G 62 -3.39 -25.79 20.95
C ASP G 62 -3.42 -26.88 19.90
N SER G 63 -4.58 -27.11 19.31
CA SER G 63 -4.78 -28.13 18.26
C SER G 63 -3.83 -27.96 17.03
N VAL G 64 -3.41 -26.73 16.68
CA VAL G 64 -2.67 -26.41 15.42
C VAL G 64 -1.29 -25.78 15.71
N LYS G 65 -0.94 -25.58 16.96
CA LYS G 65 0.34 -24.95 17.40
C LYS G 65 1.53 -25.74 16.83
N GLY G 66 2.57 -25.08 16.29
CA GLY G 66 3.69 -25.77 15.61
C GLY G 66 3.41 -26.20 14.15
N ARG G 67 2.25 -26.84 13.92
CA ARG G 67 1.82 -27.34 12.58
C ARG G 67 1.47 -26.18 11.66
N PHE G 68 0.65 -25.26 12.15
CA PHE G 68 0.07 -24.20 11.32
C PHE G 68 0.81 -22.90 11.60
N THR G 69 1.13 -22.14 10.55
CA THR G 69 1.63 -20.74 10.68
C THR G 69 0.65 -19.79 10.02
N ILE G 70 0.16 -18.83 10.81
CA ILE G 70 -0.62 -17.67 10.34
C ILE G 70 0.35 -16.52 10.14
N SER G 71 0.13 -15.73 9.08
CA SER G 71 1.03 -14.66 8.59
C SER G 71 0.20 -13.73 7.72
N ALA G 72 0.79 -12.61 7.34
CA ALA G 72 0.12 -11.48 6.65
C ALA G 72 1.19 -10.68 5.89
N ASP G 73 0.82 -10.18 4.71
CA ASP G 73 1.57 -9.23 3.87
C ASP G 73 0.64 -8.04 3.70
N THR G 74 0.87 -7.03 4.51
CA THR G 74 0.29 -5.68 4.37
C THR G 74 0.45 -5.19 2.93
N SER G 75 1.53 -5.51 2.20
CA SER G 75 1.73 -5.05 0.79
C SER G 75 0.76 -5.72 -0.19
N LYS G 76 0.24 -6.91 0.17
CA LYS G 76 -0.62 -7.72 -0.71
C LYS G 76 -2.04 -7.71 -0.14
N ASN G 77 -2.25 -6.93 0.95
CA ASN G 77 -3.57 -6.82 1.62
C ASN G 77 -4.12 -8.24 1.82
N THR G 78 -3.31 -9.23 2.21
CA THR G 78 -3.67 -10.68 2.23
C THR G 78 -3.12 -11.34 3.51
N ALA G 79 -3.91 -12.17 4.20
CA ALA G 79 -3.46 -13.06 5.30
C ALA G 79 -3.31 -14.48 4.75
N TYR G 80 -2.50 -15.28 5.43
CA TYR G 80 -2.24 -16.68 4.99
C TYR G 80 -2.38 -17.63 6.18
N LEU G 81 -2.70 -18.88 5.88
CA LEU G 81 -2.58 -19.98 6.88
C LEU G 81 -1.86 -21.14 6.21
N GLN G 82 -0.58 -21.26 6.57
CA GLN G 82 0.28 -22.38 6.14
C GLN G 82 -0.11 -23.56 7.02
N MET G 83 -0.82 -24.52 6.43
CA MET G 83 -1.21 -25.74 7.16
C MET G 83 -0.16 -26.83 6.89
N ASN G 84 0.48 -27.39 7.91
CA ASN G 84 1.47 -28.49 7.71
C ASN G 84 0.99 -29.69 8.52
N SER G 85 1.53 -30.88 8.25
CA SER G 85 1.23 -32.10 9.04
C SER G 85 -0.28 -32.26 9.11
N LEU G 86 -0.93 -32.12 7.98
CA LEU G 86 -2.42 -32.12 7.96
C LEU G 86 -2.92 -33.49 8.40
N ARG G 87 -3.98 -33.49 9.24
CA ARG G 87 -4.69 -34.70 9.72
C ARG G 87 -6.12 -34.69 9.20
N ALA G 88 -6.75 -35.87 9.23
CA ALA G 88 -8.19 -36.09 8.99
C ALA G 88 -9.03 -35.03 9.69
N GLU G 89 -8.75 -34.79 10.96
CA GLU G 89 -9.50 -33.83 11.84
C GLU G 89 -9.36 -32.40 11.30
N ASP G 90 -8.43 -32.13 10.36
CA ASP G 90 -8.25 -30.75 9.84
C ASP G 90 -9.25 -30.52 8.71
N THR G 91 -10.00 -31.55 8.32
CA THR G 91 -11.06 -31.45 7.26
C THR G 91 -12.14 -30.45 7.73
N ALA G 92 -12.35 -29.41 6.96
CA ALA G 92 -13.27 -28.35 7.37
C ALA G 92 -13.37 -27.34 6.25
N VAL G 93 -14.44 -26.55 6.28
CA VAL G 93 -14.53 -25.20 5.64
C VAL G 93 -13.70 -24.23 6.50
N TYR G 94 -12.78 -23.49 5.88
CA TYR G 94 -11.82 -22.59 6.55
C TYR G 94 -12.33 -21.21 6.17
N TYR G 95 -12.73 -20.44 7.15
CA TYR G 95 -13.12 -19.04 6.98
C TYR G 95 -12.00 -18.15 7.52
N CYS G 96 -11.74 -17.02 6.88
CA CYS G 96 -11.03 -15.92 7.56
C CYS G 96 -12.02 -14.79 7.88
N SER G 97 -11.69 -13.96 8.87
CA SER G 97 -12.57 -12.86 9.30
C SER G 97 -11.72 -11.72 9.83
N ARG G 98 -12.34 -10.57 9.97
CA ARG G 98 -11.66 -9.34 10.43
C ARG G 98 -12.27 -8.95 11.77
N SER G 99 -11.43 -8.62 12.76
CA SER G 99 -11.76 -7.96 14.06
C SER G 99 -10.96 -6.66 14.21
N TYR G 100 -11.52 -5.62 14.86
CA TYR G 100 -10.82 -4.32 15.16
C TYR G 100 -10.34 -4.24 16.65
N TRP G 101 -10.89 -3.33 17.46
CA TRP G 101 -10.47 -3.13 18.90
C TRP G 101 -10.77 -4.40 19.71
N ARG G 102 -12.00 -4.92 19.53
CA ARG G 102 -12.49 -6.26 19.96
C ARG G 102 -11.74 -7.39 19.23
N TYR G 103 -11.65 -8.58 19.82
CA TYR G 103 -11.26 -9.84 19.13
C TYR G 103 -12.49 -10.48 18.46
N SER G 104 -13.70 -9.91 18.68
CA SER G 104 -14.96 -10.24 17.96
C SER G 104 -14.85 -9.81 16.49
N VAL G 105 -15.27 -10.65 15.57
CA VAL G 105 -15.13 -10.41 14.10
C VAL G 105 -16.49 -10.02 13.51
N ASP G 106 -16.48 -9.01 12.65
CA ASP G 106 -17.68 -8.50 11.92
C ASP G 106 -17.70 -8.94 10.45
N VAL G 107 -16.58 -9.20 9.78
CA VAL G 107 -16.65 -9.61 8.35
C VAL G 107 -16.04 -10.98 8.19
N TRP G 108 -16.76 -11.88 7.54
CA TRP G 108 -16.31 -13.27 7.27
C TRP G 108 -16.22 -13.48 5.77
N GLY G 109 -15.27 -14.32 5.32
CA GLY G 109 -15.25 -14.77 3.91
C GLY G 109 -16.27 -15.87 3.63
N GLN G 110 -16.42 -16.26 2.36
CA GLN G 110 -17.37 -17.35 1.93
C GLN G 110 -16.82 -18.71 2.37
N GLY G 111 -15.51 -18.79 2.64
CA GLY G 111 -14.89 -20.04 3.13
C GLY G 111 -14.35 -20.90 2.00
N THR G 112 -13.37 -21.74 2.33
CA THR G 112 -12.66 -22.61 1.37
C THR G 112 -12.66 -24.00 1.97
N LEU G 113 -13.15 -24.99 1.24
CA LEU G 113 -13.15 -26.36 1.80
C LEU G 113 -11.75 -26.98 1.61
N VAL G 114 -11.26 -27.58 2.69
CA VAL G 114 -10.02 -28.38 2.78
C VAL G 114 -10.44 -29.79 3.22
N THR G 115 -10.04 -30.82 2.46
CA THR G 115 -10.40 -32.25 2.72
C THR G 115 -9.08 -32.99 2.86
N VAL G 116 -8.83 -33.56 4.04
CA VAL G 116 -7.58 -34.28 4.28
C VAL G 116 -7.91 -35.76 4.21
N SER G 117 -7.40 -36.44 3.20
CA SER G 117 -7.70 -37.87 2.91
C SER G 117 -6.68 -38.39 1.92
N SER G 118 -6.29 -39.65 1.99
CA SER G 118 -5.33 -40.26 1.01
C SER G 118 -6.11 -40.80 -0.20
N ALA G 119 -7.45 -40.82 -0.09
CA ALA G 119 -8.31 -41.39 -1.14
C ALA G 119 -8.31 -40.49 -2.35
N SER G 120 -8.31 -41.12 -3.51
CA SER G 120 -8.26 -40.48 -4.83
C SER G 120 -9.59 -39.80 -5.20
N THR G 121 -9.49 -38.70 -5.94
CA THR G 121 -10.60 -38.12 -6.75
C THR G 121 -11.32 -39.19 -7.57
N LYS G 122 -12.64 -39.18 -7.58
CA LYS G 122 -13.46 -40.11 -8.37
C LYS G 122 -14.73 -39.36 -8.79
N GLY G 123 -15.02 -39.37 -10.11
CA GLY G 123 -16.18 -38.73 -10.74
C GLY G 123 -17.43 -39.54 -10.44
N PRO G 124 -18.63 -38.92 -10.37
CA PRO G 124 -19.84 -39.72 -10.12
C PRO G 124 -20.35 -40.43 -11.39
N SER G 125 -20.82 -41.66 -11.20
CA SER G 125 -21.79 -42.32 -12.11
C SER G 125 -23.17 -41.72 -11.78
N VAL G 126 -23.96 -41.36 -12.77
CA VAL G 126 -25.32 -40.80 -12.52
C VAL G 126 -26.37 -41.77 -13.08
N PHE G 127 -27.41 -42.09 -12.30
CA PHE G 127 -28.49 -43.03 -12.69
C PHE G 127 -29.84 -42.34 -12.60
N PRO G 128 -30.79 -42.58 -13.55
CA PRO G 128 -32.12 -41.98 -13.47
C PRO G 128 -32.90 -42.58 -12.29
N LEU G 129 -33.79 -41.78 -11.72
CA LEU G 129 -34.88 -42.23 -10.82
C LEU G 129 -36.15 -41.92 -11.60
N ALA G 130 -36.61 -42.95 -12.34
CA ALA G 130 -37.71 -42.92 -13.31
C ALA G 130 -39.04 -42.80 -12.57
N PRO G 131 -39.85 -41.75 -12.89
CA PRO G 131 -41.11 -41.51 -12.16
C PRO G 131 -42.01 -42.75 -12.05
N GLY G 138 -53.17 -37.76 -12.95
CA GLY G 138 -54.01 -36.66 -12.42
C GLY G 138 -53.33 -35.82 -11.34
N GLY G 139 -52.47 -36.41 -10.50
CA GLY G 139 -51.83 -35.73 -9.34
C GLY G 139 -50.42 -35.28 -9.69
N THR G 140 -49.54 -35.16 -8.69
CA THR G 140 -48.11 -34.91 -8.96
C THR G 140 -47.31 -36.23 -8.93
N ALA G 141 -46.38 -36.40 -9.88
CA ALA G 141 -45.37 -37.49 -9.95
C ALA G 141 -44.04 -37.01 -9.35
N ALA G 142 -43.10 -37.92 -9.13
CA ALA G 142 -41.77 -37.67 -8.54
C ALA G 142 -40.72 -38.32 -9.45
N LEU G 143 -39.61 -37.64 -9.68
CA LEU G 143 -38.51 -38.12 -10.56
C LEU G 143 -37.20 -37.56 -10.02
N GLY G 144 -36.11 -38.26 -10.26
CA GLY G 144 -34.83 -37.69 -9.84
C GLY G 144 -33.68 -38.28 -10.60
N CYS G 145 -32.49 -38.00 -10.10
CA CYS G 145 -31.29 -38.80 -10.45
C CYS G 145 -30.41 -39.02 -9.21
N LEU G 146 -29.76 -40.18 -9.25
CA LEU G 146 -28.89 -40.77 -8.21
C LEU G 146 -27.48 -40.44 -8.62
N VAL G 147 -26.79 -39.71 -7.77
CA VAL G 147 -25.41 -39.29 -8.04
C VAL G 147 -24.52 -40.14 -7.14
N LYS G 148 -23.85 -41.13 -7.71
CA LYS G 148 -23.31 -42.28 -6.94
C LYS G 148 -21.80 -42.39 -7.13
N ASP G 149 -21.08 -42.60 -6.02
CA ASP G 149 -19.71 -43.16 -5.95
C ASP G 149 -18.74 -42.07 -6.46
N TYR G 150 -18.75 -40.91 -5.79
CA TYR G 150 -17.81 -39.77 -6.01
C TYR G 150 -17.05 -39.44 -4.73
N PHE G 151 -15.85 -38.90 -4.88
CA PHE G 151 -15.02 -38.34 -3.81
C PHE G 151 -14.11 -37.31 -4.45
N PRO G 152 -13.77 -36.17 -3.82
CA PRO G 152 -14.36 -35.72 -2.57
C PRO G 152 -15.67 -34.97 -2.80
N GLU G 153 -16.24 -34.44 -1.72
CA GLU G 153 -17.28 -33.38 -1.80
C GLU G 153 -16.64 -32.12 -2.41
N PRO G 154 -17.41 -31.20 -3.01
CA PRO G 154 -18.85 -31.34 -3.23
C PRO G 154 -19.22 -31.65 -4.68
N VAL G 155 -20.49 -32.00 -4.89
CA VAL G 155 -21.15 -32.04 -6.21
C VAL G 155 -22.31 -31.04 -6.16
N THR G 156 -22.63 -30.41 -7.30
CA THR G 156 -23.91 -29.64 -7.51
C THR G 156 -24.84 -30.33 -8.51
N VAL G 157 -26.13 -30.20 -8.25
CA VAL G 157 -27.22 -30.74 -9.12
C VAL G 157 -28.15 -29.58 -9.44
N SER G 158 -28.43 -29.43 -10.71
CA SER G 158 -29.49 -28.52 -11.22
C SER G 158 -30.42 -29.36 -12.10
N TRP G 159 -31.62 -28.83 -12.37
CA TRP G 159 -32.58 -29.49 -13.30
C TRP G 159 -32.82 -28.63 -14.54
N ASN G 160 -32.64 -29.23 -15.73
CA ASN G 160 -32.97 -28.58 -17.02
C ASN G 160 -32.16 -27.28 -17.18
N SER G 161 -30.88 -27.30 -16.80
CA SER G 161 -29.91 -26.16 -16.81
C SER G 161 -30.38 -24.96 -15.95
N GLY G 162 -31.06 -25.25 -14.84
CA GLY G 162 -31.57 -24.25 -13.87
C GLY G 162 -33.03 -23.93 -14.11
N ALA G 163 -33.65 -24.51 -15.13
CA ALA G 163 -35.02 -24.16 -15.60
C ALA G 163 -36.11 -24.56 -14.61
N LEU G 164 -35.88 -25.47 -13.65
CA LEU G 164 -36.84 -25.66 -12.54
C LEU G 164 -36.11 -25.80 -11.20
N THR G 165 -36.67 -25.10 -10.21
CA THR G 165 -36.16 -24.96 -8.83
C THR G 165 -37.29 -25.28 -7.82
N SER G 166 -38.54 -24.92 -8.15
CA SER G 166 -39.78 -25.34 -7.45
C SER G 166 -39.79 -26.87 -7.37
N GLY G 167 -39.99 -27.38 -6.15
CA GLY G 167 -40.20 -28.81 -5.89
C GLY G 167 -38.95 -29.67 -6.01
N VAL G 168 -37.76 -29.04 -6.09
CA VAL G 168 -36.44 -29.73 -6.16
C VAL G 168 -35.94 -29.92 -4.73
N HIS G 169 -35.46 -31.12 -4.45
CA HIS G 169 -34.84 -31.50 -3.18
C HIS G 169 -33.57 -32.25 -3.53
N THR G 170 -32.41 -31.62 -3.33
CA THR G 170 -31.05 -32.21 -3.40
C THR G 170 -30.64 -32.58 -1.97
N PHE G 171 -30.52 -33.89 -1.69
CA PHE G 171 -30.25 -34.45 -0.34
C PHE G 171 -28.79 -34.22 0.00
N PRO G 172 -28.48 -34.00 1.28
CA PRO G 172 -27.08 -33.99 1.72
C PRO G 172 -26.42 -35.31 1.31
N ALA G 173 -25.15 -35.23 0.90
CA ALA G 173 -24.33 -36.39 0.57
C ALA G 173 -24.26 -37.30 1.79
N VAL G 174 -24.30 -38.60 1.56
CA VAL G 174 -23.96 -39.59 2.61
C VAL G 174 -22.74 -40.37 2.13
N LEU G 175 -21.85 -40.67 3.07
CA LEU G 175 -20.60 -41.42 2.89
C LEU G 175 -20.90 -42.92 3.03
N GLN G 176 -20.67 -43.68 1.97
CA GLN G 176 -20.83 -45.15 1.93
C GLN G 176 -19.67 -45.81 2.66
N SER G 177 -19.85 -47.06 3.10
CA SER G 177 -18.78 -47.92 3.70
C SER G 177 -17.60 -48.06 2.74
N SER G 178 -17.83 -47.91 1.42
CA SER G 178 -16.80 -47.92 0.33
C SER G 178 -15.87 -46.68 0.36
N GLY G 179 -16.08 -45.70 1.24
CA GLY G 179 -15.28 -44.45 1.30
C GLY G 179 -15.71 -43.36 0.31
N LEU G 180 -16.72 -43.67 -0.51
CA LEU G 180 -17.23 -42.76 -1.57
C LEU G 180 -18.63 -42.22 -1.21
N TYR G 181 -18.91 -41.00 -1.65
CA TYR G 181 -20.17 -40.28 -1.37
C TYR G 181 -21.23 -40.67 -2.39
N SER G 182 -22.49 -40.54 -1.98
CA SER G 182 -23.68 -40.67 -2.85
C SER G 182 -24.69 -39.60 -2.44
N LEU G 183 -25.43 -39.10 -3.43
CA LEU G 183 -26.64 -38.34 -3.09
C LEU G 183 -27.71 -38.53 -4.15
N SER G 184 -28.94 -38.21 -3.79
CA SER G 184 -30.06 -38.16 -4.74
C SER G 184 -30.53 -36.71 -4.82
N SER G 185 -30.74 -36.24 -6.05
CA SER G 185 -31.63 -35.09 -6.31
C SER G 185 -32.96 -35.63 -6.84
N VAL G 186 -34.04 -35.01 -6.38
CA VAL G 186 -35.43 -35.46 -6.65
C VAL G 186 -36.28 -34.23 -6.88
N VAL G 187 -37.33 -34.35 -7.70
CA VAL G 187 -38.26 -33.22 -8.01
C VAL G 187 -39.70 -33.77 -8.18
N THR G 188 -40.70 -33.13 -7.59
CA THR G 188 -42.11 -33.54 -7.76
C THR G 188 -42.70 -32.57 -8.78
N VAL G 189 -43.37 -33.11 -9.81
CA VAL G 189 -43.96 -32.36 -10.97
C VAL G 189 -45.40 -32.79 -11.15
N PRO G 190 -46.28 -31.96 -11.73
CA PRO G 190 -47.58 -32.47 -12.21
C PRO G 190 -47.36 -33.62 -13.23
N SER G 191 -48.02 -34.75 -13.03
CA SER G 191 -48.02 -35.90 -13.97
C SER G 191 -48.72 -35.52 -15.30
N SER G 192 -49.66 -34.56 -15.26
CA SER G 192 -50.32 -33.94 -16.45
C SER G 192 -49.27 -33.24 -17.34
N SER G 193 -48.14 -32.81 -16.76
CA SER G 193 -47.04 -32.10 -17.46
C SER G 193 -45.87 -33.05 -17.78
N LEU G 194 -46.10 -34.36 -17.75
CA LEU G 194 -45.01 -35.37 -17.95
C LEU G 194 -44.47 -35.33 -19.39
N GLY G 195 -45.31 -35.05 -20.39
CA GLY G 195 -44.93 -35.13 -21.82
C GLY G 195 -44.57 -33.76 -22.39
N THR G 196 -45.31 -32.71 -21.99
CA THR G 196 -45.10 -31.31 -22.45
C THR G 196 -43.73 -30.78 -22.00
N GLN G 197 -43.16 -31.32 -20.90
CA GLN G 197 -41.81 -31.05 -20.34
C GLN G 197 -40.87 -32.25 -20.52
N THR G 198 -39.56 -31.99 -20.55
CA THR G 198 -38.47 -33.02 -20.64
C THR G 198 -37.50 -32.79 -19.46
N TYR G 199 -36.89 -33.87 -18.91
CA TYR G 199 -36.24 -33.85 -17.56
C TYR G 199 -34.83 -34.43 -17.63
N ILE G 200 -33.87 -33.50 -17.48
CA ILE G 200 -32.39 -33.70 -17.50
C ILE G 200 -31.78 -33.08 -16.24
N CYS G 201 -31.12 -33.90 -15.43
CA CYS G 201 -30.34 -33.39 -14.29
C CYS G 201 -28.91 -33.11 -14.76
N ASN G 202 -28.39 -31.93 -14.41
CA ASN G 202 -26.99 -31.47 -14.68
C ASN G 202 -26.13 -31.62 -13.41
N VAL G 203 -25.18 -32.56 -13.48
CA VAL G 203 -24.28 -32.95 -12.37
C VAL G 203 -22.87 -32.38 -12.64
N ASN G 204 -22.36 -31.58 -11.71
CA ASN G 204 -21.02 -30.97 -11.81
C ASN G 204 -20.22 -31.48 -10.60
N HIS G 205 -19.16 -32.22 -10.87
CA HIS G 205 -18.19 -32.60 -9.82
C HIS G 205 -16.85 -31.95 -10.16
N LYS G 206 -16.68 -30.69 -9.77
CA LYS G 206 -15.47 -29.88 -10.09
C LYS G 206 -14.22 -30.64 -9.66
N PRO G 207 -14.15 -31.25 -8.45
CA PRO G 207 -12.96 -31.99 -8.04
C PRO G 207 -12.39 -33.03 -9.01
N SER G 208 -13.24 -33.77 -9.72
CA SER G 208 -12.83 -34.75 -10.77
C SER G 208 -13.02 -34.17 -12.19
N ASN G 209 -13.42 -32.91 -12.35
CA ASN G 209 -13.69 -32.30 -13.70
C ASN G 209 -14.71 -33.15 -14.43
N THR G 210 -15.71 -33.65 -13.71
CA THR G 210 -16.79 -34.53 -14.22
C THR G 210 -18.08 -33.72 -14.28
N LYS G 211 -18.56 -33.51 -15.50
CA LYS G 211 -19.78 -32.73 -15.78
C LYS G 211 -20.70 -33.64 -16.59
N VAL G 212 -21.83 -34.05 -16.01
CA VAL G 212 -22.76 -35.06 -16.61
C VAL G 212 -24.16 -34.47 -16.70
N ASP G 213 -24.78 -34.55 -17.89
CA ASP G 213 -26.23 -34.29 -18.12
C ASP G 213 -26.87 -35.67 -18.27
N LYS G 214 -27.87 -36.00 -17.45
CA LYS G 214 -28.57 -37.29 -17.61
C LYS G 214 -30.08 -37.06 -17.70
N LYS G 215 -30.67 -37.72 -18.68
CA LYS G 215 -32.11 -37.58 -19.03
C LYS G 215 -32.91 -38.66 -18.29
N VAL G 216 -34.01 -38.27 -17.67
CA VAL G 216 -34.88 -39.24 -16.95
C VAL G 216 -36.24 -39.23 -17.64
N GLU G 217 -36.86 -40.40 -17.73
CA GLU G 217 -38.11 -40.63 -18.52
C GLU G 217 -38.78 -41.93 -18.06
N PRO G 218 -40.05 -42.21 -18.43
CA PRO G 218 -40.76 -43.35 -17.87
C PRO G 218 -40.13 -44.73 -18.20
N ASP H 1 -7.97 -23.68 28.85
CA ASP H 1 -8.75 -22.79 27.95
C ASP H 1 -10.07 -22.36 28.63
N ILE H 2 -10.81 -21.45 27.99
CA ILE H 2 -12.13 -20.94 28.49
C ILE H 2 -13.22 -21.64 27.69
N GLN H 3 -14.02 -22.50 28.32
CA GLN H 3 -15.16 -23.17 27.66
C GLN H 3 -16.33 -22.20 27.71
N MET H 4 -17.12 -22.27 26.65
CA MET H 4 -18.39 -21.53 26.46
C MET H 4 -19.45 -22.62 26.33
N THR H 5 -20.20 -22.81 27.39
CA THR H 5 -21.22 -23.89 27.46
C THR H 5 -22.55 -23.28 27.00
N GLN H 6 -23.05 -23.71 25.85
CA GLN H 6 -24.27 -23.14 25.23
C GLN H 6 -25.45 -24.11 25.42
N SER H 7 -26.66 -23.55 25.57
CA SER H 7 -27.97 -24.21 25.85
C SER H 7 -29.10 -23.34 25.29
N PRO H 8 -30.19 -23.96 24.78
CA PRO H 8 -30.24 -25.38 24.45
C PRO H 8 -29.39 -25.65 23.21
N SER H 9 -29.29 -26.90 22.77
CA SER H 9 -28.54 -27.25 21.53
C SER H 9 -29.50 -27.13 20.32
N SER H 10 -30.80 -27.18 20.57
CA SER H 10 -31.78 -26.75 19.54
C SER H 10 -33.09 -26.34 20.18
N LEU H 11 -33.95 -25.73 19.39
CA LEU H 11 -35.33 -25.41 19.78
C LEU H 11 -36.15 -25.11 18.53
N SER H 12 -37.44 -25.28 18.73
CA SER H 12 -38.49 -25.22 17.71
C SER H 12 -39.47 -24.14 18.20
N ALA H 13 -39.81 -23.17 17.36
CA ALA H 13 -40.58 -21.99 17.79
C ALA H 13 -41.42 -21.47 16.64
N SER H 14 -42.46 -20.68 16.93
CA SER H 14 -43.35 -20.06 15.90
C SER H 14 -42.93 -18.61 15.70
N VAL H 15 -43.19 -18.08 14.52
CA VAL H 15 -43.08 -16.62 14.24
C VAL H 15 -43.86 -15.88 15.33
N GLY H 16 -43.18 -14.93 15.99
CA GLY H 16 -43.73 -14.09 17.05
C GLY H 16 -43.19 -14.46 18.40
N ASP H 17 -42.62 -15.66 18.54
CA ASP H 17 -42.15 -16.25 19.82
C ASP H 17 -40.88 -15.53 20.29
N ARG H 18 -40.84 -15.27 21.60
CA ARG H 18 -39.66 -14.88 22.40
C ARG H 18 -38.87 -16.16 22.65
N VAL H 19 -37.60 -16.18 22.27
CA VAL H 19 -36.64 -17.28 22.61
C VAL H 19 -35.39 -16.67 23.22
N THR H 20 -34.78 -17.45 24.12
CA THR H 20 -33.52 -17.09 24.81
C THR H 20 -32.53 -18.26 24.70
N ILE H 21 -31.31 -17.89 24.34
CA ILE H 21 -30.12 -18.80 24.20
C ILE H 21 -29.08 -18.33 25.22
N THR H 22 -28.48 -19.26 25.98
CA THR H 22 -27.55 -18.92 27.08
C THR H 22 -26.18 -19.57 26.83
N CYS H 23 -25.13 -18.82 27.19
CA CYS H 23 -23.72 -19.26 27.22
C CYS H 23 -23.10 -18.99 28.57
N ARG H 24 -22.58 -20.03 29.20
CA ARG H 24 -21.80 -19.86 30.45
C ARG H 24 -20.32 -20.01 30.10
N ALA H 25 -19.53 -19.00 30.45
CA ALA H 25 -18.06 -19.03 30.40
C ALA H 25 -17.58 -19.79 31.64
N SER H 26 -16.60 -20.68 31.49
CA SER H 26 -16.01 -21.51 32.56
C SER H 26 -15.33 -20.59 33.56
N GLN H 27 -14.90 -19.38 33.15
CA GLN H 27 -14.23 -18.39 34.04
C GLN H 27 -14.59 -16.96 33.60
N ASP H 28 -14.23 -15.95 34.42
CA ASP H 28 -14.62 -14.53 34.20
C ASP H 28 -13.96 -14.05 32.90
N VAL H 29 -14.76 -13.33 32.13
CA VAL H 29 -14.51 -12.94 30.72
C VAL H 29 -14.92 -11.47 30.54
N ASN H 30 -15.30 -10.80 31.61
CA ASN H 30 -15.84 -9.42 31.54
C ASN H 30 -17.07 -9.46 30.60
N THR H 31 -17.16 -8.52 29.68
CA THR H 31 -18.27 -8.47 28.71
C THR H 31 -17.73 -8.84 27.33
N ALA H 32 -16.58 -9.51 27.28
CA ALA H 32 -15.90 -9.82 26.00
C ALA H 32 -16.53 -11.09 25.45
N VAL H 33 -17.75 -10.96 24.90
CA VAL H 33 -18.55 -12.09 24.32
C VAL H 33 -19.29 -11.56 23.10
N ALA H 34 -19.43 -12.40 22.09
CA ALA H 34 -20.18 -12.01 20.89
C ALA H 34 -21.19 -13.12 20.56
N TRP H 35 -22.09 -12.81 19.63
CA TRP H 35 -23.14 -13.71 19.13
C TRP H 35 -23.22 -13.58 17.61
N TYR H 36 -23.23 -14.75 16.96
CA TYR H 36 -23.17 -14.92 15.50
C TYR H 36 -24.36 -15.77 15.08
N GLN H 37 -24.87 -15.52 13.88
CA GLN H 37 -26.03 -16.21 13.31
C GLN H 37 -25.49 -16.97 12.09
N GLN H 38 -25.84 -18.21 11.87
CA GLN H 38 -25.33 -18.91 10.67
C GLN H 38 -26.49 -19.65 10.02
N LYS H 39 -26.73 -19.31 8.75
CA LYS H 39 -27.62 -20.07 7.85
C LYS H 39 -26.84 -21.18 7.14
N PRO H 40 -27.53 -22.26 6.73
CA PRO H 40 -26.86 -23.33 5.99
C PRO H 40 -26.11 -22.82 4.75
N GLY H 41 -24.88 -23.31 4.58
CA GLY H 41 -24.04 -23.06 3.40
C GLY H 41 -23.50 -21.64 3.33
N LYS H 42 -23.83 -20.78 4.30
CA LYS H 42 -23.39 -19.36 4.39
C LYS H 42 -22.36 -19.17 5.51
N ALA H 43 -21.71 -18.03 5.52
CA ALA H 43 -20.78 -17.66 6.60
C ALA H 43 -21.56 -17.09 7.78
N PRO H 44 -21.00 -17.16 9.01
CA PRO H 44 -21.66 -16.52 10.13
C PRO H 44 -21.72 -15.00 9.94
N LYS H 45 -22.66 -14.39 10.67
CA LYS H 45 -22.85 -12.92 10.70
C LYS H 45 -22.88 -12.51 12.17
N LEU H 46 -22.17 -11.43 12.49
CA LEU H 46 -22.17 -10.84 13.85
C LEU H 46 -23.54 -10.23 14.13
N LEU H 47 -24.08 -10.51 15.31
CA LEU H 47 -25.38 -9.94 15.75
C LEU H 47 -25.15 -8.96 16.88
N ILE H 48 -24.36 -9.39 17.86
CA ILE H 48 -24.14 -8.67 19.15
C ILE H 48 -22.67 -8.82 19.48
N TYR H 49 -22.05 -7.72 19.86
CA TYR H 49 -20.65 -7.69 20.33
C TYR H 49 -20.64 -7.13 21.75
N SER H 50 -19.52 -7.37 22.44
CA SER H 50 -19.27 -6.92 23.82
C SER H 50 -20.49 -7.23 24.71
N ALA H 51 -21.08 -8.43 24.56
CA ALA H 51 -22.22 -8.99 25.33
C ALA H 51 -23.61 -8.37 24.98
N SER H 52 -23.71 -7.07 24.75
CA SER H 52 -25.03 -6.38 24.75
C SER H 52 -25.19 -5.28 23.69
N PHE H 53 -24.30 -5.15 22.71
CA PHE H 53 -24.39 -4.09 21.69
C PHE H 53 -24.78 -4.73 20.36
N LEU H 54 -25.79 -4.18 19.68
CA LEU H 54 -26.23 -4.64 18.34
C LEU H 54 -25.28 -4.12 17.28
N TYR H 55 -24.87 -5.01 16.39
CA TYR H 55 -24.12 -4.65 15.16
C TYR H 55 -25.05 -3.91 14.21
N SER H 56 -24.46 -3.07 13.36
CA SER H 56 -25.16 -2.21 12.38
C SER H 56 -26.08 -3.06 11.50
N GLY H 57 -27.35 -2.69 11.40
CA GLY H 57 -28.33 -3.37 10.55
C GLY H 57 -29.04 -4.48 11.29
N VAL H 58 -28.67 -4.78 12.52
CA VAL H 58 -29.30 -5.92 13.27
C VAL H 58 -30.66 -5.47 13.78
N PRO H 59 -31.74 -6.23 13.54
CA PRO H 59 -33.07 -5.83 14.01
C PRO H 59 -33.21 -5.71 15.54
N SER H 60 -34.00 -4.72 15.99
CA SER H 60 -34.31 -4.37 17.41
C SER H 60 -34.81 -5.59 18.23
N ARG H 61 -35.33 -6.63 17.59
CA ARG H 61 -35.93 -7.84 18.22
C ARG H 61 -34.84 -8.61 18.96
N PHE H 62 -33.58 -8.30 18.67
CA PHE H 62 -32.40 -9.01 19.21
C PHE H 62 -31.79 -8.17 20.34
N SER H 63 -31.46 -8.79 21.46
CA SER H 63 -30.71 -8.14 22.58
C SER H 63 -29.77 -9.16 23.20
N GLY H 64 -28.76 -8.68 23.90
CA GLY H 64 -27.79 -9.53 24.61
C GLY H 64 -27.64 -9.11 26.05
N SER H 65 -27.41 -10.04 26.95
CA SER H 65 -27.38 -9.72 28.40
C SER H 65 -26.26 -10.48 29.07
N ARG H 66 -25.73 -9.92 30.17
CA ARG H 66 -24.67 -10.54 30.98
C ARG H 66 -25.06 -10.56 32.47
N SER H 67 -24.98 -11.73 33.11
CA SER H 67 -24.96 -11.93 34.58
C SER H 67 -23.72 -12.76 34.96
N GLY H 68 -22.68 -12.12 35.52
CA GLY H 68 -21.36 -12.75 35.79
C GLY H 68 -20.81 -13.48 34.56
N THR H 69 -20.69 -14.80 34.61
CA THR H 69 -20.14 -15.64 33.52
C THR H 69 -21.30 -16.16 32.64
N ASP H 70 -22.55 -15.80 32.96
CA ASP H 70 -23.72 -16.20 32.13
C ASP H 70 -24.04 -15.08 31.13
N PHE H 71 -24.28 -15.46 29.91
CA PHE H 71 -24.62 -14.52 28.82
C PHE H 71 -25.89 -15.03 28.18
N THR H 72 -26.75 -14.11 27.77
CA THR H 72 -28.04 -14.47 27.11
C THR H 72 -28.16 -13.74 25.79
N LEU H 73 -28.59 -14.42 24.74
CA LEU H 73 -29.18 -13.75 23.56
C LEU H 73 -30.71 -13.96 23.58
N THR H 74 -31.47 -12.88 23.40
CA THR H 74 -32.96 -12.91 23.39
C THR H 74 -33.46 -12.48 22.02
N ILE H 75 -34.40 -13.24 21.44
CA ILE H 75 -35.10 -12.84 20.19
C ILE H 75 -36.53 -12.64 20.60
N SER H 76 -36.98 -11.39 20.65
CA SER H 76 -38.30 -10.99 21.17
C SER H 76 -39.45 -11.37 20.25
N SER H 77 -39.23 -11.39 18.94
CA SER H 77 -40.28 -11.80 17.98
C SER H 77 -39.57 -12.50 16.82
N LEU H 78 -39.64 -13.82 16.83
CA LEU H 78 -38.87 -14.73 15.94
C LEU H 78 -38.60 -14.24 14.50
N GLN H 79 -39.59 -14.22 13.60
CA GLN H 79 -39.47 -13.84 12.15
C GLN H 79 -38.84 -14.92 11.28
N PRO H 80 -39.27 -15.10 10.02
CA PRO H 80 -38.74 -16.11 9.14
C PRO H 80 -37.22 -16.09 8.87
N GLU H 81 -36.64 -14.90 8.73
CA GLU H 81 -35.19 -14.77 8.38
C GLU H 81 -34.31 -15.11 9.60
N ASP H 82 -34.86 -15.44 10.79
CA ASP H 82 -34.08 -15.62 12.06
C ASP H 82 -33.90 -17.10 12.44
N PHE H 83 -34.61 -17.99 11.75
CA PHE H 83 -34.42 -19.44 11.87
C PHE H 83 -33.09 -19.76 11.17
N ALA H 84 -32.18 -20.31 11.96
CA ALA H 84 -30.74 -20.44 11.70
C ALA H 84 -30.08 -21.12 12.90
N THR H 85 -28.75 -21.23 12.88
CA THR H 85 -27.94 -21.63 14.05
C THR H 85 -27.24 -20.40 14.66
N TYR H 86 -27.21 -20.37 16.00
CA TYR H 86 -26.63 -19.23 16.75
C TYR H 86 -25.49 -19.75 17.61
N TYR H 87 -24.38 -19.02 17.58
CA TYR H 87 -23.12 -19.38 18.29
C TYR H 87 -22.64 -18.20 19.13
N CYS H 88 -22.31 -18.46 20.40
CA CYS H 88 -21.60 -17.50 21.24
C CYS H 88 -20.10 -17.76 21.08
N GLN H 89 -19.33 -16.69 21.25
CA GLN H 89 -17.87 -16.73 21.23
C GLN H 89 -17.38 -15.87 22.37
N GLN H 90 -16.34 -16.42 23.01
CA GLN H 90 -15.49 -15.74 24.03
C GLN H 90 -14.35 -15.03 23.30
N VAL H 91 -14.21 -13.73 23.52
CA VAL H 91 -13.24 -12.85 22.79
C VAL H 91 -12.44 -12.08 23.83
N TYR H 92 -12.26 -12.67 24.99
CA TYR H 92 -11.49 -12.14 26.14
C TYR H 92 -10.00 -12.52 26.03
N SER H 93 -9.72 -13.79 25.83
CA SER H 93 -8.33 -14.31 25.77
C SER H 93 -8.27 -15.59 24.93
N SER H 94 -7.13 -15.76 24.24
CA SER H 94 -6.86 -16.85 23.26
C SER H 94 -6.77 -18.18 24.01
N PRO H 95 -7.36 -19.29 23.49
CA PRO H 95 -8.15 -19.29 22.26
C PRO H 95 -9.56 -18.67 22.37
N PHE H 96 -9.96 -17.98 21.32
CA PHE H 96 -11.26 -17.24 21.28
C PHE H 96 -12.37 -18.26 21.00
N THR H 97 -12.74 -19.01 22.05
CA THR H 97 -13.58 -20.24 22.00
C THR H 97 -15.07 -19.92 21.78
N PHE H 98 -15.68 -20.66 20.85
CA PHE H 98 -17.10 -20.67 20.47
C PHE H 98 -17.88 -21.71 21.28
N GLY H 99 -19.15 -21.41 21.58
CA GLY H 99 -20.14 -22.35 22.09
C GLY H 99 -20.55 -23.35 21.01
N GLN H 100 -21.19 -24.45 21.46
CA GLN H 100 -21.51 -25.67 20.66
C GLN H 100 -22.61 -25.27 19.65
N GLY H 101 -23.34 -24.17 19.89
CA GLY H 101 -24.33 -23.68 18.91
C GLY H 101 -25.73 -24.07 19.29
N THR H 102 -26.72 -23.28 18.90
CA THR H 102 -28.16 -23.56 19.11
C THR H 102 -28.85 -23.45 17.76
N LYS H 103 -29.47 -24.55 17.33
CA LYS H 103 -30.20 -24.62 16.04
C LYS H 103 -31.67 -24.27 16.29
N VAL H 104 -32.15 -23.17 15.71
CA VAL H 104 -33.53 -22.65 15.88
C VAL H 104 -34.31 -22.96 14.61
N GLU H 105 -35.35 -23.78 14.76
CA GLU H 105 -36.20 -24.29 13.67
C GLU H 105 -37.66 -23.86 13.87
N ILE H 106 -38.46 -23.89 12.80
CA ILE H 106 -39.82 -23.28 12.80
C ILE H 106 -40.85 -24.38 13.03
N LYS H 107 -41.74 -24.16 14.00
CA LYS H 107 -42.81 -25.09 14.40
C LYS H 107 -43.96 -24.95 13.42
N ARG H 108 -44.56 -26.06 13.02
CA ARG H 108 -45.74 -26.04 12.12
C ARG H 108 -46.60 -27.29 12.42
N THR H 109 -47.72 -27.39 11.73
CA THR H 109 -48.65 -28.53 11.88
C THR H 109 -47.98 -29.78 11.30
N VAL H 110 -48.37 -30.92 11.84
CA VAL H 110 -47.98 -32.23 11.29
C VAL H 110 -48.38 -32.27 9.81
N ALA H 111 -47.50 -32.78 8.94
CA ALA H 111 -47.71 -33.04 7.49
C ALA H 111 -47.16 -34.43 7.19
N ALA H 112 -47.97 -35.30 6.62
CA ALA H 112 -47.60 -36.70 6.37
C ALA H 112 -46.71 -36.73 5.13
N PRO H 113 -45.67 -37.60 5.06
CA PRO H 113 -44.85 -37.71 3.87
C PRO H 113 -45.57 -38.31 2.68
N SER H 114 -45.39 -37.71 1.49
CA SER H 114 -45.74 -38.32 0.20
C SER H 114 -44.65 -39.34 -0.10
N VAL H 115 -45.02 -40.61 -0.22
CA VAL H 115 -44.00 -41.69 -0.27
C VAL H 115 -43.92 -42.22 -1.71
N PHE H 116 -42.68 -42.37 -2.21
CA PHE H 116 -42.40 -42.79 -3.59
C PHE H 116 -41.26 -43.79 -3.58
N ILE H 117 -41.32 -44.83 -4.39
CA ILE H 117 -40.24 -45.84 -4.50
C ILE H 117 -39.74 -45.88 -5.94
N PHE H 118 -38.45 -46.07 -6.10
CA PHE H 118 -37.76 -45.98 -7.41
C PHE H 118 -36.89 -47.20 -7.55
N PRO H 119 -37.21 -48.07 -8.52
CA PRO H 119 -36.38 -49.25 -8.76
C PRO H 119 -35.00 -48.86 -9.27
N PRO H 120 -34.03 -49.76 -9.12
CA PRO H 120 -32.72 -49.64 -9.75
C PRO H 120 -32.79 -49.43 -11.26
N SER H 121 -31.89 -48.59 -11.74
CA SER H 121 -31.77 -48.21 -13.16
C SER H 121 -31.30 -49.42 -13.98
N ASP H 122 -31.94 -49.61 -15.14
CA ASP H 122 -31.46 -50.39 -16.32
C ASP H 122 -29.93 -50.23 -16.41
N GLU H 123 -29.46 -48.98 -16.55
CA GLU H 123 -28.02 -48.62 -16.69
C GLU H 123 -27.23 -49.11 -15.46
N GLN H 124 -27.70 -48.81 -14.25
CA GLN H 124 -26.96 -49.18 -13.01
C GLN H 124 -26.75 -50.70 -12.93
N LEU H 125 -27.75 -51.49 -13.36
CA LEU H 125 -27.77 -52.95 -13.09
C LEU H 125 -26.62 -53.68 -13.81
N LYS H 126 -26.01 -53.11 -14.88
CA LYS H 126 -24.79 -53.68 -15.53
C LYS H 126 -23.56 -53.63 -14.58
N SER H 127 -23.46 -52.63 -13.69
CA SER H 127 -22.27 -52.29 -12.83
C SER H 127 -21.92 -53.35 -11.77
N GLY H 128 -22.82 -54.28 -11.45
CA GLY H 128 -22.64 -55.25 -10.35
C GLY H 128 -23.32 -54.81 -9.05
N THR H 129 -23.90 -53.60 -9.01
CA THR H 129 -24.56 -53.06 -7.79
C THR H 129 -25.90 -52.45 -8.19
N ALA H 130 -26.86 -52.48 -7.25
CA ALA H 130 -28.26 -52.01 -7.42
C ALA H 130 -28.66 -51.07 -6.27
N SER H 131 -29.32 -49.96 -6.62
CA SER H 131 -29.79 -48.94 -5.64
C SER H 131 -31.30 -48.78 -5.80
N VAL H 132 -32.01 -49.06 -4.70
CA VAL H 132 -33.45 -48.77 -4.55
C VAL H 132 -33.55 -47.50 -3.72
N VAL H 133 -34.30 -46.51 -4.20
CA VAL H 133 -34.52 -45.25 -3.46
C VAL H 133 -35.99 -45.21 -3.04
N CYS H 134 -36.20 -44.99 -1.75
CA CYS H 134 -37.48 -44.58 -1.13
C CYS H 134 -37.38 -43.10 -0.77
N LEU H 135 -38.30 -42.29 -1.29
CA LEU H 135 -38.39 -40.84 -1.00
C LEU H 135 -39.59 -40.60 -0.06
N LEU H 136 -39.37 -39.86 1.04
CA LEU H 136 -40.42 -39.32 1.95
C LEU H 136 -40.44 -37.81 1.75
N ASN H 137 -41.43 -37.28 1.06
CA ASN H 137 -41.41 -35.91 0.49
C ASN H 137 -42.32 -35.03 1.34
N ASN H 138 -41.82 -33.86 1.77
CA ASN H 138 -42.59 -32.75 2.41
C ASN H 138 -43.44 -33.28 3.56
N PHE H 139 -42.80 -33.54 4.69
CA PHE H 139 -43.43 -33.94 5.97
C PHE H 139 -42.87 -33.13 7.14
N TYR H 140 -43.62 -33.14 8.25
CA TYR H 140 -43.24 -32.54 9.55
C TYR H 140 -43.97 -33.28 10.64
N PRO H 141 -43.36 -33.57 11.81
CA PRO H 141 -41.98 -33.21 12.14
C PRO H 141 -40.87 -34.11 11.54
N ARG H 142 -39.62 -33.87 11.95
CA ARG H 142 -38.38 -34.37 11.30
C ARG H 142 -38.36 -35.89 11.46
N GLU H 143 -38.97 -36.39 12.54
CA GLU H 143 -38.83 -37.81 12.93
C GLU H 143 -39.74 -38.69 12.05
N ALA H 144 -39.16 -39.78 11.53
CA ALA H 144 -39.82 -40.77 10.67
C ALA H 144 -39.12 -42.12 10.87
N LYS H 145 -39.80 -43.20 10.58
CA LYS H 145 -39.21 -44.56 10.55
C LYS H 145 -39.46 -45.13 9.16
N VAL H 146 -38.38 -45.50 8.46
CA VAL H 146 -38.35 -46.19 7.15
C VAL H 146 -37.78 -47.60 7.38
N GLN H 147 -38.57 -48.62 7.03
CA GLN H 147 -38.26 -50.06 7.17
C GLN H 147 -38.18 -50.59 5.74
N TRP H 148 -37.10 -51.29 5.38
CA TRP H 148 -37.00 -52.00 4.09
C TRP H 148 -37.37 -53.49 4.25
N LYS H 149 -38.32 -53.95 3.43
CA LYS H 149 -38.74 -55.37 3.34
C LYS H 149 -38.66 -55.80 1.89
N VAL H 150 -37.98 -56.92 1.65
CA VAL H 150 -37.85 -57.54 0.30
C VAL H 150 -38.31 -59.00 0.45
N ASP H 151 -39.35 -59.37 -0.29
CA ASP H 151 -40.08 -60.66 -0.11
C ASP H 151 -40.45 -60.77 1.38
N ASN H 152 -40.81 -59.63 1.99
CA ASN H 152 -41.29 -59.44 3.40
C ASN H 152 -40.18 -59.69 4.42
N ALA H 153 -38.92 -59.88 3.99
CA ALA H 153 -37.73 -60.02 4.87
C ALA H 153 -37.17 -58.63 5.29
N LEU H 154 -37.09 -58.40 6.60
CA LEU H 154 -36.65 -57.13 7.23
C LEU H 154 -35.17 -56.94 6.92
N GLN H 155 -34.86 -55.88 6.18
CA GLN H 155 -33.47 -55.53 5.79
C GLN H 155 -32.87 -54.71 6.94
N SER H 156 -31.61 -54.94 7.23
CA SER H 156 -30.90 -54.17 8.27
C SER H 156 -29.41 -54.17 7.95
N GLY H 157 -28.76 -53.02 8.07
CA GLY H 157 -27.30 -52.85 7.87
C GLY H 157 -26.93 -52.69 6.41
N ASN H 158 -27.93 -52.41 5.56
CA ASN H 158 -27.76 -52.34 4.08
C ASN H 158 -28.40 -51.07 3.48
N SER H 159 -28.77 -50.10 4.30
CA SER H 159 -29.42 -48.87 3.78
C SER H 159 -28.87 -47.66 4.51
N GLN H 160 -29.02 -46.50 3.90
CA GLN H 160 -28.58 -45.21 4.48
C GLN H 160 -29.69 -44.20 4.26
N GLU H 161 -29.81 -43.23 5.14
CA GLU H 161 -30.78 -42.15 4.87
C GLU H 161 -30.10 -40.80 4.97
N SER H 162 -30.74 -39.83 4.31
CA SER H 162 -30.34 -38.41 4.24
C SER H 162 -31.60 -37.55 4.37
N VAL H 163 -31.51 -36.38 5.06
CA VAL H 163 -32.64 -35.46 5.39
C VAL H 163 -32.29 -34.04 4.94
N THR H 164 -33.20 -33.34 4.27
CA THR H 164 -33.00 -31.91 3.98
C THR H 164 -33.19 -31.10 5.25
N GLU H 165 -32.69 -29.86 5.23
CA GLU H 165 -33.01 -28.78 6.20
C GLU H 165 -34.44 -28.31 5.91
N GLN H 166 -35.17 -27.74 6.85
CA GLN H 166 -36.60 -27.52 6.53
C GLN H 166 -36.65 -26.49 5.43
N ASP H 167 -37.65 -26.65 4.57
CA ASP H 167 -37.90 -25.82 3.39
C ASP H 167 -38.28 -24.40 3.85
N SER H 168 -37.78 -23.40 3.12
CA SER H 168 -38.00 -21.96 3.37
C SER H 168 -39.47 -21.59 3.17
N LYS H 169 -40.18 -22.19 2.20
CA LYS H 169 -41.60 -21.82 1.92
C LYS H 169 -42.55 -22.52 2.92
N ASP H 170 -42.50 -23.87 3.00
CA ASP H 170 -43.55 -24.69 3.65
C ASP H 170 -43.10 -25.35 4.96
N SER H 171 -41.81 -25.31 5.32
CA SER H 171 -41.23 -25.65 6.66
C SER H 171 -41.29 -27.16 6.91
N THR H 172 -41.51 -27.94 5.85
CA THR H 172 -41.41 -29.41 5.86
C THR H 172 -39.97 -29.87 5.69
N TYR H 173 -39.74 -31.16 5.96
CA TYR H 173 -38.48 -31.89 5.71
C TYR H 173 -38.75 -32.93 4.63
N SER H 174 -37.75 -33.22 3.81
CA SER H 174 -37.79 -34.41 2.94
C SER H 174 -36.68 -35.36 3.34
N LEU H 175 -36.82 -36.64 2.96
CA LEU H 175 -35.89 -37.73 3.35
C LEU H 175 -35.75 -38.77 2.23
N SER H 176 -34.56 -39.30 2.05
CA SER H 176 -34.25 -40.42 1.13
C SER H 176 -33.63 -41.50 1.97
N SER H 177 -34.10 -42.73 1.83
CA SER H 177 -33.45 -43.98 2.29
C SER H 177 -33.08 -44.74 1.02
N THR H 178 -31.87 -45.30 0.96
CA THR H 178 -31.34 -45.98 -0.25
C THR H 178 -30.88 -47.39 0.15
N LEU H 179 -31.51 -48.39 -0.45
CA LEU H 179 -31.17 -49.80 -0.20
C LEU H 179 -30.08 -50.15 -1.22
N THR H 180 -28.94 -50.65 -0.78
CA THR H 180 -27.84 -51.06 -1.65
C THR H 180 -27.71 -52.57 -1.58
N LEU H 181 -27.81 -53.21 -2.74
CA LEU H 181 -27.79 -54.67 -2.93
C LEU H 181 -26.84 -54.99 -4.08
N SER H 182 -26.26 -56.18 -4.09
CA SER H 182 -25.50 -56.72 -5.25
C SER H 182 -26.45 -57.01 -6.41
N LYS H 183 -25.92 -56.96 -7.63
CA LYS H 183 -26.60 -57.37 -8.89
C LYS H 183 -27.29 -58.71 -8.67
N ALA H 184 -26.58 -59.68 -8.07
CA ALA H 184 -27.10 -61.05 -7.78
C ALA H 184 -28.30 -60.98 -6.82
N ASP H 185 -27.99 -60.45 -5.63
CA ASP H 185 -28.92 -60.36 -4.47
C ASP H 185 -30.19 -59.67 -4.92
N TYR H 186 -30.09 -58.75 -5.86
CA TYR H 186 -31.34 -58.08 -6.30
C TYR H 186 -32.09 -59.05 -7.21
N GLU H 187 -31.35 -59.90 -7.92
CA GLU H 187 -31.92 -60.85 -8.91
C GLU H 187 -32.60 -62.01 -8.18
N LYS H 188 -32.07 -62.43 -7.04
CA LYS H 188 -32.66 -63.54 -6.26
C LYS H 188 -34.07 -63.19 -5.79
N HIS H 189 -34.21 -62.05 -5.11
CA HIS H 189 -35.51 -61.61 -4.55
C HIS H 189 -36.34 -60.91 -5.63
N LYS H 190 -37.64 -60.72 -5.41
CA LYS H 190 -38.44 -60.14 -6.52
C LYS H 190 -39.42 -59.09 -6.01
N VAL H 191 -39.58 -58.93 -4.70
CA VAL H 191 -40.51 -57.90 -4.17
C VAL H 191 -39.74 -56.88 -3.31
N TYR H 192 -39.86 -55.59 -3.63
CA TYR H 192 -39.09 -54.55 -2.89
C TYR H 192 -40.04 -53.51 -2.31
N ALA H 193 -40.05 -53.35 -1.00
CA ALA H 193 -41.00 -52.37 -0.40
C ALA H 193 -40.34 -51.53 0.69
N CYS H 194 -40.76 -50.28 0.79
CA CYS H 194 -40.33 -49.41 1.92
C CYS H 194 -41.59 -49.04 2.71
N GLU H 195 -41.48 -49.16 4.02
CA GLU H 195 -42.65 -49.02 4.92
C GLU H 195 -42.39 -47.84 5.84
N VAL H 196 -43.21 -46.80 5.71
CA VAL H 196 -42.98 -45.48 6.37
C VAL H 196 -43.93 -45.31 7.56
N THR H 197 -43.36 -45.01 8.73
CA THR H 197 -44.08 -44.59 9.95
C THR H 197 -43.69 -43.15 10.26
N HIS H 198 -44.63 -42.42 10.82
CA HIS H 198 -44.59 -40.94 11.00
C HIS H 198 -45.86 -40.49 11.68
N GLN H 199 -45.78 -39.47 12.55
CA GLN H 199 -46.95 -38.93 13.32
C GLN H 199 -48.15 -38.75 12.39
N GLY H 200 -47.92 -38.21 11.18
CA GLY H 200 -48.95 -37.84 10.21
C GLY H 200 -49.74 -39.00 9.61
N LEU H 201 -49.28 -40.24 9.78
CA LEU H 201 -49.95 -41.41 9.17
C LEU H 201 -50.69 -42.19 10.27
N SER H 202 -51.98 -42.45 10.06
CA SER H 202 -52.82 -43.15 11.06
C SER H 202 -52.25 -44.57 11.21
N SER H 203 -51.93 -45.20 10.09
CA SER H 203 -51.21 -46.49 10.02
C SER H 203 -50.05 -46.40 9.00
N PRO H 204 -49.06 -47.32 9.05
CA PRO H 204 -47.94 -47.33 8.11
C PRO H 204 -48.30 -47.46 6.62
N VAL H 205 -47.78 -46.51 5.83
CA VAL H 205 -47.84 -46.46 4.34
C VAL H 205 -46.70 -47.29 3.75
N THR H 206 -47.07 -48.18 2.83
CA THR H 206 -46.09 -49.06 2.13
C THR H 206 -46.14 -48.70 0.65
N LYS H 207 -45.00 -48.46 0.02
CA LYS H 207 -44.93 -48.46 -1.46
C LYS H 207 -44.06 -49.66 -1.86
N SER H 208 -44.36 -50.25 -3.00
CA SER H 208 -43.54 -51.42 -3.40
C SER H 208 -43.51 -51.59 -4.91
N PHE H 209 -42.62 -52.45 -5.32
CA PHE H 209 -42.50 -52.80 -6.75
C PHE H 209 -41.86 -54.18 -6.83
N ASN H 210 -42.16 -54.82 -7.93
CA ASN H 210 -41.64 -56.13 -8.39
C ASN H 210 -41.13 -55.85 -9.80
N ARG H 211 -39.96 -56.36 -10.15
CA ARG H 211 -39.30 -56.19 -11.48
C ARG H 211 -40.31 -56.16 -12.63
#